data_4IQC
# 
_entry.id   4IQC 
# 
_audit_conform.dict_name       mmcif_pdbx.dic 
_audit_conform.dict_version    5.379 
_audit_conform.dict_location   http://mmcif.pdb.org/dictionaries/ascii/mmcif_pdbx.dic 
# 
loop_
_database_2.database_id 
_database_2.database_code 
_database_2.pdbx_database_accession 
_database_2.pdbx_DOI 
PDB   4IQC         pdb_00004iqc 10.2210/pdb4iqc/pdb 
RCSB  RCSB077075   ?            ?                   
WWPDB D_1000077075 ?            ?                   
# 
_pdbx_database_related.db_name        PDB 
_pdbx_database_related.db_id          4IQ2 
_pdbx_database_related.details        . 
_pdbx_database_related.content_type   unspecified 
# 
_pdbx_database_status.status_code                     REL 
_pdbx_database_status.entry_id                        4IQC 
_pdbx_database_status.recvd_initial_deposition_date   2013-01-11 
_pdbx_database_status.deposit_site                    RCSB 
_pdbx_database_status.process_site                    RCSB 
_pdbx_database_status.status_code_sf                  REL 
_pdbx_database_status.status_code_mr                  ? 
_pdbx_database_status.SG_entry                        ? 
_pdbx_database_status.status_code_cs                  ? 
_pdbx_database_status.methods_development_category    ? 
_pdbx_database_status.pdb_format_compatible           Y 
_pdbx_database_status.status_code_nmr_data            ? 
# 
loop_
_audit_author.name 
_audit_author.pdbx_ordinal 
'Chen, H.'       1 
'Mustafi, S.M.'  2 
'Li, H.M.'       3 
'LeMaster, D.M.' 4 
'Hernandez, G.'  5 
# 
_citation.id                        primary 
_citation.title                     
'Crystal structure and conformational flexibility of the unligated FK506-binding protein FKBP12.6.' 
_citation.journal_abbrev            'Acta Crystallogr.,Sect.D' 
_citation.journal_volume            70 
_citation.page_first                636 
_citation.page_last                 646 
_citation.year                      2014 
_citation.journal_id_ASTM           ABCRE6 
_citation.country                   DK 
_citation.journal_id_ISSN           0907-4449 
_citation.journal_id_CSD            0766 
_citation.book_publisher            ? 
_citation.pdbx_database_id_PubMed   24598733 
_citation.pdbx_database_id_DOI      10.1107/S1399004713032112 
# 
loop_
_citation_author.citation_id 
_citation_author.name 
_citation_author.ordinal 
_citation_author.identifier_ORCID 
primary 'Chen, H.'       1 ? 
primary 'Mustafi, S.M.'  2 ? 
primary 'LeMaster, D.M.' 3 ? 
primary 'Li, Z.'         4 ? 
primary 'Heroux, A.'     5 ? 
primary 'Li, H.'         6 ? 
primary 'Hernandez, G.'  7 ? 
# 
_cell.entry_id           4IQC 
_cell.length_a           52.816 
_cell.length_b           52.816 
_cell.length_c           152.949 
_cell.angle_alpha        90.00 
_cell.angle_beta         90.00 
_cell.angle_gamma        120.00 
_cell.Z_PDB              12 
_cell.pdbx_unique_axis   ? 
_cell.length_a_esd       ? 
_cell.length_b_esd       ? 
_cell.length_c_esd       ? 
_cell.angle_alpha_esd    ? 
_cell.angle_beta_esd     ? 
_cell.angle_gamma_esd    ? 
# 
_symmetry.entry_id                         4IQC 
_symmetry.space_group_name_H-M             'P 31 2 1' 
_symmetry.pdbx_full_space_group_name_H-M   ? 
_symmetry.cell_setting                     ? 
_symmetry.Int_Tables_number                152 
_symmetry.space_group_name_Hall            ? 
# 
loop_
_entity.id 
_entity.type 
_entity.src_method 
_entity.pdbx_description 
_entity.formula_weight 
_entity.pdbx_number_of_molecules 
_entity.pdbx_ec 
_entity.pdbx_mutation 
_entity.pdbx_fragment 
_entity.details 
1 polymer man 'Peptidyl-prolyl cis-trans isomerase FKBP1B' 11673.307 2   5.2.1.8 'C22V, C76I' ? ? 
2 water   nat water                                        18.015    111 ?       ?            ? ? 
# 
_entity_name_com.entity_id   1 
_entity_name_com.name        
;PPIase FKBP1B, 12.6 kDa FK506-binding protein, 12.6 kDa FKBP, FKBP-12.6, FK506-binding protein 1B, FKBP-1B, Immunophilin FKBP12.6, Rotamase, h-FKBP-12
;
# 
_entity_poly.entity_id                      1 
_entity_poly.type                           'polypeptide(L)' 
_entity_poly.nstd_linkage                   no 
_entity_poly.nstd_monomer                   no 
_entity_poly.pdbx_seq_one_letter_code       
;GVEIETISPGDGRTFPKKGQTVVVHYTGMLQNGKKFDSSRDRNKPFKFRIGKQEVIKGFEEGAAQMSLGQRAKLTITPDV
AYGATGHPGVIPPNATLIFDVELLNLE
;
_entity_poly.pdbx_seq_one_letter_code_can   
;GVEIETISPGDGRTFPKKGQTVVVHYTGMLQNGKKFDSSRDRNKPFKFRIGKQEVIKGFEEGAAQMSLGQRAKLTITPDV
AYGATGHPGVIPPNATLIFDVELLNLE
;
_entity_poly.pdbx_strand_id                 A,B 
_entity_poly.pdbx_target_identifier         ? 
# 
loop_
_entity_poly_seq.entity_id 
_entity_poly_seq.num 
_entity_poly_seq.mon_id 
_entity_poly_seq.hetero 
1 1   GLY n 
1 2   VAL n 
1 3   GLU n 
1 4   ILE n 
1 5   GLU n 
1 6   THR n 
1 7   ILE n 
1 8   SER n 
1 9   PRO n 
1 10  GLY n 
1 11  ASP n 
1 12  GLY n 
1 13  ARG n 
1 14  THR n 
1 15  PHE n 
1 16  PRO n 
1 17  LYS n 
1 18  LYS n 
1 19  GLY n 
1 20  GLN n 
1 21  THR n 
1 22  VAL n 
1 23  VAL n 
1 24  VAL n 
1 25  HIS n 
1 26  TYR n 
1 27  THR n 
1 28  GLY n 
1 29  MET n 
1 30  LEU n 
1 31  GLN n 
1 32  ASN n 
1 33  GLY n 
1 34  LYS n 
1 35  LYS n 
1 36  PHE n 
1 37  ASP n 
1 38  SER n 
1 39  SER n 
1 40  ARG n 
1 41  ASP n 
1 42  ARG n 
1 43  ASN n 
1 44  LYS n 
1 45  PRO n 
1 46  PHE n 
1 47  LYS n 
1 48  PHE n 
1 49  ARG n 
1 50  ILE n 
1 51  GLY n 
1 52  LYS n 
1 53  GLN n 
1 54  GLU n 
1 55  VAL n 
1 56  ILE n 
1 57  LYS n 
1 58  GLY n 
1 59  PHE n 
1 60  GLU n 
1 61  GLU n 
1 62  GLY n 
1 63  ALA n 
1 64  ALA n 
1 65  GLN n 
1 66  MET n 
1 67  SER n 
1 68  LEU n 
1 69  GLY n 
1 70  GLN n 
1 71  ARG n 
1 72  ALA n 
1 73  LYS n 
1 74  LEU n 
1 75  THR n 
1 76  ILE n 
1 77  THR n 
1 78  PRO n 
1 79  ASP n 
1 80  VAL n 
1 81  ALA n 
1 82  TYR n 
1 83  GLY n 
1 84  ALA n 
1 85  THR n 
1 86  GLY n 
1 87  HIS n 
1 88  PRO n 
1 89  GLY n 
1 90  VAL n 
1 91  ILE n 
1 92  PRO n 
1 93  PRO n 
1 94  ASN n 
1 95  ALA n 
1 96  THR n 
1 97  LEU n 
1 98  ILE n 
1 99  PHE n 
1 100 ASP n 
1 101 VAL n 
1 102 GLU n 
1 103 LEU n 
1 104 LEU n 
1 105 ASN n 
1 106 LEU n 
1 107 GLU n 
# 
_entity_src_gen.entity_id                          1 
_entity_src_gen.pdbx_src_id                        1 
_entity_src_gen.pdbx_alt_source_flag               sample 
_entity_src_gen.pdbx_seq_type                      ? 
_entity_src_gen.pdbx_beg_seq_num                   ? 
_entity_src_gen.pdbx_end_seq_num                   ? 
_entity_src_gen.gene_src_common_name               human 
_entity_src_gen.gene_src_genus                     ? 
_entity_src_gen.pdbx_gene_src_gene                 'FKBP1B, FKBP12.6, FKBP1L, FKBP9, OTK4' 
_entity_src_gen.gene_src_species                   ? 
_entity_src_gen.gene_src_strain                    ? 
_entity_src_gen.gene_src_tissue                    ? 
_entity_src_gen.gene_src_tissue_fraction           ? 
_entity_src_gen.gene_src_details                   ? 
_entity_src_gen.pdbx_gene_src_fragment             ? 
_entity_src_gen.pdbx_gene_src_scientific_name      'Homo sapiens' 
_entity_src_gen.pdbx_gene_src_ncbi_taxonomy_id     9606 
_entity_src_gen.pdbx_gene_src_variant              ? 
_entity_src_gen.pdbx_gene_src_cell_line            ? 
_entity_src_gen.pdbx_gene_src_atcc                 ? 
_entity_src_gen.pdbx_gene_src_organ                ? 
_entity_src_gen.pdbx_gene_src_organelle            ? 
_entity_src_gen.pdbx_gene_src_cell                 ? 
_entity_src_gen.pdbx_gene_src_cellular_location    ? 
_entity_src_gen.host_org_common_name               ? 
_entity_src_gen.pdbx_host_org_scientific_name      'Escherichia coli' 
_entity_src_gen.pdbx_host_org_ncbi_taxonomy_id     562 
_entity_src_gen.host_org_genus                     ? 
_entity_src_gen.pdbx_host_org_gene                 ? 
_entity_src_gen.pdbx_host_org_organ                ? 
_entity_src_gen.host_org_species                   ? 
_entity_src_gen.pdbx_host_org_tissue               ? 
_entity_src_gen.pdbx_host_org_tissue_fraction      ? 
_entity_src_gen.pdbx_host_org_strain               ? 
_entity_src_gen.pdbx_host_org_variant              ? 
_entity_src_gen.pdbx_host_org_cell_line            ? 
_entity_src_gen.pdbx_host_org_atcc                 ? 
_entity_src_gen.pdbx_host_org_culture_collection   ? 
_entity_src_gen.pdbx_host_org_cell                 ? 
_entity_src_gen.pdbx_host_org_organelle            ? 
_entity_src_gen.pdbx_host_org_cellular_location    ? 
_entity_src_gen.pdbx_host_org_vector_type          ? 
_entity_src_gen.pdbx_host_org_vector               ? 
_entity_src_gen.host_org_details                   ? 
_entity_src_gen.expression_system_id               ? 
_entity_src_gen.plasmid_name                       ? 
_entity_src_gen.plasmid_details                    ? 
_entity_src_gen.pdbx_description                   ? 
# 
_struct_ref.id                         1 
_struct_ref.db_name                    UNP 
_struct_ref.db_code                    FKB1B_HUMAN 
_struct_ref.pdbx_db_accession          P68106 
_struct_ref.entity_id                  1 
_struct_ref.pdbx_seq_one_letter_code   
;GVEIETISPGDGRTFPKKGQTCVVHYTGMLQNGKKFDSSRDRNKPFKFRIGKQEVIKGFEEGAAQMSLGQRAKLTCTPDV
AYGATGHPGVIPPNATLIFDVELLNLE
;
_struct_ref.pdbx_align_begin           2 
_struct_ref.pdbx_db_isoform            ? 
# 
loop_
_struct_ref_seq.align_id 
_struct_ref_seq.ref_id 
_struct_ref_seq.pdbx_PDB_id_code 
_struct_ref_seq.pdbx_strand_id 
_struct_ref_seq.seq_align_beg 
_struct_ref_seq.pdbx_seq_align_beg_ins_code 
_struct_ref_seq.seq_align_end 
_struct_ref_seq.pdbx_seq_align_end_ins_code 
_struct_ref_seq.pdbx_db_accession 
_struct_ref_seq.db_align_beg 
_struct_ref_seq.pdbx_db_align_beg_ins_code 
_struct_ref_seq.db_align_end 
_struct_ref_seq.pdbx_db_align_end_ins_code 
_struct_ref_seq.pdbx_auth_seq_align_beg 
_struct_ref_seq.pdbx_auth_seq_align_end 
1 1 4IQC A 1 ? 107 ? P68106 2 ? 108 ? 1 107 
2 1 4IQC B 1 ? 107 ? P68106 2 ? 108 ? 1 107 
# 
loop_
_struct_ref_seq_dif.align_id 
_struct_ref_seq_dif.pdbx_pdb_id_code 
_struct_ref_seq_dif.mon_id 
_struct_ref_seq_dif.pdbx_pdb_strand_id 
_struct_ref_seq_dif.seq_num 
_struct_ref_seq_dif.pdbx_pdb_ins_code 
_struct_ref_seq_dif.pdbx_seq_db_name 
_struct_ref_seq_dif.pdbx_seq_db_accession_code 
_struct_ref_seq_dif.db_mon_id 
_struct_ref_seq_dif.pdbx_seq_db_seq_num 
_struct_ref_seq_dif.details 
_struct_ref_seq_dif.pdbx_auth_seq_num 
_struct_ref_seq_dif.pdbx_ordinal 
1 4IQC VAL A 22 ? UNP P68106 CYS 23 'engineered mutation' 22 1 
1 4IQC ILE A 76 ? UNP P68106 CYS 77 'engineered mutation' 76 2 
2 4IQC VAL B 22 ? UNP P68106 CYS 23 'engineered mutation' 22 3 
2 4IQC ILE B 76 ? UNP P68106 CYS 77 'engineered mutation' 76 4 
# 
loop_
_chem_comp.id 
_chem_comp.type 
_chem_comp.mon_nstd_flag 
_chem_comp.name 
_chem_comp.pdbx_synonyms 
_chem_comp.formula 
_chem_comp.formula_weight 
ALA 'L-peptide linking' y ALANINE         ? 'C3 H7 N O2'     89.093  
ARG 'L-peptide linking' y ARGININE        ? 'C6 H15 N4 O2 1' 175.209 
ASN 'L-peptide linking' y ASPARAGINE      ? 'C4 H8 N2 O3'    132.118 
ASP 'L-peptide linking' y 'ASPARTIC ACID' ? 'C4 H7 N O4'     133.103 
CYS 'L-peptide linking' y CYSTEINE        ? 'C3 H7 N O2 S'   121.158 
GLN 'L-peptide linking' y GLUTAMINE       ? 'C5 H10 N2 O3'   146.144 
GLU 'L-peptide linking' y 'GLUTAMIC ACID' ? 'C5 H9 N O4'     147.129 
GLY 'peptide linking'   y GLYCINE         ? 'C2 H5 N O2'     75.067  
HIS 'L-peptide linking' y HISTIDINE       ? 'C6 H10 N3 O2 1' 156.162 
HOH non-polymer         . WATER           ? 'H2 O'           18.015  
ILE 'L-peptide linking' y ISOLEUCINE      ? 'C6 H13 N O2'    131.173 
LEU 'L-peptide linking' y LEUCINE         ? 'C6 H13 N O2'    131.173 
LYS 'L-peptide linking' y LYSINE          ? 'C6 H15 N2 O2 1' 147.195 
MET 'L-peptide linking' y METHIONINE      ? 'C5 H11 N O2 S'  149.211 
PHE 'L-peptide linking' y PHENYLALANINE   ? 'C9 H11 N O2'    165.189 
PRO 'L-peptide linking' y PROLINE         ? 'C5 H9 N O2'     115.130 
SER 'L-peptide linking' y SERINE          ? 'C3 H7 N O3'     105.093 
THR 'L-peptide linking' y THREONINE       ? 'C4 H9 N O3'     119.119 
TYR 'L-peptide linking' y TYROSINE        ? 'C9 H11 N O3'    181.189 
VAL 'L-peptide linking' y VALINE          ? 'C5 H11 N O2'    117.146 
# 
_exptl.entry_id          4IQC 
_exptl.method            'X-RAY DIFFRACTION' 
_exptl.crystals_number   1 
# 
_exptl_crystal.id                    1 
_exptl_crystal.density_meas          ? 
_exptl_crystal.density_Matthews      2.64 
_exptl_crystal.density_percent_sol   53.37 
_exptl_crystal.description           ? 
_exptl_crystal.F_000                 ? 
_exptl_crystal.preparation           ? 
# 
_exptl_crystal_grow.crystal_id      1 
_exptl_crystal_grow.method          'VAPOR DIFFUSION, HANGING DROP' 
_exptl_crystal_grow.temp            298 
_exptl_crystal_grow.temp_details    ? 
_exptl_crystal_grow.pH              7.5 
_exptl_crystal_grow.pdbx_details    
'62% ammonium sulfate, 0.1 M HEPES, pH 7.5, 4% isopropanol, VAPOR DIFFUSION, HANGING DROP, temperature 298K' 
_exptl_crystal_grow.pdbx_pH_range   ? 
# 
_diffrn.id                     1 
_diffrn.ambient_temp           100 
_diffrn.ambient_temp_details   ? 
_diffrn.crystal_id             1 
# 
_diffrn_detector.diffrn_id              1 
_diffrn_detector.detector               PIXEL 
_diffrn_detector.type                   'PSI PILATUS 6M' 
_diffrn_detector.pdbx_collection_date   2012-07-10 
_diffrn_detector.details                ? 
# 
_diffrn_radiation.diffrn_id                        1 
_diffrn_radiation.wavelength_id                    1 
_diffrn_radiation.pdbx_monochromatic_or_laue_m_l   M 
_diffrn_radiation.monochromator                    'Si(111)' 
_diffrn_radiation.pdbx_diffrn_protocol             'SINGLE WAVELENGTH' 
_diffrn_radiation.pdbx_scattering_type             x-ray 
# 
_diffrn_radiation_wavelength.id           1 
_diffrn_radiation_wavelength.wavelength   1.1 
_diffrn_radiation_wavelength.wt           1.0 
# 
_diffrn_source.diffrn_id                   1 
_diffrn_source.source                      SYNCHROTRON 
_diffrn_source.type                        'NSLS BEAMLINE X25' 
_diffrn_source.pdbx_synchrotron_site       NSLS 
_diffrn_source.pdbx_synchrotron_beamline   X25 
_diffrn_source.pdbx_wavelength             ? 
_diffrn_source.pdbx_wavelength_list        1.1 
# 
_reflns.entry_id                     4IQC 
_reflns.observed_criterion_sigma_I   1.0 
_reflns.observed_criterion_sigma_F   1.0 
_reflns.d_resolution_low             100 
_reflns.d_resolution_high            1.9 
_reflns.number_obs                   20094 
_reflns.number_all                   20207 
_reflns.percent_possible_obs         99.3 
_reflns.pdbx_Rmerge_I_obs            0.094 
_reflns.pdbx_Rsym_value              0.094 
_reflns.pdbx_netI_over_sigmaI        22.5 
_reflns.B_iso_Wilson_estimate        ? 
_reflns.pdbx_redundancy              8.8 
_reflns.R_free_details               ? 
_reflns.limit_h_max                  ? 
_reflns.limit_h_min                  ? 
_reflns.limit_k_max                  ? 
_reflns.limit_k_min                  ? 
_reflns.limit_l_max                  ? 
_reflns.limit_l_min                  ? 
_reflns.observed_criterion_F_max     ? 
_reflns.observed_criterion_F_min     ? 
_reflns.pdbx_chi_squared             ? 
_reflns.pdbx_scaling_rejects         ? 
_reflns.pdbx_ordinal                 1 
_reflns.pdbx_diffrn_id               1 
# 
_reflns_shell.d_res_high             1.9 
_reflns_shell.d_res_low              1.93 
_reflns_shell.percent_possible_all   93.5 
_reflns_shell.Rmerge_I_obs           0.894 
_reflns_shell.pdbx_Rsym_value        0.894 
_reflns_shell.meanI_over_sigI_obs    0.9 
_reflns_shell.pdbx_redundancy        4.2 
_reflns_shell.percent_possible_obs   ? 
_reflns_shell.number_unique_all      1759 
_reflns_shell.number_measured_all    ? 
_reflns_shell.number_measured_obs    ? 
_reflns_shell.number_unique_obs      ? 
_reflns_shell.pdbx_chi_squared       ? 
_reflns_shell.pdbx_ordinal           1 
_reflns_shell.pdbx_diffrn_id         1 
# 
_refine.entry_id                                 4IQC 
_refine.ls_number_reflns_obs                     20089 
_refine.ls_number_reflns_all                     20089 
_refine.pdbx_ls_sigma_I                          ? 
_refine.pdbx_ls_sigma_F                          1.36 
_refine.pdbx_data_cutoff_high_absF               ? 
_refine.pdbx_data_cutoff_low_absF                ? 
_refine.pdbx_data_cutoff_high_rms_absF           ? 
_refine.ls_d_res_low                             45.740 
_refine.ls_d_res_high                            1.903 
_refine.ls_percent_reflns_obs                    99.42 
_refine.ls_R_factor_obs                          0.1967 
_refine.ls_R_factor_all                          ? 
_refine.ls_R_factor_R_work                       0.1954 
_refine.ls_R_factor_R_free                       0.2216 
_refine.ls_R_factor_R_free_error                 ? 
_refine.ls_R_factor_R_free_error_details         ? 
_refine.ls_percent_reflns_R_free                 5.02 
_refine.ls_number_reflns_R_free                  1009 
_refine.ls_number_parameters                     ? 
_refine.ls_number_restraints                     ? 
_refine.occupancy_min                            ? 
_refine.occupancy_max                            ? 
_refine.correlation_coeff_Fo_to_Fc               ? 
_refine.correlation_coeff_Fo_to_Fc_free          ? 
_refine.B_iso_mean                               ? 
_refine.aniso_B[1][1]                            2.5237 
_refine.aniso_B[2][2]                            2.5237 
_refine.aniso_B[3][3]                            -5.0474 
_refine.aniso_B[1][2]                            -0.0000 
_refine.aniso_B[1][3]                            -0.0000 
_refine.aniso_B[2][3]                            0.0000 
_refine.solvent_model_details                    'FLAT BULK SOLVENT MODEL' 
_refine.solvent_model_param_ksol                 0.401 
_refine.solvent_model_param_bsol                 46.999 
_refine.pdbx_solvent_vdw_probe_radii             0.90 
_refine.pdbx_solvent_ion_probe_radii             ? 
_refine.pdbx_solvent_shrinkage_radii             0.60 
_refine.pdbx_ls_cross_valid_method               ? 
_refine.details                                  ? 
_refine.pdbx_starting_model                      'PDB ENTRY 1C9H' 
_refine.pdbx_method_to_determine_struct          'MOLECULAR REPLACEMENT' 
_refine.pdbx_isotropic_thermal_model             ? 
_refine.pdbx_stereochemistry_target_values       ML 
_refine.pdbx_stereochem_target_val_spec_case     ? 
_refine.pdbx_R_Free_selection_details            RANDOM 
_refine.pdbx_overall_ESU_R                       ? 
_refine.pdbx_overall_ESU_R_Free                  ? 
_refine.overall_SU_ML                            0.22 
_refine.pdbx_overall_phase_error                 21.46 
_refine.overall_SU_B                             ? 
_refine.overall_SU_R_Cruickshank_DPI             ? 
_refine.ls_redundancy_reflns_obs                 ? 
_refine.B_iso_min                                ? 
_refine.B_iso_max                                ? 
_refine.overall_SU_R_free                        ? 
_refine.ls_wR_factor_R_free                      ? 
_refine.ls_wR_factor_R_work                      ? 
_refine.overall_FOM_free_R_set                   ? 
_refine.overall_FOM_work_R_set                   ? 
_refine.pdbx_diffrn_id                           1 
_refine.pdbx_refine_id                           'X-RAY DIFFRACTION' 
_refine.pdbx_TLS_residual_ADP_flag               ? 
_refine.pdbx_overall_SU_R_free_Cruickshank_DPI   ? 
_refine.pdbx_overall_SU_R_Blow_DPI               ? 
_refine.pdbx_overall_SU_R_free_Blow_DPI          ? 
# 
_refine_hist.pdbx_refine_id                   'X-RAY DIFFRACTION' 
_refine_hist.cycle_id                         LAST 
_refine_hist.pdbx_number_atoms_protein        1644 
_refine_hist.pdbx_number_atoms_nucleic_acid   0 
_refine_hist.pdbx_number_atoms_ligand         0 
_refine_hist.number_atoms_solvent             111 
_refine_hist.number_atoms_total               1755 
_refine_hist.d_res_high                       1.903 
_refine_hist.d_res_low                        45.740 
# 
loop_
_refine_ls_restr.type 
_refine_ls_restr.dev_ideal 
_refine_ls_restr.dev_ideal_target 
_refine_ls_restr.weight 
_refine_ls_restr.number 
_refine_ls_restr.pdbx_restraint_function 
_refine_ls_restr.pdbx_refine_id 
f_bond_d           0.008  ? ? 1676 ? 'X-RAY DIFFRACTION' 
f_angle_d          1.075  ? ? 2260 ? 'X-RAY DIFFRACTION' 
f_dihedral_angle_d 13.487 ? ? 638  ? 'X-RAY DIFFRACTION' 
f_chiral_restr     0.075  ? ? 248  ? 'X-RAY DIFFRACTION' 
f_plane_restr      0.005  ? ? 300  ? 'X-RAY DIFFRACTION' 
# 
loop_
_refine_ls_shell.pdbx_total_number_of_bins_used 
_refine_ls_shell.d_res_high 
_refine_ls_shell.d_res_low 
_refine_ls_shell.number_reflns_R_work 
_refine_ls_shell.R_factor_R_work 
_refine_ls_shell.percent_reflns_obs 
_refine_ls_shell.R_factor_R_free 
_refine_ls_shell.R_factor_R_free_error 
_refine_ls_shell.percent_reflns_R_free 
_refine_ls_shell.number_reflns_R_free 
_refine_ls_shell.number_reflns_all 
_refine_ls_shell.R_factor_all 
_refine_ls_shell.number_reflns_obs 
_refine_ls_shell.redundancy_reflns_obs 
_refine_ls_shell.pdbx_refine_id 
. 1.903  2.0031  2647 0.2567 98.0  0.2884 . . 136 . . . . 'X-RAY DIFFRACTION' 
. 2.0031 2.1287  2655 0.2220 99.0  0.2824 . . 139 . . . . 'X-RAY DIFFRACTION' 
. 2.1287 2.2930  2694 0.2095 99.0  0.2520 . . 144 . . . . 'X-RAY DIFFRACTION' 
. 2.2930 2.5237  2679 0.2194 100.0 0.2481 . . 138 . . . . 'X-RAY DIFFRACTION' 
. 2.5237 2.8889  2721 0.2244 100.0 0.2432 . . 149 . . . . 'X-RAY DIFFRACTION' 
. 2.8889 3.6395  2767 0.1900 100.0 0.2508 . . 147 . . . . 'X-RAY DIFFRACTION' 
. 3.6395 45.7532 2917 0.1715 100.0 0.1713 . . 156 . . . . 'X-RAY DIFFRACTION' 
# 
_struct.entry_id                  4IQC 
_struct.title                     'P3121 crystal form of FKBP12.6' 
_struct.pdbx_model_details        ? 
_struct.pdbx_CASP_flag            ? 
_struct.pdbx_model_type_details   ? 
# 
_struct_keywords.entry_id        4IQC 
_struct_keywords.pdbx_keywords   ISOMERASE 
_struct_keywords.text            'FKBP12.6, ISOMERASE' 
# 
loop_
_struct_asym.id 
_struct_asym.pdbx_blank_PDB_chainid_flag 
_struct_asym.pdbx_modified 
_struct_asym.entity_id 
_struct_asym.details 
A N N 1 ? 
B N N 1 ? 
C N N 2 ? 
D N N 2 ? 
# 
_struct_biol.id        1 
_struct_biol.details   ? 
# 
loop_
_struct_conf.conf_type_id 
_struct_conf.id 
_struct_conf.pdbx_PDB_helix_id 
_struct_conf.beg_label_comp_id 
_struct_conf.beg_label_asym_id 
_struct_conf.beg_label_seq_id 
_struct_conf.pdbx_beg_PDB_ins_code 
_struct_conf.end_label_comp_id 
_struct_conf.end_label_asym_id 
_struct_conf.end_label_seq_id 
_struct_conf.pdbx_end_PDB_ins_code 
_struct_conf.beg_auth_comp_id 
_struct_conf.beg_auth_asym_id 
_struct_conf.beg_auth_seq_id 
_struct_conf.end_auth_comp_id 
_struct_conf.end_auth_asym_id 
_struct_conf.end_auth_seq_id 
_struct_conf.pdbx_PDB_helix_class 
_struct_conf.details 
_struct_conf.pdbx_PDB_helix_length 
HELX_P HELX_P1 1 ILE A 56 ? GLN A 65 ? ILE A 56 GLN A 65 1 ? 10 
HELX_P HELX_P2 2 PRO A 78 ? ALA A 81 ? PRO A 78 ALA A 81 5 ? 4  
HELX_P HELX_P3 3 ILE B 56 ? GLN B 65 ? ILE B 56 GLN B 65 1 ? 10 
HELX_P HELX_P4 4 PRO B 78 ? ALA B 81 ? PRO B 78 ALA B 81 5 ? 4  
# 
_struct_conf_type.id          HELX_P 
_struct_conf_type.criteria    ? 
_struct_conf_type.reference   ? 
# 
loop_
_struct_sheet.id 
_struct_sheet.type 
_struct_sheet.number_strands 
_struct_sheet.details 
A ? 5 ? 
B ? 5 ? 
C ? 5 ? 
D ? 5 ? 
# 
loop_
_struct_sheet_order.sheet_id 
_struct_sheet_order.range_id_1 
_struct_sheet_order.range_id_2 
_struct_sheet_order.offset 
_struct_sheet_order.sense 
A 1 2 ? anti-parallel 
A 2 3 ? anti-parallel 
A 3 4 ? anti-parallel 
A 4 5 ? anti-parallel 
B 1 2 ? anti-parallel 
B 2 3 ? anti-parallel 
B 3 4 ? anti-parallel 
B 4 5 ? anti-parallel 
C 1 2 ? anti-parallel 
C 2 3 ? anti-parallel 
C 3 4 ? anti-parallel 
C 4 5 ? anti-parallel 
D 1 2 ? anti-parallel 
D 2 3 ? anti-parallel 
D 3 4 ? anti-parallel 
D 4 5 ? anti-parallel 
# 
loop_
_struct_sheet_range.sheet_id 
_struct_sheet_range.id 
_struct_sheet_range.beg_label_comp_id 
_struct_sheet_range.beg_label_asym_id 
_struct_sheet_range.beg_label_seq_id 
_struct_sheet_range.pdbx_beg_PDB_ins_code 
_struct_sheet_range.end_label_comp_id 
_struct_sheet_range.end_label_asym_id 
_struct_sheet_range.end_label_seq_id 
_struct_sheet_range.pdbx_end_PDB_ins_code 
_struct_sheet_range.beg_auth_comp_id 
_struct_sheet_range.beg_auth_asym_id 
_struct_sheet_range.beg_auth_seq_id 
_struct_sheet_range.end_auth_comp_id 
_struct_sheet_range.end_auth_asym_id 
_struct_sheet_range.end_auth_seq_id 
A 1 VAL A 2  ? SER A 8   ? VAL A 2  SER A 8   
A 2 ARG A 71 ? ILE A 76  ? ARG A 71 ILE A 76  
A 3 LEU A 97 ? GLU A 107 ? LEU A 97 GLU A 107 
A 4 THR A 21 ? LEU A 30  ? THR A 21 LEU A 30  
A 5 LYS A 35 ? SER A 38  ? LYS A 35 SER A 38  
B 1 VAL A 2  ? SER A 8   ? VAL A 2  SER A 8   
B 2 ARG A 71 ? ILE A 76  ? ARG A 71 ILE A 76  
B 3 LEU A 97 ? GLU A 107 ? LEU A 97 GLU A 107 
B 4 THR A 21 ? LEU A 30  ? THR A 21 LEU A 30  
B 5 PHE A 46 ? ARG A 49  ? PHE A 46 ARG A 49  
C 1 VAL B 2  ? SER B 8   ? VAL B 2  SER B 8   
C 2 ARG B 71 ? ILE B 76  ? ARG B 71 ILE B 76  
C 3 LEU B 97 ? GLU B 107 ? LEU B 97 GLU B 107 
C 4 THR B 21 ? LEU B 30  ? THR B 21 LEU B 30  
C 5 LYS B 35 ? SER B 38  ? LYS B 35 SER B 38  
D 1 VAL B 2  ? SER B 8   ? VAL B 2  SER B 8   
D 2 ARG B 71 ? ILE B 76  ? ARG B 71 ILE B 76  
D 3 LEU B 97 ? GLU B 107 ? LEU B 97 GLU B 107 
D 4 THR B 21 ? LEU B 30  ? THR B 21 LEU B 30  
D 5 PHE B 46 ? ARG B 49  ? PHE B 46 ARG B 49  
# 
loop_
_pdbx_struct_sheet_hbond.sheet_id 
_pdbx_struct_sheet_hbond.range_id_1 
_pdbx_struct_sheet_hbond.range_id_2 
_pdbx_struct_sheet_hbond.range_1_label_atom_id 
_pdbx_struct_sheet_hbond.range_1_label_comp_id 
_pdbx_struct_sheet_hbond.range_1_label_asym_id 
_pdbx_struct_sheet_hbond.range_1_label_seq_id 
_pdbx_struct_sheet_hbond.range_1_PDB_ins_code 
_pdbx_struct_sheet_hbond.range_1_auth_atom_id 
_pdbx_struct_sheet_hbond.range_1_auth_comp_id 
_pdbx_struct_sheet_hbond.range_1_auth_asym_id 
_pdbx_struct_sheet_hbond.range_1_auth_seq_id 
_pdbx_struct_sheet_hbond.range_2_label_atom_id 
_pdbx_struct_sheet_hbond.range_2_label_comp_id 
_pdbx_struct_sheet_hbond.range_2_label_asym_id 
_pdbx_struct_sheet_hbond.range_2_label_seq_id 
_pdbx_struct_sheet_hbond.range_2_PDB_ins_code 
_pdbx_struct_sheet_hbond.range_2_auth_atom_id 
_pdbx_struct_sheet_hbond.range_2_auth_comp_id 
_pdbx_struct_sheet_hbond.range_2_auth_asym_id 
_pdbx_struct_sheet_hbond.range_2_auth_seq_id 
A 1 2 N ILE A 7   ? N ILE A 7   O ARG A 71 ? O ARG A 71 
A 2 3 N LEU A 74  ? N LEU A 74  O PHE A 99 ? O PHE A 99 
A 3 4 O GLU A 107 ? O GLU A 107 N THR A 21 ? N THR A 21 
A 4 5 N GLY A 28  ? N GLY A 28  O PHE A 36 ? O PHE A 36 
B 1 2 N ILE A 7   ? N ILE A 7   O ARG A 71 ? O ARG A 71 
B 2 3 N LEU A 74  ? N LEU A 74  O PHE A 99 ? O PHE A 99 
B 3 4 O GLU A 107 ? O GLU A 107 N THR A 21 ? N THR A 21 
B 4 5 N VAL A 24  ? N VAL A 24  O PHE A 46 ? O PHE A 46 
C 1 2 N ILE B 7   ? N ILE B 7   O ARG B 71 ? O ARG B 71 
C 2 3 N LEU B 74  ? N LEU B 74  O PHE B 99 ? O PHE B 99 
C 3 4 O GLU B 107 ? O GLU B 107 N THR B 21 ? N THR B 21 
C 4 5 N GLY B 28  ? N GLY B 28  O ASP B 37 ? O ASP B 37 
D 1 2 N ILE B 7   ? N ILE B 7   O ARG B 71 ? O ARG B 71 
D 2 3 N LEU B 74  ? N LEU B 74  O PHE B 99 ? O PHE B 99 
D 3 4 O GLU B 107 ? O GLU B 107 N THR B 21 ? N THR B 21 
D 4 5 N VAL B 24  ? N VAL B 24  O PHE B 46 ? O PHE B 46 
# 
_atom_sites.entry_id                    4IQC 
_atom_sites.fract_transf_matrix[1][1]   0.01503656 
_atom_sites.fract_transf_matrix[1][2]   0.00518985 
_atom_sites.fract_transf_matrix[1][3]   0.01499835 
_atom_sites.fract_transf_matrix[2][1]   -0.00000819 
_atom_sites.fract_transf_matrix[2][2]   -0.01004576 
_atom_sites.fract_transf_matrix[2][3]   0.01941838 
_atom_sites.fract_transf_matrix[3][1]   0.00397138 
_atom_sites.fract_transf_matrix[3][2]   -0.00461357 
_atom_sites.fract_transf_matrix[3][3]   -0.00238508 
_atom_sites.fract_transf_vector[1]      1.293489 
_atom_sites.fract_transf_vector[2]      0.727373 
_atom_sites.fract_transf_vector[3]      0.138577 
# 
loop_
_atom_type.symbol 
C 
N 
O 
S 
# 
loop_
_atom_site.group_PDB 
_atom_site.id 
_atom_site.type_symbol 
_atom_site.label_atom_id 
_atom_site.label_alt_id 
_atom_site.label_comp_id 
_atom_site.label_asym_id 
_atom_site.label_entity_id 
_atom_site.label_seq_id 
_atom_site.pdbx_PDB_ins_code 
_atom_site.Cartn_x 
_atom_site.Cartn_y 
_atom_site.Cartn_z 
_atom_site.occupancy 
_atom_site.B_iso_or_equiv 
_atom_site.pdbx_formal_charge 
_atom_site.auth_seq_id 
_atom_site.auth_comp_id 
_atom_site.auth_asym_id 
_atom_site.auth_atom_id 
_atom_site.pdbx_PDB_model_num 
ATOM   1    N N   . GLY A 1 1   ? -17.977 1.274   -3.145  1.00 37.55 ? 1   GLY A N   1 
ATOM   2    C CA  . GLY A 1 1   ? -16.535 1.258   -2.979  1.00 39.27 ? 1   GLY A CA  1 
ATOM   3    C C   . GLY A 1 1   ? -15.861 2.481   -3.582  1.00 36.45 ? 1   GLY A C   1 
ATOM   4    O O   . GLY A 1 1   ? -16.463 3.553   -3.676  1.00 32.59 ? 1   GLY A O   1 
ATOM   5    N N   . VAL A 1 2   ? -14.604 2.326   -3.981  1.00 32.85 ? 2   VAL A N   1 
ATOM   6    C CA  . VAL A 1 2   ? -13.816 3.444   -4.487  1.00 31.97 ? 2   VAL A CA  1 
ATOM   7    C C   . VAL A 1 2   ? -13.241 3.108   -5.846  1.00 32.19 ? 2   VAL A C   1 
ATOM   8    O O   . VAL A 1 2   ? -12.585 2.083   -6.002  1.00 32.04 ? 2   VAL A O   1 
ATOM   9    C CB  . VAL A 1 2   ? -12.583 3.701   -3.611  1.00 36.34 ? 2   VAL A CB  1 
ATOM   10   C CG1 . VAL A 1 2   ? -12.011 5.078   -3.889  1.00 31.46 ? 2   VAL A CG1 1 
ATOM   11   C CG2 . VAL A 1 2   ? -12.907 3.518   -2.160  1.00 41.72 ? 2   VAL A CG2 1 
ATOM   12   N N   . GLU A 1 3   ? -13.461 3.979   -6.821  1.00 31.07 ? 3   GLU A N   1 
ATOM   13   C CA  . GLU A 1 3   ? -12.754 3.859   -8.097  1.00 36.03 ? 3   GLU A CA  1 
ATOM   14   C C   . GLU A 1 3   ? -11.683 4.917   -8.211  1.00 36.81 ? 3   GLU A C   1 
ATOM   15   O O   . GLU A 1 3   ? -11.851 6.046   -7.748  1.00 34.15 ? 3   GLU A O   1 
ATOM   16   C CB  . GLU A 1 3   ? -13.695 3.959   -9.298  1.00 37.45 ? 3   GLU A CB  1 
ATOM   17   C CG  . GLU A 1 3   ? -14.359 2.641   -9.673  1.00 40.42 ? 3   GLU A CG  1 
ATOM   18   C CD  . GLU A 1 3   ? -13.366 1.494   -9.915  1.00 44.90 ? 3   GLU A CD  1 
ATOM   19   O OE1 . GLU A 1 3   ? -12.599 1.556   -10.906 1.00 48.28 ? 3   GLU A OE1 1 
ATOM   20   O OE2 . GLU A 1 3   ? -13.360 0.522   -9.114  1.00 45.45 ? 3   GLU A OE2 1 
ATOM   21   N N   . ILE A 1 4   ? -10.579 4.548   -8.845  1.00 33.56 ? 4   ILE A N   1 
ATOM   22   C CA  . ILE A 1 4   ? -9.441  5.439   -8.949  1.00 35.90 ? 4   ILE A CA  1 
ATOM   23   C C   . ILE A 1 4   ? -9.081  5.717   -10.402 1.00 36.71 ? 4   ILE A C   1 
ATOM   24   O O   . ILE A 1 4   ? -8.846  4.798   -11.184 1.00 38.15 ? 4   ILE A O   1 
ATOM   25   C CB  . ILE A 1 4   ? -8.229  4.833   -8.237  1.00 37.74 ? 4   ILE A CB  1 
ATOM   26   C CG1 . ILE A 1 4   ? -8.531  4.678   -6.748  1.00 37.49 ? 4   ILE A CG1 1 
ATOM   27   C CG2 . ILE A 1 4   ? -6.991  5.679   -8.462  1.00 36.68 ? 4   ILE A CG2 1 
ATOM   28   C CD1 . ILE A 1 4   ? -7.664  3.671   -6.089  1.00 39.80 ? 4   ILE A CD1 1 
ATOM   29   N N   . GLU A 1 5   ? -9.050  6.992   -10.762 1.00 33.26 ? 5   GLU A N   1 
ATOM   30   C CA  . GLU A 1 5   ? -8.581  7.382   -12.078 1.00 38.21 ? 5   GLU A CA  1 
ATOM   31   C C   . GLU A 1 5   ? -7.299  8.173   -11.904 1.00 34.24 ? 5   GLU A C   1 
ATOM   32   O O   . GLU A 1 5   ? -7.317  9.284   -11.378 1.00 34.94 ? 5   GLU A O   1 
ATOM   33   C CB  . GLU A 1 5   ? -9.646  8.208   -12.803 1.00 41.16 ? 5   GLU A CB  1 
ATOM   34   C CG  . GLU A 1 5   ? -10.912 7.414   -13.109 1.00 42.11 ? 5   GLU A CG  1 
ATOM   35   C CD  . GLU A 1 5   ? -12.026 8.274   -13.688 1.00 52.17 ? 5   GLU A CD  1 
ATOM   36   O OE1 . GLU A 1 5   ? -12.854 8.781   -12.899 1.00 49.28 ? 5   GLU A OE1 1 
ATOM   37   O OE2 . GLU A 1 5   ? -12.078 8.442   -14.929 1.00 54.63 ? 5   GLU A OE2 1 
ATOM   38   N N   . THR A 1 6   ? -6.177  7.595   -12.328 1.00 35.83 ? 6   THR A N   1 
ATOM   39   C CA  . THR A 1 6   ? -4.878  8.236   -12.123 1.00 34.41 ? 6   THR A CA  1 
ATOM   40   C C   . THR A 1 6   ? -4.735  9.530   -12.926 1.00 35.02 ? 6   THR A C   1 
ATOM   41   O O   . THR A 1 6   ? -5.085  9.584   -14.101 1.00 40.97 ? 6   THR A O   1 
ATOM   42   C CB  . THR A 1 6   ? -3.709  7.279   -12.457 1.00 40.25 ? 6   THR A CB  1 
ATOM   43   O OG1 . THR A 1 6   ? -3.802  6.112   -11.632 1.00 40.42 ? 6   THR A OG1 1 
ATOM   44   C CG2 . THR A 1 6   ? -2.365  7.967   -12.215 1.00 36.03 ? 6   THR A CG2 1 
ATOM   45   N N   . ILE A 1 7   ? -4.232  10.570  -12.270 1.00 34.67 ? 7   ILE A N   1 
ATOM   46   C CA  . ILE A 1 7   ? -3.951  11.847  -12.912 1.00 36.26 ? 7   ILE A CA  1 
ATOM   47   C C   . ILE A 1 7   ? -2.447  11.956  -13.202 1.00 41.07 ? 7   ILE A C   1 
ATOM   48   O O   . ILE A 1 7   ? -2.044  12.341  -14.300 1.00 44.35 ? 7   ILE A O   1 
ATOM   49   C CB  . ILE A 1 7   ? -4.423  13.020  -12.025 1.00 38.75 ? 7   ILE A CB  1 
ATOM   50   C CG1 . ILE A 1 7   ? -5.951  12.973  -11.856 1.00 34.63 ? 7   ILE A CG1 1 
ATOM   51   C CG2 . ILE A 1 7   ? -3.999  14.347  -12.613 1.00 41.53 ? 7   ILE A CG2 1 
ATOM   52   C CD1 . ILE A 1 7   ? -6.479  13.937  -10.795 1.00 38.61 ? 7   ILE A CD1 1 
ATOM   53   N N   . SER A 1 8   ? -1.623  11.606  -12.216 1.00 39.56 ? 8   SER A N   1 
ATOM   54   C CA  . SER A 1 8   ? -0.177  11.508  -12.403 1.00 36.78 ? 8   SER A CA  1 
ATOM   55   C C   . SER A 1 8   ? 0.317   10.237  -11.745 1.00 37.77 ? 8   SER A C   1 
ATOM   56   O O   . SER A 1 8   ? -0.081  9.913   -10.626 1.00 35.89 ? 8   SER A O   1 
ATOM   57   C CB  . SER A 1 8   ? 0.551   12.709  -11.799 1.00 41.28 ? 8   SER A CB  1 
ATOM   58   O OG  . SER A 1 8   ? -0.028  13.925  -12.244 1.00 51.49 ? 8   SER A OG  1 
ATOM   59   N N   . PRO A 1 9   ? 1.204   9.509   -12.431 1.00 37.69 ? 9   PRO A N   1 
ATOM   60   C CA  . PRO A 1 9   ? 1.654   8.228   -11.886 1.00 33.38 ? 9   PRO A CA  1 
ATOM   61   C C   . PRO A 1 9   ? 2.517   8.417   -10.650 1.00 31.65 ? 9   PRO A C   1 
ATOM   62   O O   . PRO A 1 9   ? 3.166   9.452   -10.503 1.00 37.79 ? 9   PRO A O   1 
ATOM   63   C CB  . PRO A 1 9   ? 2.466   7.630   -13.041 1.00 39.41 ? 9   PRO A CB  1 
ATOM   64   C CG  . PRO A 1 9   ? 2.969   8.835   -13.795 1.00 37.24 ? 9   PRO A CG  1 
ATOM   65   C CD  . PRO A 1 9   ? 1.905   9.877   -13.676 1.00 38.09 ? 9   PRO A CD  1 
ATOM   66   N N   . GLY A 1 10  ? 2.501   7.432   -9.758  1.00 31.79 ? 10  GLY A N   1 
ATOM   67   C CA  . GLY A 1 10  ? 3.399   7.409   -8.622  1.00 32.75 ? 10  GLY A CA  1 
ATOM   68   C C   . GLY A 1 10  ? 4.618   6.548   -8.943  1.00 33.11 ? 10  GLY A C   1 
ATOM   69   O O   . GLY A 1 10  ? 4.845   6.193   -10.098 1.00 33.22 ? 10  GLY A O   1 
ATOM   70   N N   . ASP A 1 11  ? 5.391   6.207   -7.924  1.00 31.18 ? 11  ASP A N   1 
ATOM   71   C CA  . ASP A 1 11  ? 6.658   5.507   -8.135  1.00 36.25 ? 11  ASP A CA  1 
ATOM   72   C C   . ASP A 1 11  ? 6.493   3.994   -8.289  1.00 40.65 ? 11  ASP A C   1 
ATOM   73   O O   . ASP A 1 11  ? 7.396   3.315   -8.789  1.00 37.75 ? 11  ASP A O   1 
ATOM   74   C CB  . ASP A 1 11  ? 7.677   5.862   -7.043  1.00 32.30 ? 11  ASP A CB  1 
ATOM   75   C CG  . ASP A 1 11  ? 7.370   5.225   -5.692  1.00 35.54 ? 11  ASP A CG  1 
ATOM   76   O OD1 . ASP A 1 11  ? 6.322   4.555   -5.532  1.00 37.08 ? 11  ASP A OD1 1 
ATOM   77   O OD2 . ASP A 1 11  ? 8.185   5.411   -4.758  1.00 36.27 ? 11  ASP A OD2 1 
ATOM   78   N N   . GLY A 1 12  ? 5.346   3.482   -7.835  1.00 37.19 ? 12  GLY A N   1 
ATOM   79   C CA  . GLY A 1 12  ? 4.981   2.082   -7.988  1.00 34.97 ? 12  GLY A CA  1 
ATOM   80   C C   . GLY A 1 12  ? 5.754   1.130   -7.099  1.00 35.59 ? 12  GLY A C   1 
ATOM   81   O O   . GLY A 1 12  ? 5.828   -0.067  -7.372  1.00 42.56 ? 12  GLY A O   1 
ATOM   82   N N   . ARG A 1 13  ? 6.317   1.655   -6.021  1.00 35.95 ? 13  ARG A N   1 
ATOM   83   C CA  . ARG A 1 13  ? 7.151   0.863   -5.127  1.00 39.18 ? 13  ARG A CA  1 
ATOM   84   C C   . ARG A 1 13  ? 6.856   1.143   -3.676  1.00 35.68 ? 13  ARG A C   1 
ATOM   85   O O   . ARG A 1 13  ? 7.173   0.341   -2.799  1.00 40.17 ? 13  ARG A O   1 
ATOM   86   C CB  . ARG A 1 13  ? 8.629   1.113   -5.431  1.00 41.55 ? 13  ARG A CB  1 
ATOM   87   C CG  . ARG A 1 13  ? 9.214   0.057   -6.361  1.00 42.74 ? 13  ARG A CG  1 
ATOM   88   C CD  . ARG A 1 13  ? 10.091  0.719   -7.375  1.00 45.52 ? 13  ARG A CD  1 
ATOM   89   N NE  . ARG A 1 13  ? 10.342  -0.083  -8.568  1.00 39.99 ? 13  ARG A NE  1 
ATOM   90   C CZ  . ARG A 1 13  ? 9.432   -0.376  -9.495  1.00 40.37 ? 13  ARG A CZ  1 
ATOM   91   N NH1 . ARG A 1 13  ? 8.170   -0.014  -9.353  1.00 40.35 ? 13  ARG A NH1 1 
ATOM   92   N NH2 . ARG A 1 13  ? 9.783   -1.077  -10.559 1.00 50.22 ? 13  ARG A NH2 1 
ATOM   93   N N   . THR A 1 14  ? 6.246   2.291   -3.430  1.00 33.26 ? 14  THR A N   1 
ATOM   94   C CA  . THR A 1 14  ? 6.026   2.731   -2.077  1.00 35.90 ? 14  THR A CA  1 
ATOM   95   C C   . THR A 1 14  ? 4.519   2.894   -1.886  1.00 35.12 ? 14  THR A C   1 
ATOM   96   O O   . THR A 1 14  ? 3.966   3.933   -2.236  1.00 30.35 ? 14  THR A O   1 
ATOM   97   C CB  . THR A 1 14  ? 6.768   4.079   -1.811  1.00 36.56 ? 14  THR A CB  1 
ATOM   98   O OG1 . THR A 1 14  ? 8.071   4.043   -2.415  1.00 35.60 ? 14  THR A OG1 1 
ATOM   99   C CG2 . THR A 1 14  ? 6.901   4.345   -0.328  1.00 36.38 ? 14  THR A CG2 1 
ATOM   100  N N   . PHE A 1 15  ? 3.869   1.852   -1.368  1.00 31.41 ? 15  PHE A N   1 
ATOM   101  C CA  . PHE A 1 15  ? 2.431   1.870   -1.098  1.00 30.15 ? 15  PHE A CA  1 
ATOM   102  C C   . PHE A 1 15  ? 2.194   1.941   0.400   1.00 32.53 ? 15  PHE A C   1 
ATOM   103  O O   . PHE A 1 15  ? 2.988   1.417   1.187   1.00 32.24 ? 15  PHE A O   1 
ATOM   104  C CB  . PHE A 1 15  ? 1.760   0.617   -1.671  1.00 31.41 ? 15  PHE A CB  1 
ATOM   105  C CG  . PHE A 1 15  ? 1.765   0.557   -3.170  1.00 30.54 ? 15  PHE A CG  1 
ATOM   106  C CD1 . PHE A 1 15  ? 2.841   0.003   -3.856  1.00 31.86 ? 15  PHE A CD1 1 
ATOM   107  C CD2 . PHE A 1 15  ? 0.689   1.044   -3.899  1.00 26.47 ? 15  PHE A CD2 1 
ATOM   108  C CE1 . PHE A 1 15  ? 2.847   -0.055  -5.242  1.00 29.36 ? 15  PHE A CE1 1 
ATOM   109  C CE2 . PHE A 1 15  ? 0.683   0.989   -5.286  1.00 29.12 ? 15  PHE A CE2 1 
ATOM   110  C CZ  . PHE A 1 15  ? 1.766   0.439   -5.964  1.00 29.81 ? 15  PHE A CZ  1 
ATOM   111  N N   . PRO A 1 16  ? 1.104   2.593   0.812   1.00 29.73 ? 16  PRO A N   1 
ATOM   112  C CA  . PRO A 1 16  ? 0.901   2.748   2.255   1.00 30.06 ? 16  PRO A CA  1 
ATOM   113  C C   . PRO A 1 16  ? 0.655   1.403   2.937   1.00 33.79 ? 16  PRO A C   1 
ATOM   114  O O   . PRO A 1 16  ? -0.024  0.540   2.375   1.00 32.88 ? 16  PRO A O   1 
ATOM   115  C CB  . PRO A 1 16  ? -0.352  3.634   2.335   1.00 32.76 ? 16  PRO A CB  1 
ATOM   116  C CG  . PRO A 1 16  ? -0.358  4.387   1.039   1.00 31.62 ? 16  PRO A CG  1 
ATOM   117  C CD  . PRO A 1 16  ? 0.144   3.389   0.027   1.00 29.19 ? 16  PRO A CD  1 
ATOM   118  N N   . LYS A 1 17  ? 1.224   1.223   4.123   1.00 29.09 ? 17  LYS A N   1 
ATOM   119  C CA  . LYS A 1 17  ? 0.983   0.011   4.901   1.00 32.11 ? 17  LYS A CA  1 
ATOM   120  C C   . LYS A 1 17  ? -0.055  0.272   5.987   1.00 33.37 ? 17  LYS A C   1 
ATOM   121  O O   . LYS A 1 17  ? -0.334  1.421   6.316   1.00 32.49 ? 17  LYS A O   1 
ATOM   122  C CB  . LYS A 1 17  ? 2.285   -0.479  5.525   1.00 29.72 ? 17  LYS A CB  1 
ATOM   123  C CG  . LYS A 1 17  ? 3.354   -0.831  4.479   1.00 33.47 ? 17  LYS A CG  1 
ATOM   124  C CD  . LYS A 1 17  ? 4.600   -1.401  5.112   1.00 35.48 ? 17  LYS A CD  1 
ATOM   125  C CE  . LYS A 1 17  ? 5.370   -0.322  5.871   1.00 43.67 ? 17  LYS A CE  1 
ATOM   126  N NZ  . LYS A 1 17  ? 5.892   0.723   4.936   1.00 48.90 ? 17  LYS A NZ  1 
ATOM   127  N N   . LYS A 1 18  ? -0.622  -0.796  6.541   1.00 31.69 ? 18  LYS A N   1 
ATOM   128  C CA  . LYS A 1 18  ? -1.620  -0.653  7.606   1.00 35.09 ? 18  LYS A CA  1 
ATOM   129  C C   . LYS A 1 18  ? -1.032  0.075   8.807   1.00 33.99 ? 18  LYS A C   1 
ATOM   130  O O   . LYS A 1 18  ? 0.034   -0.284  9.298   1.00 31.84 ? 18  LYS A O   1 
ATOM   131  C CB  . LYS A 1 18  ? -2.153  -2.016  8.051   1.00 37.34 ? 18  LYS A CB  1 
ATOM   132  C CG  . LYS A 1 18  ? -3.276  -1.918  9.096   1.00 44.64 ? 18  LYS A CG  1 
ATOM   133  C CD  . LYS A 1 18  ? -3.663  -3.278  9.673   1.00 51.86 ? 18  LYS A CD  1 
ATOM   134  C CE  . LYS A 1 18  ? -4.963  -3.190  10.480  1.00 58.35 ? 18  LYS A CE  1 
ATOM   135  N NZ  . LYS A 1 18  ? -4.827  -2.385  11.743  1.00 64.02 ? 18  LYS A NZ  1 
ATOM   136  N N   . GLY A 1 19  ? -1.725  1.110   9.268   1.00 33.16 ? 19  GLY A N   1 
ATOM   137  C CA  . GLY A 1 19  ? -1.281  1.878   10.410  1.00 32.16 ? 19  GLY A CA  1 
ATOM   138  C C   . GLY A 1 19  ? -0.355  3.022   10.063  1.00 32.71 ? 19  GLY A C   1 
ATOM   139  O O   . GLY A 1 19  ? -0.067  3.865   10.914  1.00 32.05 ? 19  GLY A O   1 
ATOM   140  N N   . GLN A 1 20  ? 0.108   3.058   8.818   1.00 33.35 ? 20  GLN A N   1 
ATOM   141  C CA  . GLN A 1 20  ? 1.108   4.034   8.386   1.00 31.29 ? 20  GLN A CA  1 
ATOM   142  C C   . GLN A 1 20  ? 0.529   5.420   8.185   1.00 32.18 ? 20  GLN A C   1 
ATOM   143  O O   . GLN A 1 20  ? -0.559  5.562   7.641   1.00 29.42 ? 20  GLN A O   1 
ATOM   144  C CB  . GLN A 1 20  ? 1.760   3.587   7.079   1.00 32.03 ? 20  GLN A CB  1 
ATOM   145  C CG  . GLN A 1 20  ? 2.929   4.446   6.672   1.00 35.99 ? 20  GLN A CG  1 
ATOM   146  C CD  . GLN A 1 20  ? 3.803   3.800   5.619   1.00 35.80 ? 20  GLN A CD  1 
ATOM   147  O OE1 . GLN A 1 20  ? 3.338   3.002   4.802   1.00 34.13 ? 20  GLN A OE1 1 
ATOM   148  N NE2 . GLN A 1 20  ? 5.082   4.145   5.633   1.00 33.67 ? 20  GLN A NE2 1 
ATOM   149  N N   . THR A 1 21  ? 1.277   6.438   8.606   1.00 30.59 ? 21  THR A N   1 
ATOM   150  C CA  . THR A 1 21  ? 0.891   7.820   8.373   1.00 33.07 ? 21  THR A CA  1 
ATOM   151  C C   . THR A 1 21  ? 1.158   8.186   6.926   1.00 34.72 ? 21  THR A C   1 
ATOM   152  O O   . THR A 1 21  ? 2.275   8.050   6.438   1.00 34.86 ? 21  THR A O   1 
ATOM   153  C CB  . THR A 1 21  ? 1.655   8.789   9.289   1.00 33.26 ? 21  THR A CB  1 
ATOM   154  O OG1 . THR A 1 21  ? 1.220   8.603   10.641  1.00 36.75 ? 21  THR A OG1 1 
ATOM   155  C CG2 . THR A 1 21  ? 1.383   10.237  8.884   1.00 32.71 ? 21  THR A CG2 1 
ATOM   156  N N   . VAL A 1 22  ? 0.126   8.638   6.234   1.00 26.96 ? 22  VAL A N   1 
ATOM   157  C CA  . VAL A 1 22  ? 0.298   9.136   4.884   1.00 28.03 ? 22  VAL A CA  1 
ATOM   158  C C   . VAL A 1 22  ? 0.057   10.642  4.878   1.00 30.65 ? 22  VAL A C   1 
ATOM   159  O O   . VAL A 1 22  ? -0.712  11.177  5.687   1.00 30.68 ? 22  VAL A O   1 
ATOM   160  C CB  . VAL A 1 22  ? -0.623  8.420   3.873   1.00 33.11 ? 22  VAL A CB  1 
ATOM   161  C CG1 . VAL A 1 22  ? -0.561  6.920   4.083   1.00 34.91 ? 22  VAL A CG1 1 
ATOM   162  C CG2 . VAL A 1 22  ? -2.037  8.875   4.042   1.00 32.75 ? 22  VAL A CG2 1 
ATOM   163  N N   . VAL A 1 23  ? 0.759   11.326  3.989   1.00 25.90 ? 23  VAL A N   1 
ATOM   164  C CA  . VAL A 1 23  ? 0.661   12.763  3.885   1.00 27.58 ? 23  VAL A CA  1 
ATOM   165  C C   . VAL A 1 23  ? 0.136   13.081  2.495   1.00 27.46 ? 23  VAL A C   1 
ATOM   166  O O   . VAL A 1 23  ? 0.732   12.689  1.490   1.00 25.71 ? 23  VAL A O   1 
ATOM   167  C CB  . VAL A 1 23  ? 2.038   13.415  4.090   1.00 30.11 ? 23  VAL A CB  1 
ATOM   168  C CG1 . VAL A 1 23  ? 1.914   14.946  4.147   1.00 27.94 ? 23  VAL A CG1 1 
ATOM   169  C CG2 . VAL A 1 23  ? 2.712   12.867  5.363   1.00 31.49 ? 23  VAL A CG2 1 
ATOM   170  N N   . VAL A 1 24  ? -1.001  13.775  2.430   1.00 24.83 ? 24  VAL A N   1 
ATOM   171  C CA  . VAL A 1 24  ? -1.625  14.047  1.145   1.00 24.42 ? 24  VAL A CA  1 
ATOM   172  C C   . VAL A 1 24  ? -1.996  15.512  1.019   1.00 25.43 ? 24  VAL A C   1 
ATOM   173  O O   . VAL A 1 24  ? -2.098  16.215  2.015   1.00 25.55 ? 24  VAL A O   1 
ATOM   174  C CB  . VAL A 1 24  ? -2.915  13.196  0.940   1.00 24.73 ? 24  VAL A CB  1 
ATOM   175  C CG1 . VAL A 1 24  ? -2.605  11.713  1.032   1.00 24.13 ? 24  VAL A CG1 1 
ATOM   176  C CG2 . VAL A 1 24  ? -4.006  13.595  1.957   1.00 27.16 ? 24  VAL A CG2 1 
ATOM   177  N N   . HIS A 1 25  ? -2.170  15.969  -0.214  1.00 24.96 ? 25  HIS A N   1 
ATOM   178  C CA  . HIS A 1 25  ? -3.025  17.127  -0.452  1.00 27.87 ? 25  HIS A CA  1 
ATOM   179  C C   . HIS A 1 25  ? -4.289  16.592  -1.093  1.00 27.03 ? 25  HIS A C   1 
ATOM   180  O O   . HIS A 1 25  ? -4.240  15.665  -1.919  1.00 28.39 ? 25  HIS A O   1 
ATOM   181  C CB  . HIS A 1 25  ? -2.372  18.149  -1.379  1.00 29.95 ? 25  HIS A CB  1 
ATOM   182  C CG  . HIS A 1 25  ? -1.763  19.308  -0.661  1.00 31.26 ? 25  HIS A CG  1 
ATOM   183  N ND1 . HIS A 1 25  ? -2.425  19.997  0.336   1.00 31.53 ? 25  HIS A ND1 1 
ATOM   184  C CD2 . HIS A 1 25  ? -0.554  19.905  -0.796  1.00 33.48 ? 25  HIS A CD2 1 
ATOM   185  C CE1 . HIS A 1 25  ? -1.650  20.971  0.781   1.00 29.69 ? 25  HIS A CE1 1 
ATOM   186  N NE2 . HIS A 1 25  ? -0.509  20.937  0.112   1.00 32.51 ? 25  HIS A NE2 1 
ATOM   187  N N   . TYR A 1 26  ? -5.432  17.141  -0.705  1.00 27.50 ? 26  TYR A N   1 
ATOM   188  C CA  . TYR A 1 26  ? -6.681  16.645  -1.249  1.00 25.04 ? 26  TYR A CA  1 
ATOM   189  C C   . TYR A 1 26  ? -7.698  17.763  -1.400  1.00 27.53 ? 26  TYR A C   1 
ATOM   190  O O   . TYR A 1 26  ? -7.632  18.779  -0.700  1.00 24.81 ? 26  TYR A O   1 
ATOM   191  C CB  . TYR A 1 26  ? -7.272  15.544  -0.353  1.00 26.21 ? 26  TYR A CB  1 
ATOM   192  C CG  . TYR A 1 26  ? -7.879  16.071  0.940   1.00 28.97 ? 26  TYR A CG  1 
ATOM   193  C CD1 . TYR A 1 26  ? -7.097  16.227  2.079   1.00 26.61 ? 26  TYR A CD1 1 
ATOM   194  C CD2 . TYR A 1 26  ? -9.240  16.423  1.015   1.00 29.96 ? 26  TYR A CD2 1 
ATOM   195  C CE1 . TYR A 1 26  ? -7.644  16.710  3.265   1.00 29.86 ? 26  TYR A CE1 1 
ATOM   196  C CE2 . TYR A 1 26  ? -9.793  16.913  2.192   1.00 32.07 ? 26  TYR A CE2 1 
ATOM   197  C CZ  . TYR A 1 26  ? -8.988  17.050  3.314   1.00 30.52 ? 26  TYR A CZ  1 
ATOM   198  O OH  . TYR A 1 26  ? -9.515  17.524  4.487   1.00 29.57 ? 26  TYR A OH  1 
ATOM   199  N N   . THR A 1 27  ? -8.635  17.540  -2.313  1.00 24.80 ? 27  THR A N   1 
ATOM   200  C CA  . THR A 1 27  ? -9.820  18.372  -2.449  1.00 26.75 ? 27  THR A CA  1 
ATOM   201  C C   . THR A 1 27  ? -11.022 17.442  -2.477  1.00 26.97 ? 27  THR A C   1 
ATOM   202  O O   . THR A 1 27  ? -11.091 16.527  -3.301  1.00 27.63 ? 27  THR A O   1 
ATOM   203  C CB  . THR A 1 27  ? -9.753  19.202  -3.733  1.00 30.16 ? 27  THR A CB  1 
ATOM   204  O OG1 . THR A 1 27  ? -8.609  20.055  -3.661  1.00 33.82 ? 27  THR A OG1 1 
ATOM   205  C CG2 . THR A 1 27  ? -11.018 20.068  -3.905  1.00 28.90 ? 27  THR A CG2 1 
ATOM   206  N N   . GLY A 1 28  ? -11.958 17.665  -1.558  1.00 27.60 ? 28  GLY A N   1 
ATOM   207  C CA  . GLY A 1 28  ? -13.141 16.834  -1.459  1.00 26.57 ? 28  GLY A CA  1 
ATOM   208  C C   . GLY A 1 28  ? -14.322 17.564  -2.075  1.00 28.10 ? 28  GLY A C   1 
ATOM   209  O O   . GLY A 1 28  ? -14.598 18.720  -1.718  1.00 26.32 ? 28  GLY A O   1 
ATOM   210  N N   . MET A 1 29  ? -15.012 16.886  -2.988  1.00 25.16 ? 29  MET A N   1 
ATOM   211  C CA  . MET A 1 29  ? -16.084 17.490  -3.774  1.00 30.39 ? 29  MET A CA  1 
ATOM   212  C C   . MET A 1 29  ? -17.303 16.594  -3.839  1.00 30.13 ? 29  MET A C   1 
ATOM   213  O O   . MET A 1 29  ? -17.204 15.371  -3.732  1.00 27.22 ? 29  MET A O   1 
ATOM   214  C CB  . MET A 1 29  ? -15.628 17.748  -5.214  1.00 30.12 ? 29  MET A CB  1 
ATOM   215  C CG  . MET A 1 29  ? -14.502 18.745  -5.364  1.00 34.86 ? 29  MET A CG  1 
ATOM   216  S SD  . MET A 1 29  ? -13.709 18.572  -6.982  1.00 38.40 ? 29  MET A SD  1 
ATOM   217  C CE  . MET A 1 29  ? -12.631 17.160  -6.695  1.00 34.90 ? 29  MET A CE  1 
ATOM   218  N N   . LEU A 1 30  ? -18.463 17.213  -4.029  1.00 29.89 ? 30  LEU A N   1 
ATOM   219  C CA  . LEU A 1 30  ? -19.663 16.471  -4.367  1.00 33.37 ? 30  LEU A CA  1 
ATOM   220  C C   . LEU A 1 30  ? -19.590 16.099  -5.848  1.00 38.18 ? 30  LEU A C   1 
ATOM   221  O O   . LEU A 1 30  ? -18.785 16.659  -6.595  1.00 40.04 ? 30  LEU A O   1 
ATOM   222  C CB  . LEU A 1 30  ? -20.907 17.317  -4.092  1.00 34.18 ? 30  LEU A CB  1 
ATOM   223  C CG  . LEU A 1 30  ? -21.041 17.823  -2.653  1.00 34.84 ? 30  LEU A CG  1 
ATOM   224  C CD1 . LEU A 1 30  ? -22.256 18.733  -2.516  1.00 41.97 ? 30  LEU A CD1 1 
ATOM   225  C CD2 . LEU A 1 30  ? -21.118 16.660  -1.662  1.00 36.45 ? 30  LEU A CD2 1 
ATOM   226  N N   . GLN A 1 31  ? -20.442 15.167  -6.261  1.00 41.21 ? 31  GLN A N   1 
ATOM   227  C CA  . GLN A 1 31  ? -20.419 14.580  -7.607  1.00 44.76 ? 31  GLN A CA  1 
ATOM   228  C C   . GLN A 1 31  ? -20.507 15.632  -8.732  1.00 48.06 ? 31  GLN A C   1 
ATOM   229  O O   . GLN A 1 31  ? -20.155 15.350  -9.880  1.00 56.66 ? 31  GLN A O   1 
ATOM   230  C CB  . GLN A 1 31  ? -21.519 13.499  -7.694  1.00 45.44 ? 31  GLN A CB  1 
ATOM   231  C CG  . GLN A 1 31  ? -21.769 12.861  -9.060  1.00 53.43 ? 31  GLN A CG  1 
ATOM   232  C CD  . GLN A 1 31  ? -20.607 12.010  -9.541  1.00 57.96 ? 31  GLN A CD  1 
ATOM   233  O OE1 . GLN A 1 31  ? -19.923 11.361  -8.742  1.00 57.83 ? 31  GLN A OE1 1 
ATOM   234  N NE2 . GLN A 1 31  ? -20.375 12.006  -10.858 1.00 57.32 ? 31  GLN A NE2 1 
ATOM   235  N N   . ASN A 1 32  ? -20.916 16.846  -8.379  1.00 46.10 ? 32  ASN A N   1 
ATOM   236  C CA  . ASN A 1 32  ? -20.998 17.942  -9.339  1.00 43.19 ? 32  ASN A CA  1 
ATOM   237  C C   . ASN A 1 32  ? -19.743 18.819  -9.384  1.00 49.59 ? 32  ASN A C   1 
ATOM   238  O O   . ASN A 1 32  ? -19.694 19.800  -10.124 1.00 50.15 ? 32  ASN A O   1 
ATOM   239  C CB  . ASN A 1 32  ? -22.224 18.810  -9.052  1.00 20.00 ? 32  ASN A CB  1 
ATOM   240  C CG  . ASN A 1 32  ? -22.141 19.508  -7.710  1.00 20.00 ? 32  ASN A CG  1 
ATOM   241  O OD1 . ASN A 1 32  ? -21.288 19.188  -6.885  1.00 20.00 ? 32  ASN A OD1 1 
ATOM   242  N ND2 . ASN A 1 32  ? -23.030 20.468  -7.486  1.00 20.00 ? 32  ASN A ND2 1 
ATOM   243  N N   . GLY A 1 33  ? -18.735 18.467  -8.592  1.00 47.84 ? 33  GLY A N   1 
ATOM   244  C CA  . GLY A 1 33  ? -17.493 19.219  -8.559  1.00 44.91 ? 33  GLY A CA  1 
ATOM   245  C C   . GLY A 1 33  ? -17.473 20.358  -7.560  1.00 42.54 ? 33  GLY A C   1 
ATOM   246  O O   . GLY A 1 33  ? -16.508 21.117  -7.499  1.00 44.51 ? 33  GLY A O   1 
ATOM   247  N N   . LYS A 1 34  ? -18.543 20.490  -6.782  1.00 40.03 ? 34  LYS A N   1 
ATOM   248  C CA  . LYS A 1 34  ? -18.622 21.503  -5.738  1.00 41.86 ? 34  LYS A CA  1 
ATOM   249  C C   . LYS A 1 34  ? -17.729 21.101  -4.577  1.00 37.72 ? 34  LYS A C   1 
ATOM   250  O O   . LYS A 1 34  ? -17.946 20.062  -3.957  1.00 36.31 ? 34  LYS A O   1 
ATOM   251  C CB  . LYS A 1 34  ? -20.063 21.630  -5.229  1.00 43.45 ? 34  LYS A CB  1 
ATOM   252  C CG  . LYS A 1 34  ? -20.662 23.021  -5.354  1.00 49.62 ? 34  LYS A CG  1 
ATOM   253  C CD  . LYS A 1 34  ? -22.121 23.050  -4.873  1.00 54.07 ? 34  LYS A CD  1 
ATOM   254  C CE  . LYS A 1 34  ? -22.255 22.758  -3.379  1.00 57.59 ? 34  LYS A CE  1 
ATOM   255  N NZ  . LYS A 1 34  ? -23.686 22.754  -2.920  1.00 59.52 ? 34  LYS A NZ  1 
ATOM   256  N N   . LYS A 1 35  ? -16.746 21.937  -4.272  1.00 34.26 ? 35  LYS A N   1 
ATOM   257  C CA  . LYS A 1 35  ? -15.773 21.653  -3.220  1.00 32.31 ? 35  LYS A CA  1 
ATOM   258  C C   . LYS A 1 35  ? -16.417 21.772  -1.831  1.00 37.48 ? 35  LYS A C   1 
ATOM   259  O O   . LYS A 1 35  ? -17.141 22.733  -1.566  1.00 35.26 ? 35  LYS A O   1 
ATOM   260  C CB  . LYS A 1 35  ? -14.617 22.644  -3.358  1.00 35.85 ? 35  LYS A CB  1 
ATOM   261  C CG  . LYS A 1 35  ? -13.512 22.499  -2.334  1.00 40.18 ? 35  LYS A CG  1 
ATOM   262  C CD  . LYS A 1 35  ? -12.590 23.721  -2.364  1.00 38.96 ? 35  LYS A CD  1 
ATOM   263  C CE  . LYS A 1 35  ? -12.084 23.989  -3.768  1.00 45.72 ? 35  LYS A CE  1 
ATOM   264  N NZ  . LYS A 1 35  ? -11.256 25.231  -3.836  1.00 51.54 ? 35  LYS A NZ  1 
ATOM   265  N N   . PHE A 1 36  ? -16.183 20.812  -0.939  1.00 29.21 ? 36  PHE A N   1 
ATOM   266  C CA  . PHE A 1 36  ? -16.629 20.975  0.449   1.00 30.31 ? 36  PHE A CA  1 
ATOM   267  C C   . PHE A 1 36  ? -15.469 20.993  1.468   1.00 31.34 ? 36  PHE A C   1 
ATOM   268  O O   . PHE A 1 36  ? -15.663 21.319  2.636   1.00 29.06 ? 36  PHE A O   1 
ATOM   269  C CB  . PHE A 1 36  ? -17.698 19.933  0.832   1.00 29.64 ? 36  PHE A CB  1 
ATOM   270  C CG  . PHE A 1 36  ? -17.208 18.516  0.804   1.00 28.52 ? 36  PHE A CG  1 
ATOM   271  C CD1 . PHE A 1 36  ? -16.561 17.969  1.909   1.00 30.68 ? 36  PHE A CD1 1 
ATOM   272  C CD2 . PHE A 1 36  ? -17.384 17.727  -0.327  1.00 27.79 ? 36  PHE A CD2 1 
ATOM   273  C CE1 . PHE A 1 36  ? -16.101 16.667  1.887   1.00 27.06 ? 36  PHE A CE1 1 
ATOM   274  C CE2 . PHE A 1 36  ? -16.927 16.419  -0.351  1.00 29.80 ? 36  PHE A CE2 1 
ATOM   275  C CZ  . PHE A 1 36  ? -16.283 15.894  0.749   1.00 27.56 ? 36  PHE A CZ  1 
ATOM   276  N N   . ASP A 1 37  ? -14.267 20.652  1.009   1.00 26.13 ? 37  ASP A N   1 
ATOM   277  C CA  . ASP A 1 37  ? -13.092 20.594  1.869   1.00 28.88 ? 37  ASP A CA  1 
ATOM   278  C C   . ASP A 1 37  ? -11.846 20.560  0.982   1.00 27.83 ? 37  ASP A C   1 
ATOM   279  O O   . ASP A 1 37  ? -11.867 19.963  -0.096  1.00 26.60 ? 37  ASP A O   1 
ATOM   280  C CB  . ASP A 1 37  ? -13.165 19.326  2.736   1.00 29.41 ? 37  ASP A CB  1 
ATOM   281  C CG  . ASP A 1 37  ? -12.136 19.301  3.857   1.00 30.81 ? 37  ASP A CG  1 
ATOM   282  O OD1 . ASP A 1 37  ? -11.542 20.349  4.178   1.00 30.51 ? 37  ASP A OD1 1 
ATOM   283  O OD2 . ASP A 1 37  ? -11.946 18.216  4.441   1.00 32.08 ? 37  ASP A OD2 1 
ATOM   284  N N   . SER A 1 38  ? -10.777 21.216  1.423   1.00 27.95 ? 38  SER A N   1 
ATOM   285  C CA  . SER A 1 38  ? -9.510  21.218  0.679   1.00 30.18 ? 38  SER A CA  1 
ATOM   286  C C   . SER A 1 38  ? -8.324  21.526  1.589   1.00 28.03 ? 38  SER A C   1 
ATOM   287  O O   . SER A 1 38  ? -8.320  22.545  2.282   1.00 25.97 ? 38  SER A O   1 
ATOM   288  C CB  . SER A 1 38  ? -9.546  22.255  -0.452  1.00 33.46 ? 38  SER A CB  1 
ATOM   289  O OG  . SER A 1 38  ? -8.257  22.428  -1.018  1.00 34.02 ? 38  SER A OG  1 
ATOM   290  N N   . SER A 1 39  ? -7.321  20.649  1.586   1.00 26.60 ? 39  SER A N   1 
ATOM   291  C CA  . SER A 1 39  ? -6.085  20.914  2.308   1.00 24.49 ? 39  SER A CA  1 
ATOM   292  C C   . SER A 1 39  ? -5.286  21.933  1.502   1.00 29.38 ? 39  SER A C   1 
ATOM   293  O O   . SER A 1 39  ? -4.458  22.654  2.050   1.00 29.64 ? 39  SER A O   1 
ATOM   294  C CB  . SER A 1 39  ? -5.260  19.626  2.472   1.00 23.42 ? 39  SER A CB  1 
ATOM   295  O OG  . SER A 1 39  ? -4.907  19.090  1.196   1.00 24.27 ? 39  SER A OG  1 
ATOM   296  N N   . ARG A 1 40  ? -5.530  21.992  0.195   1.00 28.09 ? 40  ARG A N   1 
ATOM   297  C CA  . ARG A 1 40  ? -4.799  22.945  -0.640  1.00 31.06 ? 40  ARG A CA  1 
ATOM   298  C C   . ARG A 1 40  ? -5.162  24.369  -0.285  1.00 32.90 ? 40  ARG A C   1 
ATOM   299  O O   . ARG A 1 40  ? -4.287  25.230  -0.185  1.00 34.81 ? 40  ARG A O   1 
ATOM   300  C CB  . ARG A 1 40  ? -5.036  22.689  -2.128  1.00 34.08 ? 40  ARG A CB  1 
ATOM   301  C CG  . ARG A 1 40  ? -4.402  21.393  -2.615  1.00 33.24 ? 40  ARG A CG  1 
ATOM   302  C CD  . ARG A 1 40  ? -4.430  21.292  -4.130  1.00 35.20 ? 40  ARG A CD  1 
ATOM   303  N NE  . ARG A 1 40  ? -4.037  19.958  -4.580  1.00 38.39 ? 40  ARG A NE  1 
ATOM   304  C CZ  . ARG A 1 40  ? -2.778  19.539  -4.696  1.00 38.91 ? 40  ARG A CZ  1 
ATOM   305  N NH1 . ARG A 1 40  ? -1.761  20.343  -4.393  1.00 33.79 ? 40  ARG A NH1 1 
ATOM   306  N NH2 . ARG A 1 40  ? -2.540  18.306  -5.110  1.00 38.89 ? 40  ARG A NH2 1 
ATOM   307  N N   . ASP A 1 41  ? -6.454  24.609  -0.072  1.00 35.56 ? 41  ASP A N   1 
ATOM   308  C CA  . ASP A 1 41  ? -6.927  25.923  0.371   1.00 34.94 ? 41  ASP A CA  1 
ATOM   309  C C   . ASP A 1 41  ? -6.362  26.333  1.729   1.00 35.87 ? 41  ASP A C   1 
ATOM   310  O O   . ASP A 1 41  ? -6.266  27.517  2.028   1.00 37.04 ? 41  ASP A O   1 
ATOM   311  C CB  . ASP A 1 41  ? -8.457  25.982  0.389   1.00 33.86 ? 41  ASP A CB  1 
ATOM   312  C CG  . ASP A 1 41  ? -9.068  25.954  -1.012  1.00 39.79 ? 41  ASP A CG  1 
ATOM   313  O OD1 . ASP A 1 41  ? -8.358  26.259  -1.989  1.00 43.13 ? 41  ASP A OD1 1 
ATOM   314  O OD2 . ASP A 1 41  ? -10.267 25.623  -1.138  1.00 41.55 ? 41  ASP A OD2 1 
ATOM   315  N N   . ARG A 1 42  ? -5.980  25.359  2.552   1.00 31.19 ? 42  ARG A N   1 
ATOM   316  C CA  . ARG A 1 42  ? -5.353  25.660  3.837   1.00 31.34 ? 42  ARG A CA  1 
ATOM   317  C C   . ARG A 1 42  ? -3.830  25.777  3.726   1.00 32.00 ? 42  ARG A C   1 
ATOM   318  O O   . ARG A 1 42  ? -3.165  26.115  4.697   1.00 34.27 ? 42  ARG A O   1 
ATOM   319  C CB  . ARG A 1 42  ? -5.687  24.574  4.866   1.00 34.46 ? 42  ARG A CB  1 
ATOM   320  C CG  . ARG A 1 42  ? -7.175  24.411  5.145   1.00 33.44 ? 42  ARG A CG  1 
ATOM   321  C CD  . ARG A 1 42  ? -7.401  23.454  6.316   1.00 30.11 ? 42  ARG A CD  1 
ATOM   322  N NE  . ARG A 1 42  ? -7.041  22.064  6.023   1.00 26.25 ? 42  ARG A NE  1 
ATOM   323  C CZ  . ARG A 1 42  ? -7.899  21.132  5.606   1.00 29.91 ? 42  ARG A CZ  1 
ATOM   324  N NH1 . ARG A 1 42  ? -9.170  21.439  5.405   1.00 29.10 ? 42  ARG A NH1 1 
ATOM   325  N NH2 . ARG A 1 42  ? -7.491  19.890  5.373   1.00 26.55 ? 42  ARG A NH2 1 
ATOM   326  N N   . ASN A 1 43  ? -3.292  25.473  2.546   1.00 35.53 ? 43  ASN A N   1 
ATOM   327  C CA  . ASN A 1 43  ? -1.841  25.379  2.340   1.00 35.55 ? 43  ASN A CA  1 
ATOM   328  C C   . ASN A 1 43  ? -1.128  24.523  3.391   1.00 39.48 ? 43  ASN A C   1 
ATOM   329  O O   . ASN A 1 43  ? -0.038  24.861  3.863   1.00 41.53 ? 43  ASN A O   1 
ATOM   330  C CB  . ASN A 1 43  ? -1.211  26.772  2.248   1.00 42.87 ? 43  ASN A CB  1 
ATOM   331  C CG  . ASN A 1 43  ? -1.592  27.494  0.968   1.00 44.90 ? 43  ASN A CG  1 
ATOM   332  O OD1 . ASN A 1 43  ? -2.429  28.396  0.973   1.00 47.35 ? 43  ASN A OD1 1 
ATOM   333  N ND2 . ASN A 1 43  ? -0.990  27.081  -0.144  1.00 54.51 ? 43  ASN A ND2 1 
ATOM   334  N N   . LYS A 1 44  ? -1.756  23.410  3.754   1.00 36.23 ? 44  LYS A N   1 
ATOM   335  C CA  . LYS A 1 44  ? -1.210  22.505  4.750   1.00 35.79 ? 44  LYS A CA  1 
ATOM   336  C C   . LYS A 1 44  ? -1.513  21.078  4.339   1.00 31.87 ? 44  LYS A C   1 
ATOM   337  O O   . LYS A 1 44  ? -2.676  20.667  4.365   1.00 30.98 ? 44  LYS A O   1 
ATOM   338  C CB  . LYS A 1 44  ? -1.856  22.769  6.120   1.00 39.18 ? 44  LYS A CB  1 
ATOM   339  C CG  . LYS A 1 44  ? -1.357  24.033  6.814   1.00 44.26 ? 44  LYS A CG  1 
ATOM   340  C CD  . LYS A 1 44  ? -2.305  24.522  7.908   1.00 47.79 ? 44  LYS A CD  1 
ATOM   341  C CE  . LYS A 1 44  ? -2.299  23.626  9.138   1.00 53.19 ? 44  LYS A CE  1 
ATOM   342  N NZ  . LYS A 1 44  ? -3.093  24.245  10.255  1.00 45.65 ? 44  LYS A NZ  1 
ATOM   343  N N   . PRO A 1 45  ? -0.472  20.312  3.970   1.00 30.81 ? 45  PRO A N   1 
ATOM   344  C CA  . PRO A 1 45  ? -0.682  18.887  3.694   1.00 29.37 ? 45  PRO A CA  1 
ATOM   345  C C   . PRO A 1 45  ? -1.407  18.208  4.864   1.00 26.87 ? 45  PRO A C   1 
ATOM   346  O O   . PRO A 1 45  ? -1.220  18.574  6.025   1.00 30.42 ? 45  PRO A O   1 
ATOM   347  C CB  . PRO A 1 45  ? 0.753   18.335  3.544   1.00 31.23 ? 45  PRO A CB  1 
ATOM   348  C CG  . PRO A 1 45  ? 1.585   19.509  3.154   1.00 35.14 ? 45  PRO A CG  1 
ATOM   349  C CD  . PRO A 1 45  ? 0.938   20.719  3.816   1.00 33.77 ? 45  PRO A CD  1 
ATOM   350  N N   . PHE A 1 46  ? -2.250  17.235  4.548   1.00 26.98 ? 46  PHE A N   1 
ATOM   351  C CA  . PHE A 1 46  ? -3.083  16.576  5.541   1.00 27.98 ? 46  PHE A CA  1 
ATOM   352  C C   . PHE A 1 46  ? -2.517  15.199  5.851   1.00 27.70 ? 46  PHE A C   1 
ATOM   353  O O   . PHE A 1 46  ? -2.140  14.469  4.948   1.00 27.62 ? 46  PHE A O   1 
ATOM   354  C CB  . PHE A 1 46  ? -4.518  16.454  5.013   1.00 26.77 ? 46  PHE A CB  1 
ATOM   355  C CG  . PHE A 1 46  ? -5.471  15.772  5.969   1.00 28.62 ? 46  PHE A CG  1 
ATOM   356  C CD1 . PHE A 1 46  ? -5.903  16.413  7.122   1.00 31.95 ? 46  PHE A CD1 1 
ATOM   357  C CD2 . PHE A 1 46  ? -5.954  14.505  5.693   1.00 27.78 ? 46  PHE A CD2 1 
ATOM   358  C CE1 . PHE A 1 46  ? -6.794  15.786  8.002   1.00 33.08 ? 46  PHE A CE1 1 
ATOM   359  C CE2 . PHE A 1 46  ? -6.845  13.872  6.564   1.00 31.35 ? 46  PHE A CE2 1 
ATOM   360  C CZ  . PHE A 1 46  ? -7.255  14.513  7.725   1.00 31.43 ? 46  PHE A CZ  1 
ATOM   361  N N   . LYS A 1 47  ? -2.456  14.845  7.130   1.00 29.70 ? 47  LYS A N   1 
ATOM   362  C CA  . LYS A 1 47  ? -1.916  13.543  7.527   1.00 28.55 ? 47  LYS A CA  1 
ATOM   363  C C   . LYS A 1 47  ? -2.985  12.676  8.162   1.00 32.03 ? 47  LYS A C   1 
ATOM   364  O O   . LYS A 1 47  ? -3.806  13.167  8.938   1.00 30.71 ? 47  LYS A O   1 
ATOM   365  C CB  . LYS A 1 47  ? -0.754  13.718  8.514   1.00 30.79 ? 47  LYS A CB  1 
ATOM   366  C CG  . LYS A 1 47  ? 0.392   14.569  7.993   1.00 33.64 ? 47  LYS A CG  1 
ATOM   367  C CD  . LYS A 1 47  ? 1.592   14.519  8.933   1.00 38.99 ? 47  LYS A CD  1 
ATOM   368  C CE  . LYS A 1 47  ? 2.703   15.451  8.466   1.00 44.48 ? 47  LYS A CE  1 
ATOM   369  N NZ  . LYS A 1 47  ? 3.895   15.425  9.379   1.00 48.35 ? 47  LYS A NZ  1 
ATOM   370  N N   . PHE A 1 48  ? -2.983  11.388  7.822   1.00 28.84 ? 48  PHE A N   1 
ATOM   371  C CA  . PHE A 1 48  ? -3.836  10.422  8.498   1.00 29.28 ? 48  PHE A CA  1 
ATOM   372  C C   . PHE A 1 48  ? -3.230  9.037   8.416   1.00 31.64 ? 48  PHE A C   1 
ATOM   373  O O   . PHE A 1 48  ? -2.374  8.762   7.568   1.00 28.39 ? 48  PHE A O   1 
ATOM   374  C CB  . PHE A 1 48  ? -5.246  10.393  7.917   1.00 31.27 ? 48  PHE A CB  1 
ATOM   375  C CG  . PHE A 1 48  ? -5.315  9.900   6.507   1.00 30.19 ? 48  PHE A CG  1 
ATOM   376  C CD1 . PHE A 1 48  ? -5.079  10.766  5.445   1.00 30.41 ? 48  PHE A CD1 1 
ATOM   377  C CD2 . PHE A 1 48  ? -5.632  8.573   6.233   1.00 30.56 ? 48  PHE A CD2 1 
ATOM   378  C CE1 . PHE A 1 48  ? -5.145  10.312  4.135   1.00 30.96 ? 48  PHE A CE1 1 
ATOM   379  C CE2 . PHE A 1 48  ? -5.701  8.118   4.939   1.00 29.62 ? 48  PHE A CE2 1 
ATOM   380  C CZ  . PHE A 1 48  ? -5.451  8.986   3.884   1.00 31.11 ? 48  PHE A CZ  1 
ATOM   381  N N   . ARG A 1 49  ? -3.710  8.163   9.284   1.00 28.76 ? 49  ARG A N   1 
ATOM   382  C CA  . ARG A 1 49  ? -3.168  6.821   9.387   1.00 34.34 ? 49  ARG A CA  1 
ATOM   383  C C   . ARG A 1 49  ? -4.061  5.812   8.694   1.00 36.07 ? 49  ARG A C   1 
ATOM   384  O O   . ARG A 1 49  ? -5.241  5.671   9.043   1.00 34.43 ? 49  ARG A O   1 
ATOM   385  C CB  . ARG A 1 49  ? -3.018  6.435   10.855  1.00 36.03 ? 49  ARG A CB  1 
ATOM   386  C CG  . ARG A 1 49  ? -1.807  7.028   11.529  1.00 39.78 ? 49  ARG A CG  1 
ATOM   387  C CD  . ARG A 1 49  ? -1.700  6.542   12.962  1.00 40.92 ? 49  ARG A CD  1 
ATOM   388  N NE  . ARG A 1 49  ? -2.885  6.904   13.733  1.00 45.67 ? 49  ARG A NE  1 
ATOM   389  C CZ  . ARG A 1 49  ? -3.286  6.272   14.836  1.00 50.18 ? 49  ARG A CZ  1 
ATOM   390  N NH1 . ARG A 1 49  ? -2.592  5.238   15.299  1.00 53.08 ? 49  ARG A NH1 1 
ATOM   391  N NH2 . ARG A 1 49  ? -4.382  6.668   15.474  1.00 47.84 ? 49  ARG A NH2 1 
ATOM   392  N N   . ILE A 1 50  ? -3.491  5.110   7.720   1.00 33.55 ? 50  ILE A N   1 
ATOM   393  C CA  . ILE A 1 50  ? -4.198  4.069   6.986   1.00 34.39 ? 50  ILE A CA  1 
ATOM   394  C C   . ILE A 1 50  ? -4.811  3.051   7.937   1.00 36.99 ? 50  ILE A C   1 
ATOM   395  O O   . ILE A 1 50  ? -4.136  2.541   8.836   1.00 38.95 ? 50  ILE A O   1 
ATOM   396  C CB  . ILE A 1 50  ? -3.254  3.326   6.008   1.00 37.57 ? 50  ILE A CB  1 
ATOM   397  C CG1 . ILE A 1 50  ? -2.794  4.266   4.899   1.00 36.71 ? 50  ILE A CG1 1 
ATOM   398  C CG2 . ILE A 1 50  ? -3.954  2.125   5.393   1.00 40.88 ? 50  ILE A CG2 1 
ATOM   399  C CD1 . ILE A 1 50  ? -3.943  4.863   4.094   1.00 38.25 ? 50  ILE A CD1 1 
ATOM   400  N N   . GLY A 1 51  ? -6.102  2.772   7.755   1.00 36.33 ? 51  GLY A N   1 
ATOM   401  C CA  . GLY A 1 51  ? -6.760  1.723   8.517   1.00 39.60 ? 51  GLY A CA  1 
ATOM   402  C C   . GLY A 1 51  ? -7.179  2.089   9.929   1.00 42.76 ? 51  GLY A C   1 
ATOM   403  O O   . GLY A 1 51  ? -7.670  1.237   10.668  1.00 45.52 ? 51  GLY A O   1 
ATOM   404  N N   . LYS A 1 52  ? -7.006  3.352   10.305  1.00 38.00 ? 52  LYS A N   1 
ATOM   405  C CA  . LYS A 1 52  ? -7.366  3.792   11.654  1.00 39.31 ? 52  LYS A CA  1 
ATOM   406  C C   . LYS A 1 52  ? -8.662  4.605   11.672  1.00 40.26 ? 52  LYS A C   1 
ATOM   407  O O   . LYS A 1 52  ? -8.979  5.246   12.678  1.00 38.59 ? 52  LYS A O   1 
ATOM   408  C CB  . LYS A 1 52  ? -6.229  4.596   12.287  1.00 42.16 ? 52  LYS A CB  1 
ATOM   409  C CG  . LYS A 1 52  ? -4.954  3.767   12.518  1.00 44.09 ? 52  LYS A CG  1 
ATOM   410  C CD  . LYS A 1 52  ? -5.297  2.414   13.149  1.00 45.59 ? 52  LYS A CD  1 
ATOM   411  C CE  . LYS A 1 52  ? -4.054  1.637   13.567  1.00 50.48 ? 52  LYS A CE  1 
ATOM   412  N NZ  . LYS A 1 52  ? -3.894  1.629   15.057  1.00 56.05 ? 52  LYS A NZ  1 
ATOM   413  N N   . GLN A 1 53  ? -9.395  4.572   10.562  1.00 37.78 ? 53  GLN A N   1 
ATOM   414  C CA  . GLN A 1 53  ? -10.678 5.269   10.448  1.00 39.47 ? 53  GLN A CA  1 
ATOM   415  C C   . GLN A 1 53  ? -10.594 6.751   10.818  1.00 33.47 ? 53  GLN A C   1 
ATOM   416  O O   . GLN A 1 53  ? -11.460 7.280   11.516  1.00 36.87 ? 53  GLN A O   1 
ATOM   417  C CB  . GLN A 1 53  ? -11.755 4.582   11.299  1.00 44.36 ? 53  GLN A CB  1 
ATOM   418  C CG  . GLN A 1 53  ? -12.086 3.162   10.878  1.00 48.53 ? 53  GLN A CG  1 
ATOM   419  C CD  . GLN A 1 53  ? -11.237 2.119   11.592  1.00 57.17 ? 53  GLN A CD  1 
ATOM   420  O OE1 . GLN A 1 53  ? -10.942 2.243   12.788  1.00 63.97 ? 53  GLN A OE1 1 
ATOM   421  N NE2 . GLN A 1 53  ? -10.844 1.078   10.861  1.00 56.40 ? 53  GLN A NE2 1 
ATOM   422  N N   . GLU A 1 54  ? -9.551  7.420   10.351  1.00 32.26 ? 54  GLU A N   1 
ATOM   423  C CA  . GLU A 1 54  ? -9.377  8.829   10.645  1.00 34.64 ? 54  GLU A CA  1 
ATOM   424  C C   . GLU A 1 54  ? -10.007 9.688   9.547   1.00 38.33 ? 54  GLU A C   1 
ATOM   425  O O   . GLU A 1 54  ? -10.122 10.909  9.680   1.00 37.59 ? 54  GLU A O   1 
ATOM   426  C CB  . GLU A 1 54  ? -7.895  9.154   10.812  1.00 32.95 ? 54  GLU A CB  1 
ATOM   427  C CG  . GLU A 1 54  ? -7.281  8.509   12.059  1.00 38.50 ? 54  GLU A CG  1 
ATOM   428  C CD  . GLU A 1 54  ? -5.861  8.983   12.329  1.00 41.91 ? 54  GLU A CD  1 
ATOM   429  O OE1 . GLU A 1 54  ? -5.212  9.466   11.381  1.00 34.62 ? 54  GLU A OE1 1 
ATOM   430  O OE2 . GLU A 1 54  ? -5.392  8.859   13.484  1.00 42.87 ? 54  GLU A OE2 1 
ATOM   431  N N   . VAL A 1 55  ? -10.410 9.030   8.465   1.00 29.28 ? 55  VAL A N   1 
ATOM   432  C CA  . VAL A 1 55  ? -11.072 9.685   7.342   1.00 31.96 ? 55  VAL A CA  1 
ATOM   433  C C   . VAL A 1 55  ? -12.106 8.684   6.866   1.00 30.00 ? 55  VAL A C   1 
ATOM   434  O O   . VAL A 1 55  ? -12.084 7.530   7.295   1.00 30.62 ? 55  VAL A O   1 
ATOM   435  C CB  . VAL A 1 55  ? -10.103 9.948   6.177   1.00 28.87 ? 55  VAL A CB  1 
ATOM   436  C CG1 . VAL A 1 55  ? -9.067  10.996  6.553   1.00 31.36 ? 55  VAL A CG1 1 
ATOM   437  C CG2 . VAL A 1 55  ? -9.427  8.651   5.756   1.00 28.21 ? 55  VAL A CG2 1 
ATOM   438  N N   . ILE A 1 56  ? -12.991 9.100   5.966   1.00 26.89 ? 56  ILE A N   1 
ATOM   439  C CA  . ILE A 1 56  ? -14.009 8.182   5.457   1.00 26.99 ? 56  ILE A CA  1 
ATOM   440  C C   . ILE A 1 56  ? -13.375 6.947   4.815   1.00 28.91 ? 56  ILE A C   1 
ATOM   441  O O   . ILE A 1 56  ? -12.249 6.996   4.303   1.00 25.68 ? 56  ILE A O   1 
ATOM   442  C CB  . ILE A 1 56  ? -14.969 8.862   4.463   1.00 26.86 ? 56  ILE A CB  1 
ATOM   443  C CG1 . ILE A 1 56  ? -14.189 9.554   3.347   1.00 29.46 ? 56  ILE A CG1 1 
ATOM   444  C CG2 . ILE A 1 56  ? -15.870 9.859   5.181   1.00 29.58 ? 56  ILE A CG2 1 
ATOM   445  C CD1 . ILE A 1 56  ? -15.074 10.063  2.188   1.00 27.35 ? 56  ILE A CD1 1 
ATOM   446  N N   . LYS A 1 57  ? -14.101 5.837   4.869   1.00 24.91 ? 57  LYS A N   1 
ATOM   447  C CA  . LYS A 1 57  ? -13.579 4.534   4.459   1.00 29.57 ? 57  LYS A CA  1 
ATOM   448  C C   . LYS A 1 57  ? -13.041 4.556   3.029   1.00 31.27 ? 57  LYS A C   1 
ATOM   449  O O   . LYS A 1 57  ? -11.984 3.990   2.740   1.00 27.23 ? 57  LYS A O   1 
ATOM   450  C CB  . LYS A 1 57  ? -14.674 3.474   4.619   1.00 30.98 ? 57  LYS A CB  1 
ATOM   451  C CG  . LYS A 1 57  ? -14.258 2.057   4.238   1.00 40.40 ? 57  LYS A CG  1 
ATOM   452  C CD  . LYS A 1 57  ? -13.013 1.625   5.008   1.00 49.94 ? 57  LYS A CD  1 
ATOM   453  C CE  . LYS A 1 57  ? -12.900 0.107   5.112   1.00 55.30 ? 57  LYS A CE  1 
ATOM   454  N NZ  . LYS A 1 57  ? -12.262 -0.511  3.914   1.00 60.38 ? 57  LYS A NZ  1 
ATOM   455  N N   . GLY A 1 58  ? -13.755 5.239   2.142   1.00 29.09 ? 58  GLY A N   1 
ATOM   456  C CA  . GLY A 1 58  ? -13.352 5.318   0.752   1.00 31.49 ? 58  GLY A CA  1 
ATOM   457  C C   . GLY A 1 58  ? -12.074 6.094   0.488   1.00 29.14 ? 58  GLY A C   1 
ATOM   458  O O   . GLY A 1 58  ? -11.332 5.783   -0.441  1.00 28.44 ? 58  GLY A O   1 
ATOM   459  N N   . PHE A 1 59  ? -11.824 7.115   1.302   1.00 26.72 ? 59  PHE A N   1 
ATOM   460  C CA  . PHE A 1 59  ? -10.620 7.934   1.189   1.00 28.79 ? 59  PHE A CA  1 
ATOM   461  C C   . PHE A 1 59  ? -9.428  7.049   1.584   1.00 28.94 ? 59  PHE A C   1 
ATOM   462  O O   . PHE A 1 59  ? -8.425  6.974   0.881   1.00 29.88 ? 59  PHE A O   1 
ATOM   463  C CB  . PHE A 1 59  ? -10.769 9.128   2.144   1.00 26.92 ? 59  PHE A CB  1 
ATOM   464  C CG  . PHE A 1 59  ? -9.757  10.246  1.959   1.00 29.36 ? 59  PHE A CG  1 
ATOM   465  C CD1 . PHE A 1 59  ? -8.647  10.115  1.136   1.00 33.36 ? 59  PHE A CD1 1 
ATOM   466  C CD2 . PHE A 1 59  ? -9.914  11.434  2.664   1.00 32.91 ? 59  PHE A CD2 1 
ATOM   467  C CE1 . PHE A 1 59  ? -7.721  11.163  0.996   1.00 31.28 ? 59  PHE A CE1 1 
ATOM   468  C CE2 . PHE A 1 59  ? -8.993  12.493  2.524   1.00 32.69 ? 59  PHE A CE2 1 
ATOM   469  C CZ  . PHE A 1 59  ? -7.895  12.346  1.688   1.00 31.63 ? 59  PHE A CZ  1 
ATOM   470  N N   . GLU A 1 60  ? -9.562  6.384   2.723   1.00 27.68 ? 60  GLU A N   1 
ATOM   471  C CA  . GLU A 1 60  ? -8.543  5.472   3.257   1.00 30.25 ? 60  GLU A CA  1 
ATOM   472  C C   . GLU A 1 60  ? -8.242  4.347   2.272   1.00 31.24 ? 60  GLU A C   1 
ATOM   473  O O   . GLU A 1 60  ? -7.084  4.030   1.973   1.00 31.56 ? 60  GLU A O   1 
ATOM   474  C CB  . GLU A 1 60  ? -9.131  4.872   4.534   1.00 35.03 ? 60  GLU A CB  1 
ATOM   475  C CG  . GLU A 1 60  ? -8.193  4.377   5.578   1.00 41.89 ? 60  GLU A CG  1 
ATOM   476  C CD  . GLU A 1 60  ? -8.943  4.125   6.881   1.00 39.90 ? 60  GLU A CD  1 
ATOM   477  O OE1 . GLU A 1 60  ? -10.044 3.521   6.844   1.00 45.99 ? 60  GLU A OE1 1 
ATOM   478  O OE2 . GLU A 1 60  ? -8.457  4.574   7.936   1.00 42.52 ? 60  GLU A OE2 1 
ATOM   479  N N   . GLU A 1 61  ? -9.297  3.719   1.775   1.00 31.49 ? 61  GLU A N   1 
ATOM   480  C CA  . GLU A 1 61  ? -9.152  2.630   0.817   1.00 31.18 ? 61  GLU A CA  1 
ATOM   481  C C   . GLU A 1 61  ? -8.475  3.074   -0.468  1.00 31.44 ? 61  GLU A C   1 
ATOM   482  O O   . GLU A 1 61  ? -7.640  2.353   -1.024  1.00 33.31 ? 61  GLU A O   1 
ATOM   483  C CB  . GLU A 1 61  ? -10.520 2.071   0.448   1.00 36.53 ? 61  GLU A CB  1 
ATOM   484  C CG  . GLU A 1 61  ? -10.928 0.835   1.200   1.00 47.82 ? 61  GLU A CG  1 
ATOM   485  C CD  . GLU A 1 61  ? -12.225 0.264   0.659   1.00 56.52 ? 61  GLU A CD  1 
ATOM   486  O OE1 . GLU A 1 61  ? -12.267 -0.080  -0.551  1.00 60.33 ? 61  GLU A OE1 1 
ATOM   487  O OE2 . GLU A 1 61  ? -13.203 0.179   1.438   1.00 57.44 ? 61  GLU A OE2 1 
ATOM   488  N N   . GLY A 1 62  ? -8.860  4.241   -0.958  1.00 27.97 ? 62  GLY A N   1 
ATOM   489  C CA  . GLY A 1 62  ? -8.304  4.774   -2.182  1.00 27.01 ? 62  GLY A CA  1 
ATOM   490  C C   . GLY A 1 62  ? -6.818  5.062   -2.046  1.00 29.24 ? 62  GLY A C   1 
ATOM   491  O O   . GLY A 1 62  ? -6.029  4.668   -2.909  1.00 29.66 ? 62  GLY A O   1 
ATOM   492  N N   . ALA A 1 63  ? -6.439  5.727   -0.959  1.00 27.74 ? 63  ALA A N   1 
ATOM   493  C CA  . ALA A 1 63  ? -5.044  6.065   -0.721  1.00 30.51 ? 63  ALA A CA  1 
ATOM   494  C C   . ALA A 1 63  ? -4.171  4.824   -0.575  1.00 27.69 ? 63  ALA A C   1 
ATOM   495  O O   . ALA A 1 63  ? -2.996  4.846   -0.928  1.00 30.22 ? 63  ALA A O   1 
ATOM   496  C CB  . ALA A 1 63  ? -4.904  6.971   0.505   1.00 28.45 ? 63  ALA A CB  1 
ATOM   497  N N   . ALA A 1 64  ? -4.742  3.736   -0.059  1.00 28.43 ? 64  ALA A N   1 
ATOM   498  C CA  . ALA A 1 64  ? -3.973  2.505   0.125   1.00 31.47 ? 64  ALA A CA  1 
ATOM   499  C C   . ALA A 1 64  ? -3.615  1.884   -1.211  1.00 32.00 ? 64  ALA A C   1 
ATOM   500  O O   . ALA A 1 64  ? -2.674  1.086   -1.306  1.00 31.35 ? 64  ALA A O   1 
ATOM   501  C CB  . ALA A 1 64  ? -4.740  1.511   0.981   1.00 31.20 ? 64  ALA A CB  1 
ATOM   502  N N   . GLN A 1 65  ? -4.363  2.245   -2.246  1.00 28.68 ? 65  GLN A N   1 
ATOM   503  C CA  . GLN A 1 65  ? -4.092  1.731   -3.587  1.00 31.22 ? 65  GLN A CA  1 
ATOM   504  C C   . GLN A 1 65  ? -3.098  2.593   -4.368  1.00 31.80 ? 65  GLN A C   1 
ATOM   505  O O   . GLN A 1 65  ? -2.722  2.257   -5.494  1.00 29.85 ? 65  GLN A O   1 
ATOM   506  C CB  . GLN A 1 65  ? -5.385  1.651   -4.389  1.00 30.98 ? 65  GLN A CB  1 
ATOM   507  C CG  . GLN A 1 65  ? -6.554  1.074   -3.644  1.00 39.21 ? 65  GLN A CG  1 
ATOM   508  C CD  . GLN A 1 65  ? -6.616  -0.418  -3.747  1.00 42.61 ? 65  GLN A CD  1 
ATOM   509  O OE1 . GLN A 1 65  ? -6.291  -0.991  -4.787  1.00 44.77 ? 65  GLN A OE1 1 
ATOM   510  N NE2 . GLN A 1 65  ? -7.034  -1.069  -2.669  1.00 49.85 ? 65  GLN A NE2 1 
ATOM   511  N N   . MET A 1 66  ? -2.702  3.718   -3.786  1.00 27.65 ? 66  MET A N   1 
ATOM   512  C CA  . MET A 1 66  ? -1.863  4.678   -4.493  1.00 28.80 ? 66  MET A CA  1 
ATOM   513  C C   . MET A 1 66  ? -0.408  4.509   -4.093  1.00 28.91 ? 66  MET A C   1 
ATOM   514  O O   . MET A 1 66  ? -0.125  4.123   -2.965  1.00 27.29 ? 66  MET A O   1 
ATOM   515  C CB  . MET A 1 66  ? -2.335  6.110   -4.179  1.00 29.56 ? 66  MET A CB  1 
ATOM   516  C CG  . MET A 1 66  ? -3.733  6.402   -4.705  1.00 29.45 ? 66  MET A CG  1 
ATOM   517  S SD  . MET A 1 66  ? -4.371  8.017   -4.261  1.00 31.02 ? 66  MET A SD  1 
ATOM   518  C CE  . MET A 1 66  ? -3.156  9.149   -4.950  1.00 27.20 ? 66  MET A CE  1 
ATOM   519  N N   . SER A 1 67  ? 0.519   4.792   -5.010  1.00 30.20 ? 67  SER A N   1 
ATOM   520  C CA  . SER A 1 67  ? 1.931   4.826   -4.630  1.00 30.33 ? 67  SER A CA  1 
ATOM   521  C C   . SER A 1 67  ? 2.390   6.273   -4.468  1.00 27.44 ? 67  SER A C   1 
ATOM   522  O O   . SER A 1 67  ? 1.769   7.194   -4.983  1.00 31.48 ? 67  SER A O   1 
ATOM   523  C CB  . SER A 1 67  ? 2.833   4.066   -5.619  1.00 28.58 ? 67  SER A CB  1 
ATOM   524  O OG  . SER A 1 67  ? 2.615   4.487   -6.948  1.00 30.49 ? 67  SER A OG  1 
ATOM   525  N N   . LEU A 1 68  ? 3.462   6.451   -3.713  1.00 31.98 ? 68  LEU A N   1 
ATOM   526  C CA  . LEU A 1 68  ? 4.052   7.754   -3.461  1.00 31.20 ? 68  LEU A CA  1 
ATOM   527  C C   . LEU A 1 68  ? 4.220   8.574   -4.740  1.00 30.65 ? 68  LEU A C   1 
ATOM   528  O O   . LEU A 1 68  ? 4.729   8.075   -5.748  1.00 32.42 ? 68  LEU A O   1 
ATOM   529  C CB  . LEU A 1 68  ? 5.389   7.557   -2.751  1.00 34.77 ? 68  LEU A CB  1 
ATOM   530  C CG  . LEU A 1 68  ? 6.181   8.808   -2.398  1.00 34.39 ? 68  LEU A CG  1 
ATOM   531  C CD1 . LEU A 1 68  ? 5.482   9.571   -1.306  1.00 32.53 ? 68  LEU A CD1 1 
ATOM   532  C CD2 . LEU A 1 68  ? 7.544   8.391   -1.950  1.00 36.86 ? 68  LEU A CD2 1 
ATOM   533  N N   . GLY A 1 69  ? 3.730   9.814   -4.712  1.00 29.38 ? 69  GLY A N   1 
ATOM   534  C CA  . GLY A 1 69  ? 3.845   10.714  -5.843  1.00 30.86 ? 69  GLY A CA  1 
ATOM   535  C C   . GLY A 1 69  ? 2.631   10.722  -6.755  1.00 32.39 ? 69  GLY A C   1 
ATOM   536  O O   . GLY A 1 69  ? 2.449   11.639  -7.548  1.00 36.22 ? 69  GLY A O   1 
ATOM   537  N N   . GLN A 1 70  ? 1.793   9.699   -6.645  1.00 29.58 ? 70  GLN A N   1 
ATOM   538  C CA  . GLN A 1 70  ? 0.641   9.548   -7.522  1.00 29.38 ? 70  GLN A CA  1 
ATOM   539  C C   . GLN A 1 70  ? -0.416  10.607  -7.207  1.00 29.52 ? 70  GLN A C   1 
ATOM   540  O O   . GLN A 1 70  ? -0.628  10.965  -6.043  1.00 28.59 ? 70  GLN A O   1 
ATOM   541  C CB  . GLN A 1 70  ? 0.037   8.156   -7.355  1.00 31.51 ? 70  GLN A CB  1 
ATOM   542  C CG  . GLN A 1 70  ? -1.146  7.855   -8.253  1.00 27.89 ? 70  GLN A CG  1 
ATOM   543  C CD  . GLN A 1 70  ? -1.586  6.417   -8.134  1.00 31.95 ? 70  GLN A CD  1 
ATOM   544  O OE1 . GLN A 1 70  ? -1.000  5.647   -7.376  1.00 31.96 ? 70  GLN A OE1 1 
ATOM   545  N NE2 . GLN A 1 70  ? -2.623  6.043   -8.879  1.00 31.72 ? 70  GLN A NE2 1 
ATOM   546  N N   . ARG A 1 71  ? -1.054  11.128  -8.246  1.00 30.37 ? 71  ARG A N   1 
ATOM   547  C CA  . ARG A 1 71  ? -2.224  11.965  -8.047  1.00 31.30 ? 71  ARG A CA  1 
ATOM   548  C C   . ARG A 1 71  ? -3.391  11.270  -8.711  1.00 32.44 ? 71  ARG A C   1 
ATOM   549  O O   . ARG A 1 71  ? -3.289  10.796  -9.850  1.00 32.12 ? 71  ARG A O   1 
ATOM   550  C CB  . ARG A 1 71  ? -2.010  13.373  -8.605  1.00 34.10 ? 71  ARG A CB  1 
ATOM   551  C CG  . ARG A 1 71  ? -3.211  14.309  -8.417  1.00 33.44 ? 71  ARG A CG  1 
ATOM   552  C CD  . ARG A 1 71  ? -2.759  15.750  -8.520  1.00 35.88 ? 71  ARG A CD  1 
ATOM   553  N NE  . ARG A 1 71  ? -3.848  16.697  -8.303  1.00 40.73 ? 71  ARG A NE  1 
ATOM   554  C CZ  . ARG A 1 71  ? -3.745  18.008  -8.519  1.00 50.47 ? 71  ARG A CZ  1 
ATOM   555  N NH1 . ARG A 1 71  ? -2.598  18.516  -8.964  1.00 47.59 ? 71  ARG A NH1 1 
ATOM   556  N NH2 . ARG A 1 71  ? -4.784  18.818  -8.295  1.00 47.80 ? 71  ARG A NH2 1 
ATOM   557  N N   . ALA A 1 72  ? -4.508  11.174  -8.002  1.00 28.50 ? 72  ALA A N   1 
ATOM   558  C CA  . ALA A 1 72  ? -5.622  10.416  -8.536  1.00 28.31 ? 72  ALA A CA  1 
ATOM   559  C C   . ALA A 1 72  ? -6.954  11.045  -8.175  1.00 30.42 ? 72  ALA A C   1 
ATOM   560  O O   . ALA A 1 72  ? -7.069  11.733  -7.160  1.00 27.31 ? 72  ALA A O   1 
ATOM   561  C CB  . ALA A 1 72  ? -5.573  8.980   -8.031  1.00 28.25 ? 72  ALA A CB  1 
ATOM   562  N N   . LYS A 1 73  ? -7.951  10.805  -9.023  1.00 28.17 ? 73  LYS A N   1 
ATOM   563  C CA  . LYS A 1 73  ? -9.339  11.127  -8.703  1.00 30.74 ? 73  LYS A CA  1 
ATOM   564  C C   . LYS A 1 73  ? -9.998  9.893   -8.095  1.00 30.26 ? 73  LYS A C   1 
ATOM   565  O O   . LYS A 1 73  ? -9.996  8.822   -8.703  1.00 29.67 ? 73  LYS A O   1 
ATOM   566  C CB  . LYS A 1 73  ? -10.088 11.562  -9.956  1.00 32.80 ? 73  LYS A CB  1 
ATOM   567  C CG  . LYS A 1 73  ? -11.529 11.929  -9.696  1.00 37.34 ? 73  LYS A CG  1 
ATOM   568  C CD  . LYS A 1 73  ? -12.197 12.509  -10.942 1.00 46.14 ? 73  LYS A CD  1 
ATOM   569  C CE  . LYS A 1 73  ? -13.098 11.487  -11.617 1.00 45.25 ? 73  LYS A CE  1 
ATOM   570  N NZ  . LYS A 1 73  ? -14.229 12.124  -12.393 1.00 51.93 ? 73  LYS A NZ  1 
ATOM   571  N N   . LEU A 1 74  ? -10.538 10.027  -6.885  1.00 27.72 ? 74  LEU A N   1 
ATOM   572  C CA  . LEU A 1 74  ? -11.244 8.922   -6.239  1.00 26.30 ? 74  LEU A CA  1 
ATOM   573  C C   . LEU A 1 74  ? -12.747 9.144   -6.345  1.00 28.21 ? 74  LEU A C   1 
ATOM   574  O O   . LEU A 1 74  ? -13.252 10.175  -5.900  1.00 27.18 ? 74  LEU A O   1 
ATOM   575  C CB  . LEU A 1 74  ? -10.878 8.830   -4.743  1.00 27.64 ? 74  LEU A CB  1 
ATOM   576  C CG  . LEU A 1 74  ? -9.594  8.138   -4.269  1.00 34.57 ? 74  LEU A CG  1 
ATOM   577  C CD1 . LEU A 1 74  ? -8.423  8.489   -5.143  1.00 33.18 ? 74  LEU A CD1 1 
ATOM   578  C CD2 . LEU A 1 74  ? -9.301  8.476   -2.808  1.00 26.88 ? 74  LEU A CD2 1 
ATOM   579  N N   . THR A 1 75  ? -13.463 8.182   -6.913  1.00 25.33 ? 75  THR A N   1 
ATOM   580  C CA  . THR A 1 75  ? -14.931 8.225   -6.888  1.00 29.79 ? 75  THR A CA  1 
ATOM   581  C C   . THR A 1 75  ? -15.411 7.311   -5.791  1.00 25.64 ? 75  THR A C   1 
ATOM   582  O O   . THR A 1 75  ? -15.162 6.103   -5.816  1.00 28.89 ? 75  THR A O   1 
ATOM   583  C CB  . THR A 1 75  ? -15.539 7.812   -8.244  1.00 31.21 ? 75  THR A CB  1 
ATOM   584  O OG1 . THR A 1 75  ? -15.081 8.726   -9.245  1.00 30.62 ? 75  THR A OG1 1 
ATOM   585  C CG2 . THR A 1 75  ? -17.077 7.836   -8.196  1.00 29.32 ? 75  THR A CG2 1 
ATOM   586  N N   . ILE A 1 76  ? -16.081 7.890   -4.800  1.00 25.67 ? 76  ILE A N   1 
ATOM   587  C CA  . ILE A 1 76  ? -16.404 7.153   -3.595  1.00 27.19 ? 76  ILE A CA  1 
ATOM   588  C C   . ILE A 1 76  ? -17.913 7.090   -3.422  1.00 30.50 ? 76  ILE A C   1 
ATOM   589  O O   . ILE A 1 76  ? -18.573 8.123   -3.359  1.00 27.10 ? 76  ILE A O   1 
ATOM   590  C CB  . ILE A 1 76  ? -15.757 7.825   -2.360  1.00 27.22 ? 76  ILE A CB  1 
ATOM   591  C CG1 . ILE A 1 76  ? -14.228 7.848   -2.524  1.00 27.72 ? 76  ILE A CG1 1 
ATOM   592  C CG2 . ILE A 1 76  ? -16.158 7.113   -1.073  1.00 26.26 ? 76  ILE A CG2 1 
ATOM   593  C CD1 . ILE A 1 76  ? -13.505 8.752   -1.532  1.00 27.72 ? 76  ILE A CD1 1 
ATOM   594  N N   . THR A 1 77  ? -18.451 5.880   -3.365  1.00 26.08 ? 77  THR A N   1 
ATOM   595  C CA  . THR A 1 77  ? -19.898 5.687   -3.249  1.00 31.46 ? 77  THR A CA  1 
ATOM   596  C C   . THR A 1 77  ? -20.341 5.871   -1.784  1.00 31.57 ? 77  THR A C   1 
ATOM   597  O O   . THR A 1 77  ? -19.521 5.745   -0.872  1.00 32.17 ? 77  THR A O   1 
ATOM   598  C CB  . THR A 1 77  ? -20.316 4.294   -3.799  1.00 32.98 ? 77  THR A CB  1 
ATOM   599  O OG1 . THR A 1 77  ? -19.823 3.267   -2.941  1.00 34.32 ? 77  THR A OG1 1 
ATOM   600  C CG2 . THR A 1 77  ? -19.759 4.086   -5.187  1.00 34.62 ? 77  THR A CG2 1 
ATOM   601  N N   . PRO A 1 78  ? -21.631 6.184   -1.553  1.00 29.89 ? 78  PRO A N   1 
ATOM   602  C CA  . PRO A 1 78  ? -22.079 6.605   -0.216  1.00 28.71 ? 78  PRO A CA  1 
ATOM   603  C C   . PRO A 1 78  ? -21.817 5.606   0.903   1.00 29.92 ? 78  PRO A C   1 
ATOM   604  O O   . PRO A 1 78  ? -21.637 6.023   2.044   1.00 30.89 ? 78  PRO A O   1 
ATOM   605  C CB  . PRO A 1 78  ? -23.598 6.771   -0.388  1.00 32.21 ? 78  PRO A CB  1 
ATOM   606  C CG  . PRO A 1 78  ? -23.807 7.003   -1.836  1.00 32.89 ? 78  PRO A CG  1 
ATOM   607  C CD  . PRO A 1 78  ? -22.714 6.268   -2.552  1.00 33.44 ? 78  PRO A CD  1 
ATOM   608  N N   . ASP A 1 79  ? -21.823 4.312   0.594   1.00 33.25 ? 79  ASP A N   1 
ATOM   609  C CA  . ASP A 1 79  ? -21.642 3.290   1.624   1.00 33.73 ? 79  ASP A CA  1 
ATOM   610  C C   . ASP A 1 79  ? -20.234 3.303   2.215   1.00 32.99 ? 79  ASP A C   1 
ATOM   611  O O   . ASP A 1 79  ? -20.001 2.746   3.289   1.00 32.51 ? 79  ASP A O   1 
ATOM   612  C CB  . ASP A 1 79  ? -21.976 1.899   1.075   1.00 35.93 ? 79  ASP A CB  1 
ATOM   613  C CG  . ASP A 1 79  ? -21.102 1.514   -0.092  1.00 40.39 ? 79  ASP A CG  1 
ATOM   614  O OD1 . ASP A 1 79  ? -21.217 2.160   -1.158  1.00 43.07 ? 79  ASP A OD1 1 
ATOM   615  O OD2 . ASP A 1 79  ? -20.301 0.564   0.050   1.00 44.26 ? 79  ASP A OD2 1 
ATOM   616  N N   . VAL A 1 80  ? -19.293 3.931   1.512   1.00 31.65 ? 80  VAL A N   1 
ATOM   617  C CA  . VAL A 1 80  ? -17.947 4.114   2.046   1.00 30.90 ? 80  VAL A CA  1 
ATOM   618  C C   . VAL A 1 80  ? -17.627 5.598   2.197   1.00 30.63 ? 80  VAL A C   1 
ATOM   619  O O   . VAL A 1 80  ? -16.459 6.006   2.244   1.00 28.87 ? 80  VAL A O   1 
ATOM   620  C CB  . VAL A 1 80  ? -16.887 3.402   1.176   1.00 31.85 ? 80  VAL A CB  1 
ATOM   621  C CG1 . VAL A 1 80  ? -16.984 1.887   1.374   1.00 32.82 ? 80  VAL A CG1 1 
ATOM   622  C CG2 . VAL A 1 80  ? -17.053 3.781   -0.292  1.00 29.49 ? 80  VAL A CG2 1 
ATOM   623  N N   . ALA A 1 81  ? -18.679 6.406   2.264   1.00 27.62 ? 81  ALA A N   1 
ATOM   624  C CA  . ALA A 1 81  ? -18.528 7.818   2.567   1.00 26.48 ? 81  ALA A CA  1 
ATOM   625  C C   . ALA A 1 81  ? -19.426 8.140   3.754   1.00 30.28 ? 81  ALA A C   1 
ATOM   626  O O   . ALA A 1 81  ? -19.164 7.679   4.861   1.00 34.50 ? 81  ALA A O   1 
ATOM   627  C CB  . ALA A 1 81  ? -18.869 8.666   1.367   1.00 26.10 ? 81  ALA A CB  1 
ATOM   628  N N   . TYR A 1 82  ? -20.495 8.897   3.531   1.00 28.60 ? 82  TYR A N   1 
ATOM   629  C CA  . TYR A 1 82  ? -21.342 9.331   4.658   1.00 33.08 ? 82  TYR A CA  1 
ATOM   630  C C   . TYR A 1 82  ? -22.713 8.652   4.725   1.00 36.14 ? 82  TYR A C   1 
ATOM   631  O O   . TYR A 1 82  ? -23.545 8.995   5.571   1.00 33.75 ? 82  TYR A O   1 
ATOM   632  C CB  . TYR A 1 82  ? -21.476 10.853  4.690   1.00 30.63 ? 82  TYR A CB  1 
ATOM   633  C CG  . TYR A 1 82  ? -20.179 11.561  4.995   1.00 34.08 ? 82  TYR A CG  1 
ATOM   634  C CD1 . TYR A 1 82  ? -19.758 11.744  6.310   1.00 36.51 ? 82  TYR A CD1 1 
ATOM   635  C CD2 . TYR A 1 82  ? -19.360 12.029  3.974   1.00 32.14 ? 82  TYR A CD2 1 
ATOM   636  C CE1 . TYR A 1 82  ? -18.570 12.396  6.600   1.00 36.53 ? 82  TYR A CE1 1 
ATOM   637  C CE2 . TYR A 1 82  ? -18.164 12.673  4.252   1.00 31.31 ? 82  TYR A CE2 1 
ATOM   638  C CZ  . TYR A 1 82  ? -17.778 12.859  5.572   1.00 34.77 ? 82  TYR A CZ  1 
ATOM   639  O OH  . TYR A 1 82  ? -16.590 13.498  5.864   1.00 34.08 ? 82  TYR A OH  1 
ATOM   640  N N   . GLY A 1 83  ? -22.932 7.688   3.835   1.00 29.68 ? 83  GLY A N   1 
ATOM   641  C CA  . GLY A 1 83  ? -24.121 6.853   3.878   1.00 34.18 ? 83  GLY A CA  1 
ATOM   642  C C   . GLY A 1 83  ? -25.445 7.567   3.681   1.00 36.81 ? 83  GLY A C   1 
ATOM   643  O O   . GLY A 1 83  ? -25.525 8.628   3.058   1.00 35.82 ? 83  GLY A O   1 
ATOM   644  N N   . ALA A 1 84  ? -26.502 6.969   4.222   1.00 39.54 ? 84  ALA A N   1 
ATOM   645  C CA  . ALA A 1 84  ? -27.847 7.492   4.026   1.00 40.37 ? 84  ALA A CA  1 
ATOM   646  C C   . ALA A 1 84  ? -28.075 8.751   4.844   1.00 43.38 ? 84  ALA A C   1 
ATOM   647  O O   . ALA A 1 84  ? -28.873 9.597   4.463   1.00 44.17 ? 84  ALA A O   1 
ATOM   648  C CB  . ALA A 1 84  ? -28.888 6.434   4.370   1.00 46.54 ? 84  ALA A CB  1 
ATOM   649  N N   . THR A 1 85  ? -27.371 8.868   5.967   1.00 41.80 ? 85  THR A N   1 
ATOM   650  C CA  . THR A 1 85  ? -27.448 10.063  6.799   1.00 45.08 ? 85  THR A CA  1 
ATOM   651  C C   . THR A 1 85  ? -26.849 11.266  6.082   1.00 44.90 ? 85  THR A C   1 
ATOM   652  O O   . THR A 1 85  ? -27.479 12.324  5.969   1.00 47.22 ? 85  THR A O   1 
ATOM   653  C CB  . THR A 1 85  ? -26.681 9.884   8.129   1.00 47.27 ? 85  THR A CB  1 
ATOM   654  O OG1 . THR A 1 85  ? -27.077 8.664   8.768   1.00 57.57 ? 85  THR A OG1 1 
ATOM   655  C CG2 . THR A 1 85  ? -26.953 11.053  9.058   1.00 52.81 ? 85  THR A CG2 1 
ATOM   656  N N   . GLY A 1 86  ? -25.624 11.101  5.594   1.00 39.09 ? 86  GLY A N   1 
ATOM   657  C CA  . GLY A 1 86  ? -24.884 12.216  5.041   1.00 37.56 ? 86  GLY A CA  1 
ATOM   658  C C   . GLY A 1 86  ? -24.226 12.980  6.177   1.00 39.16 ? 86  GLY A C   1 
ATOM   659  O O   . GLY A 1 86  ? -24.068 12.458  7.281   1.00 41.08 ? 86  GLY A O   1 
ATOM   660  N N   . HIS A 1 87  ? -23.808 14.207  5.910   1.00 38.95 ? 87  HIS A N   1 
ATOM   661  C CA  . HIS A 1 87  ? -23.294 15.052  6.978   1.00 43.33 ? 87  HIS A CA  1 
ATOM   662  C C   . HIS A 1 87  ? -24.087 16.339  6.959   1.00 40.04 ? 87  HIS A C   1 
ATOM   663  O O   . HIS A 1 87  ? -23.912 17.161  6.064   1.00 40.75 ? 87  HIS A O   1 
ATOM   664  C CB  . HIS A 1 87  ? -21.797 15.331  6.819   1.00 42.23 ? 87  HIS A CB  1 
ATOM   665  C CG  . HIS A 1 87  ? -21.144 15.818  8.078   1.00 54.47 ? 87  HIS A CG  1 
ATOM   666  N ND1 . HIS A 1 87  ? -21.491 17.008  8.686   1.00 52.73 ? 87  HIS A ND1 1 
ATOM   667  C CD2 . HIS A 1 87  ? -20.182 15.268  8.858   1.00 57.56 ? 87  HIS A CD2 1 
ATOM   668  C CE1 . HIS A 1 87  ? -20.772 17.169  9.780   1.00 52.12 ? 87  HIS A CE1 1 
ATOM   669  N NE2 . HIS A 1 87  ? -19.966 16.128  9.907   1.00 59.10 ? 87  HIS A NE2 1 
ATOM   670  N N   . PRO A 1 88  ? -24.987 16.506  7.942   1.00 48.49 ? 88  PRO A N   1 
ATOM   671  C CA  . PRO A 1 88  ? -25.938 17.625  7.983   1.00 45.44 ? 88  PRO A CA  1 
ATOM   672  C C   . PRO A 1 88  ? -25.271 18.971  7.736   1.00 42.61 ? 88  PRO A C   1 
ATOM   673  O O   . PRO A 1 88  ? -24.344 19.357  8.451   1.00 47.08 ? 88  PRO A O   1 
ATOM   674  C CB  . PRO A 1 88  ? -26.518 17.554  9.406   1.00 49.67 ? 88  PRO A CB  1 
ATOM   675  C CG  . PRO A 1 88  ? -25.608 16.613  10.171  1.00 56.30 ? 88  PRO A CG  1 
ATOM   676  C CD  . PRO A 1 88  ? -25.089 15.657  9.141   1.00 50.78 ? 88  PRO A CD  1 
ATOM   677  N N   . GLY A 1 89  ? -25.737 19.666  6.704   1.00 40.92 ? 89  GLY A N   1 
ATOM   678  C CA  . GLY A 1 89  ? -25.170 20.948  6.332   1.00 40.60 ? 89  GLY A CA  1 
ATOM   679  C C   . GLY A 1 89  ? -24.048 20.827  5.317   1.00 39.90 ? 89  GLY A C   1 
ATOM   680  O O   . GLY A 1 89  ? -23.776 21.768  4.580   1.00 39.93 ? 89  GLY A O   1 
ATOM   681  N N   . VAL A 1 90  ? -23.407 19.663  5.262   1.00 37.15 ? 90  VAL A N   1 
ATOM   682  C CA  . VAL A 1 90  ? -22.206 19.508  4.440   1.00 36.75 ? 90  VAL A CA  1 
ATOM   683  C C   . VAL A 1 90  ? -22.409 18.534  3.284   1.00 32.82 ? 90  VAL A C   1 
ATOM   684  O O   . VAL A 1 90  ? -22.162 18.857  2.119   1.00 35.09 ? 90  VAL A O   1 
ATOM   685  C CB  . VAL A 1 90  ? -21.022 19.000  5.284   1.00 37.57 ? 90  VAL A CB  1 
ATOM   686  C CG1 . VAL A 1 90  ? -19.758 18.940  4.439   1.00 32.00 ? 90  VAL A CG1 1 
ATOM   687  C CG2 . VAL A 1 90  ? -20.814 19.891  6.498   1.00 39.14 ? 90  VAL A CG2 1 
ATOM   688  N N   . ILE A 1 91  ? -22.846 17.332  3.624   1.00 34.92 ? 91  ILE A N   1 
ATOM   689  C CA  . ILE A 1 91  ? -22.988 16.260  2.645   1.00 35.17 ? 91  ILE A CA  1 
ATOM   690  C C   . ILE A 1 91  ? -24.426 15.772  2.671   1.00 33.51 ? 91  ILE A C   1 
ATOM   691  O O   . ILE A 1 91  ? -24.889 15.289  3.705   1.00 36.08 ? 91  ILE A O   1 
ATOM   692  C CB  . ILE A 1 91  ? -22.081 15.053  2.992   1.00 34.52 ? 91  ILE A CB  1 
ATOM   693  C CG1 . ILE A 1 91  ? -20.638 15.495  3.270   1.00 32.82 ? 91  ILE A CG1 1 
ATOM   694  C CG2 . ILE A 1 91  ? -22.145 14.000  1.889   1.00 29.02 ? 91  ILE A CG2 1 
ATOM   695  C CD1 . ILE A 1 91  ? -19.893 15.994  2.035   1.00 31.68 ? 91  ILE A CD1 1 
ATOM   696  N N   . PRO A 1 92  ? -25.124 15.859  1.528   1.00 35.00 ? 92  PRO A N   1 
ATOM   697  C CA  . PRO A 1 92  ? -26.504 15.359  1.436   1.00 37.20 ? 92  PRO A CA  1 
ATOM   698  C C   . PRO A 1 92  ? -26.542 13.850  1.635   1.00 34.39 ? 92  PRO A C   1 
ATOM   699  O O   . PRO A 1 92  ? -25.501 13.203  1.528   1.00 33.20 ? 92  PRO A O   1 
ATOM   700  C CB  . PRO A 1 92  ? -26.916 15.720  0.007   1.00 37.92 ? 92  PRO A CB  1 
ATOM   701  C CG  . PRO A 1 92  ? -25.655 15.850  -0.738  1.00 40.87 ? 92  PRO A CG  1 
ATOM   702  C CD  . PRO A 1 92  ? -24.634 16.364  0.236   1.00 33.80 ? 92  PRO A CD  1 
ATOM   703  N N   . PRO A 1 93  ? -27.718 13.300  1.963   1.00 39.34 ? 93  PRO A N   1 
ATOM   704  C CA  . PRO A 1 93  ? -27.893 11.849  2.086   1.00 37.95 ? 93  PRO A CA  1 
ATOM   705  C C   . PRO A 1 93  ? -27.519 11.140  0.792   1.00 34.80 ? 93  PRO A C   1 
ATOM   706  O O   . PRO A 1 93  ? -27.694 11.710  -0.283  1.00 34.57 ? 93  PRO A O   1 
ATOM   707  C CB  . PRO A 1 93  ? -29.393 11.713  2.333   1.00 38.55 ? 93  PRO A CB  1 
ATOM   708  C CG  . PRO A 1 93  ? -29.741 12.970  3.088   1.00 38.90 ? 93  PRO A CG  1 
ATOM   709  C CD  . PRO A 1 93  ? -28.898 14.042  2.448   1.00 39.96 ? 93  PRO A CD  1 
ATOM   710  N N   . ASN A 1 94  ? -26.997 9.926   0.918   1.00 35.82 ? 94  ASN A N   1 
ATOM   711  C CA  . ASN A 1 94  ? -26.635 9.089   -0.235  1.00 37.91 ? 94  ASN A CA  1 
ATOM   712  C C   . ASN A 1 94  ? -25.802 9.814   -1.272  1.00 35.04 ? 94  ASN A C   1 
ATOM   713  O O   . ASN A 1 94  ? -26.089 9.742   -2.468  1.00 36.96 ? 94  ASN A O   1 
ATOM   714  C CB  . ASN A 1 94  ? -27.893 8.534   -0.903  1.00 41.01 ? 94  ASN A CB  1 
ATOM   715  C CG  . ASN A 1 94  ? -28.710 7.691   0.035   1.00 41.96 ? 94  ASN A CG  1 
ATOM   716  O OD1 . ASN A 1 94  ? -28.178 6.819   0.725   1.00 47.42 ? 94  ASN A OD1 1 
ATOM   717  N ND2 . ASN A 1 94  ? -30.013 7.958   0.091   1.00 48.42 ? 94  ASN A ND2 1 
ATOM   718  N N   . ALA A 1 95  ? -24.777 10.524  -0.815  1.00 30.96 ? 95  ALA A N   1 
ATOM   719  C CA  . ALA A 1 95  ? -23.956 11.309  -1.723  1.00 31.50 ? 95  ALA A CA  1 
ATOM   720  C C   . ALA A 1 95  ? -22.738 10.516  -2.190  1.00 29.69 ? 95  ALA A C   1 
ATOM   721  O O   . ALA A 1 95  ? -21.998 9.966   -1.376  1.00 29.72 ? 95  ALA A O   1 
ATOM   722  C CB  . ALA A 1 95  ? -23.517 12.598  -1.057  1.00 32.26 ? 95  ALA A CB  1 
ATOM   723  N N   . THR A 1 96  ? -22.545 10.466  -3.506  1.00 28.61 ? 96  THR A N   1 
ATOM   724  C CA  . THR A 1 96  ? -21.283 9.990   -4.078  1.00 29.49 ? 96  THR A CA  1 
ATOM   725  C C   . THR A 1 96  ? -20.296 11.146  -4.060  1.00 28.62 ? 96  THR A C   1 
ATOM   726  O O   . THR A 1 96  ? -20.638 12.269  -4.433  1.00 30.05 ? 96  THR A O   1 
ATOM   727  C CB  . THR A 1 96  ? -21.468 9.511   -5.519  1.00 28.30 ? 96  THR A CB  1 
ATOM   728  O OG1 . THR A 1 96  ? -22.266 8.325   -5.520  1.00 27.56 ? 96  THR A OG1 1 
ATOM   729  C CG2 . THR A 1 96  ? -20.109 9.209   -6.161  1.00 31.04 ? 96  THR A CG2 1 
ATOM   730  N N   . LEU A 1 97  ? -19.075 10.889  -3.609  1.00 27.64 ? 97  LEU A N   1 
ATOM   731  C CA  . LEU A 1 97  ? -18.105 11.963  -3.467  1.00 27.96 ? 97  LEU A CA  1 
ATOM   732  C C   . LEU A 1 97  ? -16.934 11.735  -4.407  1.00 28.05 ? 97  LEU A C   1 
ATOM   733  O O   . LEU A 1 97  ? -16.643 10.595  -4.773  1.00 29.01 ? 97  LEU A O   1 
ATOM   734  C CB  . LEU A 1 97  ? -17.606 12.043  -2.027  1.00 27.65 ? 97  LEU A CB  1 
ATOM   735  C CG  . LEU A 1 97  ? -18.702 12.095  -0.964  1.00 26.77 ? 97  LEU A CG  1 
ATOM   736  C CD1 . LEU A 1 97  ? -18.042 12.223  0.396   1.00 28.28 ? 97  LEU A CD1 1 
ATOM   737  C CD2 . LEU A 1 97  ? -19.661 13.251  -1.227  1.00 25.49 ? 97  LEU A CD2 1 
ATOM   738  N N   . ILE A 1 98  ? -16.287 12.829  -4.786  1.00 26.15 ? 98  ILE A N   1 
ATOM   739  C CA  . ILE A 1 98  ? -15.088 12.800  -5.625  1.00 28.64 ? 98  ILE A CA  1 
ATOM   740  C C   . ILE A 1 98  ? -13.955 13.474  -4.855  1.00 30.92 ? 98  ILE A C   1 
ATOM   741  O O   . ILE A 1 98  ? -14.090 14.623  -4.414  1.00 27.81 ? 98  ILE A O   1 
ATOM   742  C CB  . ILE A 1 98  ? -15.275 13.625  -6.931  1.00 31.57 ? 98  ILE A CB  1 
ATOM   743  C CG1 . ILE A 1 98  ? -16.503 13.167  -7.727  1.00 32.41 ? 98  ILE A CG1 1 
ATOM   744  C CG2 . ILE A 1 98  ? -13.991 13.589  -7.779  1.00 29.65 ? 98  ILE A CG2 1 
ATOM   745  C CD1 . ILE A 1 98  ? -16.503 11.714  -8.048  1.00 35.82 ? 98  ILE A CD1 1 
ATOM   746  N N   . PHE A 1 99  ? -12.841 12.769  -4.685  1.00 24.73 ? 99  PHE A N   1 
ATOM   747  C CA  . PHE A 1 99  ? -11.680 13.366  -4.043  1.00 26.07 ? 99  PHE A CA  1 
ATOM   748  C C   . PHE A 1 99  ? -10.514 13.405  -5.027  1.00 29.64 ? 99  PHE A C   1 
ATOM   749  O O   . PHE A 1 99  ? -10.202 12.392  -5.641  1.00 28.40 ? 99  PHE A O   1 
ATOM   750  C CB  . PHE A 1 99  ? -11.263 12.541  -2.823  1.00 25.67 ? 99  PHE A CB  1 
ATOM   751  C CG  . PHE A 1 99  ? -12.052 12.830  -1.578  1.00 28.01 ? 99  PHE A CG  1 
ATOM   752  C CD1 . PHE A 1 99  ? -13.362 12.416  -1.464  1.00 26.77 ? 99  PHE A CD1 1 
ATOM   753  C CD2 . PHE A 1 99  ? -11.462 13.478  -0.507  1.00 28.80 ? 99  PHE A CD2 1 
ATOM   754  C CE1 . PHE A 1 99  ? -14.081 12.654  -0.315  1.00 27.29 ? 99  PHE A CE1 1 
ATOM   755  C CE2 . PHE A 1 99  ? -12.188 13.721  0.662   1.00 32.94 ? 99  PHE A CE2 1 
ATOM   756  C CZ  . PHE A 1 99  ? -13.504 13.302  0.741   1.00 27.57 ? 99  PHE A CZ  1 
ATOM   757  N N   . ASP A 1 100 ? -9.898  14.574  -5.171  1.00 26.56 ? 100 ASP A N   1 
ATOM   758  C CA  . ASP A 1 100 ? -8.646  14.737  -5.898  1.00 29.67 ? 100 ASP A CA  1 
ATOM   759  C C   . ASP A 1 100 ? -7.559  14.555  -4.856  1.00 28.07 ? 100 ASP A C   1 
ATOM   760  O O   . ASP A 1 100 ? -7.447  15.360  -3.931  1.00 27.80 ? 100 ASP A O   1 
ATOM   761  C CB  . ASP A 1 100 ? -8.561  16.148  -6.489  1.00 30.98 ? 100 ASP A CB  1 
ATOM   762  C CG  . ASP A 1 100 ? -7.359  16.336  -7.423  1.00 36.37 ? 100 ASP A CG  1 
ATOM   763  O OD1 . ASP A 1 100 ? -6.237  15.913  -7.075  1.00 35.60 ? 100 ASP A OD1 1 
ATOM   764  O OD2 . ASP A 1 100 ? -7.543  16.919  -8.513  1.00 39.66 ? 100 ASP A OD2 1 
ATOM   765  N N   . VAL A 1 101 ? -6.766  13.495  -4.984  1.00 26.47 ? 101 VAL A N   1 
ATOM   766  C CA  . VAL A 1 101 ? -5.789  13.156  -3.943  1.00 24.92 ? 101 VAL A CA  1 
ATOM   767  C C   . VAL A 1 101 ? -4.378  13.015  -4.516  1.00 26.74 ? 101 VAL A C   1 
ATOM   768  O O   . VAL A 1 101 ? -4.184  12.339  -5.520  1.00 27.52 ? 101 VAL A O   1 
ATOM   769  C CB  . VAL A 1 101 ? -6.170  11.856  -3.195  1.00 26.86 ? 101 VAL A CB  1 
ATOM   770  C CG1 . VAL A 1 101 ? -5.114  11.505  -2.124  1.00 29.10 ? 101 VAL A CG1 1 
ATOM   771  C CG2 . VAL A 1 101 ? -7.565  11.979  -2.552  1.00 26.67 ? 101 VAL A CG2 1 
ATOM   772  N N   . GLU A 1 102 ? -3.411  13.663  -3.871  1.00 26.06 ? 102 GLU A N   1 
ATOM   773  C CA  . GLU A 1 102 ? -2.002  13.501  -4.224  1.00 30.86 ? 102 GLU A CA  1 
ATOM   774  C C   . GLU A 1 102 ? -1.210  12.991  -3.030  1.00 27.58 ? 102 GLU A C   1 
ATOM   775  O O   . GLU A 1 102 ? -1.201  13.599  -1.977  1.00 28.49 ? 102 GLU A O   1 
ATOM   776  C CB  . GLU A 1 102 ? -1.397  14.819  -4.723  1.00 29.21 ? 102 GLU A CB  1 
ATOM   777  C CG  . GLU A 1 102 ? -0.026  14.627  -5.363  1.00 33.78 ? 102 GLU A CG  1 
ATOM   778  C CD  . GLU A 1 102 ? 0.524   15.908  -5.962  1.00 41.55 ? 102 GLU A CD  1 
ATOM   779  O OE1 . GLU A 1 102 ? 0.002   16.989  -5.618  1.00 45.19 ? 102 GLU A OE1 1 
ATOM   780  O OE2 . GLU A 1 102 ? 1.468   15.833  -6.782  1.00 43.87 ? 102 GLU A OE2 1 
ATOM   781  N N   . LEU A 1 103 ? -0.535  11.868  -3.210  1.00 29.11 ? 103 LEU A N   1 
ATOM   782  C CA  . LEU A 1 103 ? 0.199   11.247  -2.127  1.00 25.70 ? 103 LEU A CA  1 
ATOM   783  C C   . LEU A 1 103 ? 1.609   11.827  -2.076  1.00 28.66 ? 103 LEU A C   1 
ATOM   784  O O   . LEU A 1 103 ? 2.438   11.517  -2.924  1.00 28.95 ? 103 LEU A O   1 
ATOM   785  C CB  . LEU A 1 103 ? 0.232   9.736   -2.352  1.00 26.86 ? 103 LEU A CB  1 
ATOM   786  C CG  . LEU A 1 103 ? 0.929   8.899   -1.286  1.00 28.75 ? 103 LEU A CG  1 
ATOM   787  C CD1 . LEU A 1 103 ? 0.528   9.338   0.118   1.00 29.31 ? 103 LEU A CD1 1 
ATOM   788  C CD2 . LEU A 1 103 ? 0.603   7.421   -1.521  1.00 29.62 ? 103 LEU A CD2 1 
ATOM   789  N N   . LEU A 1 104 ? 1.866   12.679  -1.089  1.00 25.70 ? 104 LEU A N   1 
ATOM   790  C CA  . LEU A 1 104 ? 3.099   13.460  -1.023  1.00 30.72 ? 104 LEU A CA  1 
ATOM   791  C C   . LEU A 1 104 ? 4.221   12.784  -0.248  1.00 31.03 ? 104 LEU A C   1 
ATOM   792  O O   . LEU A 1 104 ? 5.396   12.979  -0.557  1.00 30.12 ? 104 LEU A O   1 
ATOM   793  C CB  . LEU A 1 104 ? 2.831   14.820  -0.376  1.00 26.34 ? 104 LEU A CB  1 
ATOM   794  C CG  . LEU A 1 104 ? 1.738   15.647  -1.050  1.00 28.94 ? 104 LEU A CG  1 
ATOM   795  C CD1 . LEU A 1 104 ? 1.551   16.960  -0.295  1.00 31.55 ? 104 LEU A CD1 1 
ATOM   796  C CD2 . LEU A 1 104 ? 2.101   15.891  -2.507  1.00 32.91 ? 104 LEU A CD2 1 
ATOM   797  N N   . ASN A 1 105 ? 3.860   12.020  0.774   1.00 27.34 ? 105 ASN A N   1 
ATOM   798  C CA  . ASN A 1 105 ? 4.862   11.366  1.615   1.00 31.83 ? 105 ASN A CA  1 
ATOM   799  C C   . ASN A 1 105 ? 4.233   10.229  2.416   1.00 32.80 ? 105 ASN A C   1 
ATOM   800  O O   . ASN A 1 105 ? 3.015   10.186  2.601   1.00 30.60 ? 105 ASN A O   1 
ATOM   801  C CB  . ASN A 1 105 ? 5.547   12.387  2.539   1.00 34.03 ? 105 ASN A CB  1 
ATOM   802  C CG  . ASN A 1 105 ? 6.941   11.939  2.997   1.00 38.43 ? 105 ASN A CG  1 
ATOM   803  O OD1 . ASN A 1 105 ? 7.461   10.931  2.536   1.00 34.98 ? 105 ASN A OD1 1 
ATOM   804  N ND2 . ASN A 1 105 ? 7.538   12.697  3.911   1.00 41.81 ? 105 ASN A ND2 1 
ATOM   805  N N   . LEU A 1 106 ? 5.069   9.296   2.857   1.00 32.74 ? 106 LEU A N   1 
ATOM   806  C CA  . LEU A 1 106 ? 4.679   8.244   3.789   1.00 34.19 ? 106 LEU A CA  1 
ATOM   807  C C   . LEU A 1 106 ? 5.638   8.321   4.972   1.00 39.98 ? 106 LEU A C   1 
ATOM   808  O O   . LEU A 1 106 ? 6.850   8.395   4.785   1.00 37.72 ? 106 LEU A O   1 
ATOM   809  C CB  . LEU A 1 106 ? 4.795   6.859   3.140   1.00 35.43 ? 106 LEU A CB  1 
ATOM   810  C CG  . LEU A 1 106 ? 3.846   6.532   1.993   1.00 39.04 ? 106 LEU A CG  1 
ATOM   811  C CD1 . LEU A 1 106 ? 3.980   5.087   1.554   1.00 37.50 ? 106 LEU A CD1 1 
ATOM   812  C CD2 . LEU A 1 106 ? 2.454   6.773   2.466   1.00 38.14 ? 106 LEU A CD2 1 
ATOM   813  N N   . GLU A 1 107 ? 5.109   8.305   6.185   1.00 37.16 ? 107 GLU A N   1 
ATOM   814  C CA  . GLU A 1 107 ? 5.963   8.410   7.366   1.00 44.26 ? 107 GLU A CA  1 
ATOM   815  C C   . GLU A 1 107 ? 6.086   7.079   8.107   1.00 48.31 ? 107 GLU A C   1 
ATOM   816  O O   . GLU A 1 107 ? 5.166   6.260   8.116   1.00 47.79 ? 107 GLU A O   1 
ATOM   817  C CB  . GLU A 1 107 ? 5.456   9.503   8.305   1.00 41.32 ? 107 GLU A CB  1 
ATOM   818  C CG  . GLU A 1 107 ? 5.307   10.854  7.630   1.00 43.24 ? 107 GLU A CG  1 
ATOM   819  C CD  . GLU A 1 107 ? 4.995   11.970  8.610   1.00 45.69 ? 107 GLU A CD  1 
ATOM   820  O OE1 . GLU A 1 107 ? 4.599   11.675  9.761   1.00 47.93 ? 107 GLU A OE1 1 
ATOM   821  O OE2 . GLU A 1 107 ? 5.152   13.150  8.230   1.00 49.48 ? 107 GLU A OE2 1 
ATOM   822  O OXT . GLU A 1 107 ? 7.120   6.791   8.715   1.00 54.66 ? 107 GLU A OXT 1 
ATOM   823  N N   . GLY B 1 1   ? 18.493  -13.748 9.158   1.00 38.53 ? 1   GLY B N   1 
ATOM   824  C CA  . GLY B 1 1   ? 18.287  -13.709 7.721   1.00 39.16 ? 1   GLY B CA  1 
ATOM   825  C C   . GLY B 1 1   ? 16.884  -14.141 7.307   1.00 40.65 ? 1   GLY B C   1 
ATOM   826  O O   . GLY B 1 1   ? 15.906  -13.887 8.016   1.00 36.01 ? 1   GLY B O   1 
ATOM   827  N N   . VAL B 1 2   ? 16.789  -14.798 6.151   1.00 38.08 ? 2   VAL B N   1 
ATOM   828  C CA  . VAL B 1 2   ? 15.503  -15.226 5.609   1.00 37.75 ? 2   VAL B CA  1 
ATOM   829  C C   . VAL B 1 2   ? 15.472  -16.725 5.430   1.00 38.43 ? 2   VAL B C   1 
ATOM   830  O O   . VAL B 1 2   ? 16.421  -17.306 4.895   1.00 40.67 ? 2   VAL B O   1 
ATOM   831  C CB  . VAL B 1 2   ? 15.282  -14.675 4.204   1.00 39.88 ? 2   VAL B CB  1 
ATOM   832  C CG1 . VAL B 1 2   ? 13.807  -14.824 3.796   1.00 32.88 ? 2   VAL B CG1 1 
ATOM   833  C CG2 . VAL B 1 2   ? 15.770  -13.259 4.131   1.00 40.83 ? 2   VAL B CG2 1 
ATOM   834  N N   . GLU B 1 3   ? 14.375  -17.344 5.845   1.00 38.06 ? 3   GLU B N   1 
ATOM   835  C CA  . GLU B 1 3   ? 14.149  -18.751 5.544   1.00 45.11 ? 3   GLU B CA  1 
ATOM   836  C C   . GLU B 1 3   ? 12.990  -18.917 4.569   1.00 38.98 ? 3   GLU B C   1 
ATOM   837  O O   . GLU B 1 3   ? 11.946  -18.289 4.721   1.00 38.60 ? 3   GLU B O   1 
ATOM   838  C CB  . GLU B 1 3   ? 13.915  -19.557 6.827   1.00 41.88 ? 3   GLU B CB  1 
ATOM   839  C CG  . GLU B 1 3   ? 15.124  -19.544 7.775   1.00 41.28 ? 3   GLU B CG  1 
ATOM   840  C CD  . GLU B 1 3   ? 16.423  -19.956 7.093   1.00 46.09 ? 3   GLU B CD  1 
ATOM   841  O OE1 . GLU B 1 3   ? 16.383  -20.830 6.197   1.00 44.47 ? 3   GLU B OE1 1 
ATOM   842  O OE2 . GLU B 1 3   ? 17.487  -19.400 7.453   1.00 49.08 ? 3   GLU B OE2 1 
ATOM   843  N N   . ILE B 1 4   ? 13.193  -19.763 3.567   1.00 41.33 ? 4   ILE B N   1 
ATOM   844  C CA  . ILE B 1 4   ? 12.193  -20.000 2.534   1.00 40.81 ? 4   ILE B CA  1 
ATOM   845  C C   . ILE B 1 4   ? 11.484  -21.327 2.761   1.00 41.66 ? 4   ILE B C   1 
ATOM   846  O O   . ILE B 1 4   ? 12.135  -22.367 2.860   1.00 45.77 ? 4   ILE B O   1 
ATOM   847  C CB  . ILE B 1 4   ? 12.860  -20.129 1.149   1.00 46.21 ? 4   ILE B CB  1 
ATOM   848  C CG1 . ILE B 1 4   ? 14.004  -19.119 0.977   1.00 46.33 ? 4   ILE B CG1 1 
ATOM   849  C CG2 . ILE B 1 4   ? 11.813  -20.060 0.032   1.00 45.73 ? 4   ILE B CG2 1 
ATOM   850  C CD1 . ILE B 1 4   ? 13.580  -17.687 1.054   1.00 44.74 ? 4   ILE B CD1 1 
ATOM   851  N N   . GLU B 1 5   ? 10.160  -21.304 2.831   1.00 37.22 ? 5   GLU B N   1 
ATOM   852  C CA  . GLU B 1 5   ? 9.390   -22.542 2.761   1.00 42.71 ? 5   GLU B CA  1 
ATOM   853  C C   . GLU B 1 5   ? 8.537   -22.540 1.493   1.00 41.97 ? 5   GLU B C   1 
ATOM   854  O O   . GLU B 1 5   ? 7.622   -21.732 1.354   1.00 40.43 ? 5   GLU B O   1 
ATOM   855  C CB  . GLU B 1 5   ? 8.496   -22.706 3.986   1.00 44.11 ? 5   GLU B CB  1 
ATOM   856  C CG  . GLU B 1 5   ? 7.719   -24.007 3.985   1.00 54.57 ? 5   GLU B CG  1 
ATOM   857  C CD  . GLU B 1 5   ? 6.431   -23.925 4.786   1.00 60.99 ? 5   GLU B CD  1 
ATOM   858  O OE1 . GLU B 1 5   ? 6.258   -22.947 5.547   1.00 63.98 ? 5   GLU B OE1 1 
ATOM   859  O OE2 . GLU B 1 5   ? 5.588   -24.843 4.643   1.00 66.92 ? 5   GLU B OE2 1 
ATOM   860  N N   . THR B 1 6   ? 8.833   -23.443 0.567   1.00 41.78 ? 6   THR B N   1 
ATOM   861  C CA  . THR B 1 6   ? 8.117   -23.480 -0.704  1.00 35.24 ? 6   THR B CA  1 
ATOM   862  C C   . THR B 1 6   ? 6.665   -23.960 -0.577  1.00 41.71 ? 6   THR B C   1 
ATOM   863  O O   . THR B 1 6   ? 6.397   -25.017 -0.004  1.00 42.27 ? 6   THR B O   1 
ATOM   864  C CB  . THR B 1 6   ? 8.873   -24.339 -1.710  1.00 40.05 ? 6   THR B CB  1 
ATOM   865  O OG1 . THR B 1 6   ? 10.146  -23.742 -1.953  1.00 41.47 ? 6   THR B OG1 1 
ATOM   866  C CG2 . THR B 1 6   ? 8.106   -24.448 -3.023  1.00 39.69 ? 6   THR B CG2 1 
ATOM   867  N N   . ILE B 1 7   ? 5.733   -23.163 -1.094  1.00 39.76 ? 7   ILE B N   1 
ATOM   868  C CA  . ILE B 1 7   ? 4.318   -23.518 -1.136  1.00 38.41 ? 7   ILE B CA  1 
ATOM   869  C C   . ILE B 1 7   ? 4.015   -24.248 -2.456  1.00 44.75 ? 7   ILE B C   1 
ATOM   870  O O   . ILE B 1 7   ? 3.395   -25.314 -2.468  1.00 45.87 ? 7   ILE B O   1 
ATOM   871  C CB  . ILE B 1 7   ? 3.418   -22.270 -0.987  1.00 39.77 ? 7   ILE B CB  1 
ATOM   872  C CG1 . ILE B 1 7   ? 3.669   -21.595 0.362   1.00 43.78 ? 7   ILE B CG1 1 
ATOM   873  C CG2 . ILE B 1 7   ? 1.953   -22.645 -1.099  1.00 42.40 ? 7   ILE B CG2 1 
ATOM   874  C CD1 . ILE B 1 7   ? 3.096   -20.206 0.464   1.00 42.29 ? 7   ILE B CD1 1 
ATOM   875  N N   . SER B 1 8   ? 4.479   -23.677 -3.564  1.00 38.23 ? 8   SER B N   1 
ATOM   876  C CA  . SER B 1 8   ? 4.464   -24.370 -4.851  1.00 39.50 ? 8   SER B CA  1 
ATOM   877  C C   . SER B 1 8   ? 5.743   -24.025 -5.595  1.00 37.80 ? 8   SER B C   1 
ATOM   878  O O   . SER B 1 8   ? 6.210   -22.892 -5.522  1.00 36.84 ? 8   SER B O   1 
ATOM   879  C CB  . SER B 1 8   ? 3.233   -23.987 -5.677  1.00 41.69 ? 8   SER B CB  1 
ATOM   880  O OG  . SER B 1 8   ? 3.390   -22.722 -6.288  1.00 47.06 ? 8   SER B OG  1 
ATOM   881  N N   . PRO B 1 9   ? 6.329   -25.010 -6.289  1.00 38.33 ? 9   PRO B N   1 
ATOM   882  C CA  . PRO B 1 9   ? 7.635   -24.864 -6.936  1.00 37.65 ? 9   PRO B CA  1 
ATOM   883  C C   . PRO B 1 9   ? 7.606   -23.947 -8.144  1.00 36.50 ? 9   PRO B C   1 
ATOM   884  O O   . PRO B 1 9   ? 6.557   -23.770 -8.771  1.00 37.63 ? 9   PRO B O   1 
ATOM   885  C CB  . PRO B 1 9   ? 7.959   -26.295 -7.396  1.00 40.86 ? 9   PRO B CB  1 
ATOM   886  C CG  . PRO B 1 9   ? 6.617   -26.928 -7.569  1.00 39.06 ? 9   PRO B CG  1 
ATOM   887  C CD  . PRO B 1 9   ? 5.799   -26.379 -6.435  1.00 40.23 ? 9   PRO B CD  1 
ATOM   888  N N   . GLY B 1 10  ? 8.767   -23.385 -8.467  1.00 36.26 ? 10  GLY B N   1 
ATOM   889  C CA  . GLY B 1 10  ? 8.926   -22.587 -9.671  1.00 36.39 ? 10  GLY B CA  1 
ATOM   890  C C   . GLY B 1 10  ? 9.649   -23.427 -10.703 1.00 35.44 ? 10  GLY B C   1 
ATOM   891  O O   . GLY B 1 10  ? 9.736   -24.649 -10.535 1.00 34.16 ? 10  GLY B O   1 
ATOM   892  N N   . ASP B 1 11  ? 10.170  -22.796 -11.754 1.00 31.06 ? 11  ASP B N   1 
ATOM   893  C CA  . ASP B 1 11  ? 10.810  -23.541 -12.840 1.00 33.67 ? 11  ASP B CA  1 
ATOM   894  C C   . ASP B 1 11  ? 12.204  -24.038 -12.456 1.00 37.87 ? 11  ASP B C   1 
ATOM   895  O O   . ASP B 1 11  ? 12.807  -24.840 -13.170 1.00 36.67 ? 11  ASP B O   1 
ATOM   896  C CB  . ASP B 1 11  ? 10.841  -22.747 -14.155 1.00 30.22 ? 11  ASP B CB  1 
ATOM   897  C CG  . ASP B 1 11  ? 11.798  -21.550 -14.129 1.00 34.24 ? 11  ASP B CG  1 
ATOM   898  O OD1 . ASP B 1 11  ? 12.541  -21.343 -13.140 1.00 32.42 ? 11  ASP B OD1 1 
ATOM   899  O OD2 . ASP B 1 11  ? 11.816  -20.811 -15.141 1.00 34.10 ? 11  ASP B OD2 1 
ATOM   900  N N   . GLY B 1 12  ? 12.710  -23.534 -11.334 1.00 35.02 ? 12  GLY B N   1 
ATOM   901  C CA  . GLY B 1 12  ? 13.992  -23.957 -10.805 1.00 35.79 ? 12  GLY B CA  1 
ATOM   902  C C   . GLY B 1 12  ? 15.201  -23.557 -11.622 1.00 36.37 ? 12  GLY B C   1 
ATOM   903  O O   . GLY B 1 12  ? 16.284  -24.107 -11.423 1.00 40.14 ? 12  GLY B O   1 
ATOM   904  N N   . ARG B 1 13  ? 15.046  -22.606 -12.537 1.00 32.67 ? 13  ARG B N   1 
ATOM   905  C CA  . ARG B 1 13  ? 16.194  -22.169 -13.315 1.00 36.06 ? 13  ARG B CA  1 
ATOM   906  C C   . ARG B 1 13  ? 16.245  -20.670 -13.604 1.00 34.24 ? 13  ARG B C   1 
ATOM   907  O O   . ARG B 1 13  ? 17.298  -20.141 -13.942 1.00 36.85 ? 13  ARG B O   1 
ATOM   908  C CB  . ARG B 1 13  ? 16.341  -22.984 -14.604 1.00 42.14 ? 13  ARG B CB  1 
ATOM   909  C CG  . ARG B 1 13  ? 15.382  -22.634 -15.711 1.00 44.22 ? 13  ARG B CG  1 
ATOM   910  C CD  . ARG B 1 13  ? 15.666  -23.476 -16.962 1.00 45.42 ? 13  ARG B CD  1 
ATOM   911  N NE  . ARG B 1 13  ? 15.558  -24.905 -16.692 1.00 43.77 ? 13  ARG B NE  1 
ATOM   912  C CZ  . ARG B 1 13  ? 14.419  -25.588 -16.735 1.00 51.07 ? 13  ARG B CZ  1 
ATOM   913  N NH1 . ARG B 1 13  ? 13.283  -24.970 -17.041 1.00 47.64 ? 13  ARG B NH1 1 
ATOM   914  N NH2 . ARG B 1 13  ? 14.410  -26.891 -16.474 1.00 51.54 ? 13  ARG B NH2 1 
ATOM   915  N N   . THR B 1 14  ? 15.111  -19.991 -13.471 1.00 34.17 ? 14  THR B N   1 
ATOM   916  C CA  . THR B 1 14  ? 15.042  -18.562 -13.734 1.00 31.84 ? 14  THR B CA  1 
ATOM   917  C C   . THR B 1 14  ? 14.991  -17.804 -12.401 1.00 32.60 ? 14  THR B C   1 
ATOM   918  O O   . THR B 1 14  ? 13.936  -17.703 -11.781 1.00 33.50 ? 14  THR B O   1 
ATOM   919  C CB  . THR B 1 14  ? 13.804  -18.214 -14.600 1.00 34.83 ? 14  THR B CB  1 
ATOM   920  O OG1 . THR B 1 14  ? 13.716  -19.129 -15.703 1.00 37.09 ? 14  THR B OG1 1 
ATOM   921  C CG2 . THR B 1 14  ? 13.891  -16.787 -15.128 1.00 34.63 ? 14  THR B CG2 1 
ATOM   922  N N   . PHE B 1 15  ? 16.144  -17.296 -11.973 1.00 31.63 ? 15  PHE B N   1 
ATOM   923  C CA  . PHE B 1 15  ? 16.319  -16.637 -10.674 1.00 30.61 ? 15  PHE B CA  1 
ATOM   924  C C   . PHE B 1 15  ? 16.721  -15.184 -10.901 1.00 31.76 ? 15  PHE B C   1 
ATOM   925  O O   . PHE B 1 15  ? 17.469  -14.882 -11.831 1.00 31.39 ? 15  PHE B O   1 
ATOM   926  C CB  . PHE B 1 15  ? 17.431  -17.306 -9.847  1.00 30.35 ? 15  PHE B CB  1 
ATOM   927  C CG  . PHE B 1 15  ? 17.177  -18.751 -9.505  1.00 30.66 ? 15  PHE B CG  1 
ATOM   928  C CD1 . PHE B 1 15  ? 16.483  -19.092 -8.357  1.00 30.93 ? 15  PHE B CD1 1 
ATOM   929  C CD2 . PHE B 1 15  ? 17.642  -19.760 -10.330 1.00 33.27 ? 15  PHE B CD2 1 
ATOM   930  C CE1 . PHE B 1 15  ? 16.263  -20.416 -8.029  1.00 33.46 ? 15  PHE B CE1 1 
ATOM   931  C CE2 . PHE B 1 15  ? 17.415  -21.083 -10.021 1.00 33.42 ? 15  PHE B CE2 1 
ATOM   932  C CZ  . PHE B 1 15  ? 16.723  -21.415 -8.872  1.00 33.22 ? 15  PHE B CZ  1 
ATOM   933  N N   . PRO B 1 16  ? 16.260  -14.281 -10.023 1.00 30.97 ? 16  PRO B N   1 
ATOM   934  C CA  . PRO B 1 16  ? 16.553  -12.849 -10.166 1.00 29.94 ? 16  PRO B CA  1 
ATOM   935  C C   . PRO B 1 16  ? 18.047  -12.532 -10.026 1.00 28.77 ? 16  PRO B C   1 
ATOM   936  O O   . PRO B 1 16  ? 18.752  -13.157 -9.226  1.00 31.43 ? 16  PRO B O   1 
ATOM   937  C CB  . PRO B 1 16  ? 15.779  -12.214 -8.997  1.00 31.47 ? 16  PRO B CB  1 
ATOM   938  C CG  . PRO B 1 16  ? 14.784  -13.259 -8.544  1.00 33.65 ? 16  PRO B CG  1 
ATOM   939  C CD  . PRO B 1 16  ? 15.489  -14.570 -8.804  1.00 29.22 ? 16  PRO B CD  1 
ATOM   940  N N   . LYS B 1 17  ? 18.519  -11.566 -10.803 1.00 28.26 ? 17  LYS B N   1 
ATOM   941  C CA  . LYS B 1 17  ? 19.885  -11.075 -10.686 1.00 27.95 ? 17  LYS B CA  1 
ATOM   942  C C   . LYS B 1 17  ? 19.899  -9.756  -9.903  1.00 30.82 ? 17  LYS B C   1 
ATOM   943  O O   . LYS B 1 17  ? 18.860  -9.102  -9.752  1.00 30.65 ? 17  LYS B O   1 
ATOM   944  C CB  . LYS B 1 17  ? 20.487  -10.864 -12.075 1.00 28.63 ? 17  LYS B CB  1 
ATOM   945  C CG  . LYS B 1 17  ? 20.565  -12.134 -12.933 1.00 31.29 ? 17  LYS B CG  1 
ATOM   946  C CD  . LYS B 1 17  ? 21.181  -11.824 -14.294 1.00 36.49 ? 17  LYS B CD  1 
ATOM   947  C CE  . LYS B 1 17  ? 21.565  -13.093 -15.058 1.00 40.92 ? 17  LYS B CE  1 
ATOM   948  N NZ  . LYS B 1 17  ? 20.397  -13.974 -15.364 1.00 44.37 ? 17  LYS B NZ  1 
ATOM   949  N N   . LYS B 1 18  ? 21.065  -9.356  -9.410  1.00 28.91 ? 18  LYS B N   1 
ATOM   950  C CA  . LYS B 1 18  ? 21.168  -8.077  -8.685  1.00 34.63 ? 18  LYS B CA  1 
ATOM   951  C C   . LYS B 1 18  ? 20.754  -6.909  -9.587  1.00 33.20 ? 18  LYS B C   1 
ATOM   952  O O   . LYS B 1 18  ? 21.263  -6.788  -10.695 1.00 33.77 ? 18  LYS B O   1 
ATOM   953  C CB  . LYS B 1 18  ? 22.601  -7.855  -8.190  1.00 34.21 ? 18  LYS B CB  1 
ATOM   954  C CG  . LYS B 1 18  ? 22.765  -6.583  -7.365  1.00 41.88 ? 18  LYS B CG  1 
ATOM   955  C CD  . LYS B 1 18  ? 24.217  -6.394  -6.903  1.00 49.33 ? 18  LYS B CD  1 
ATOM   956  C CE  . LYS B 1 18  ? 24.635  -7.408  -5.832  1.00 47.96 ? 18  LYS B CE  1 
ATOM   957  N NZ  . LYS B 1 18  ? 26.137  -7.391  -5.585  1.00 45.45 ? 18  LYS B NZ  1 
ATOM   958  N N   . GLY B 1 19  ? 19.831  -6.060  -9.123  1.00 29.05 ? 19  GLY B N   1 
ATOM   959  C CA  . GLY B 1 19  ? 19.376  -4.917  -9.909  1.00 28.58 ? 19  GLY B CA  1 
ATOM   960  C C   . GLY B 1 19  ? 18.209  -5.177  -10.856 1.00 28.33 ? 19  GLY B C   1 
ATOM   961  O O   . GLY B 1 19  ? 17.668  -4.259  -11.467 1.00 26.93 ? 19  GLY B O   1 
ATOM   962  N N   . GLN B 1 20  ? 17.810  -6.437  -10.981 1.00 27.51 ? 20  GLN B N   1 
ATOM   963  C CA  . GLN B 1 20  ? 16.769  -6.815  -11.928 1.00 30.27 ? 20  GLN B CA  1 
ATOM   964  C C   . GLN B 1 20  ? 15.382  -6.496  -11.371 1.00 26.68 ? 20  GLN B C   1 
ATOM   965  O O   . GLN B 1 20  ? 15.125  -6.660  -10.184 1.00 27.49 ? 20  GLN B O   1 
ATOM   966  C CB  . GLN B 1 20  ? 16.854  -8.317  -12.239 1.00 29.63 ? 20  GLN B CB  1 
ATOM   967  C CG  . GLN B 1 20  ? 15.969  -8.766  -13.386 1.00 31.81 ? 20  GLN B CG  1 
ATOM   968  C CD  . GLN B 1 20  ? 16.264  -10.190 -13.822 1.00 33.29 ? 20  GLN B CD  1 
ATOM   969  O OE1 . GLN B 1 20  ? 16.954  -10.939 -13.126 1.00 33.10 ? 20  GLN B OE1 1 
ATOM   970  N NE2 . GLN B 1 20  ? 15.744  -10.570 -14.983 1.00 33.55 ? 20  GLN B NE2 1 
ATOM   971  N N   . THR B 1 21  ? 14.492  -6.052  -12.243 1.00 27.88 ? 21  THR B N   1 
ATOM   972  C CA  . THR B 1 21  ? 13.111  -5.845  -11.850 1.00 30.28 ? 21  THR B CA  1 
ATOM   973  C C   . THR B 1 21  ? 12.400  -7.190  -11.736 1.00 32.17 ? 21  THR B C   1 
ATOM   974  O O   . THR B 1 21  ? 12.371  -7.984  -12.675 1.00 31.36 ? 21  THR B O   1 
ATOM   975  C CB  . THR B 1 21  ? 12.383  -4.947  -12.847 1.00 31.91 ? 21  THR B CB  1 
ATOM   976  O OG1 . THR B 1 21  ? 13.081  -3.705  -12.936 1.00 31.72 ? 21  THR B OG1 1 
ATOM   977  C CG2 . THR B 1 21  ? 10.930  -4.694  -12.395 1.00 35.73 ? 21  THR B CG2 1 
ATOM   978  N N   . VAL B 1 22  ? 11.839  -7.451  -10.567 1.00 26.24 ? 22  VAL B N   1 
ATOM   979  C CA  . VAL B 1 22  ? 11.094  -8.670  -10.376 1.00 28.24 ? 22  VAL B CA  1 
ATOM   980  C C   . VAL B 1 22  ? 9.632   -8.301  -10.120 1.00 27.69 ? 22  VAL B C   1 
ATOM   981  O O   . VAL B 1 22  ? 9.335   -7.235  -9.593  1.00 28.54 ? 22  VAL B O   1 
ATOM   982  C CB  . VAL B 1 22  ? 11.659  -9.501  -9.221  1.00 31.07 ? 22  VAL B CB  1 
ATOM   983  C CG1 . VAL B 1 22  ? 13.178  -9.607  -9.331  1.00 32.65 ? 22  VAL B CG1 1 
ATOM   984  C CG2 . VAL B 1 22  ? 11.321  -8.862  -7.938  1.00 33.12 ? 22  VAL B CG2 1 
ATOM   985  N N   . VAL B 1 23  ? 8.737   -9.179  -10.534 1.00 25.05 ? 23  VAL B N   1 
ATOM   986  C CA  . VAL B 1 23  ? 7.309   -8.950  -10.422 1.00 27.62 ? 23  VAL B CA  1 
ATOM   987  C C   . VAL B 1 23  ? 6.739   -10.024 -9.528  1.00 28.74 ? 23  VAL B C   1 
ATOM   988  O O   . VAL B 1 23  ? 6.854   -11.210 -9.839  1.00 25.60 ? 23  VAL B O   1 
ATOM   989  C CB  . VAL B 1 23  ? 6.633   -9.052  -11.795 1.00 27.18 ? 23  VAL B CB  1 
ATOM   990  C CG1 . VAL B 1 23  ? 5.175   -8.637  -11.696 1.00 26.52 ? 23  VAL B CG1 1 
ATOM   991  C CG2 . VAL B 1 23  ? 7.400   -8.208  -12.820 1.00 31.78 ? 23  VAL B CG2 1 
ATOM   992  N N   . VAL B 1 24  ? 6.130   -9.614  -8.416  1.00 21.74 ? 24  VAL B N   1 
ATOM   993  C CA  . VAL B 1 24  ? 5.601   -10.570 -7.457  1.00 24.63 ? 24  VAL B CA  1 
ATOM   994  C C   . VAL B 1 24  ? 4.190   -10.197 -7.004  1.00 24.86 ? 24  VAL B C   1 
ATOM   995  O O   . VAL B 1 24  ? 3.734   -9.057  -7.176  1.00 23.60 ? 24  VAL B O   1 
ATOM   996  C CB  . VAL B 1 24  ? 6.471   -10.659 -6.167  1.00 24.01 ? 24  VAL B CB  1 
ATOM   997  C CG1 . VAL B 1 24  ? 7.916   -11.030 -6.490  1.00 25.71 ? 24  VAL B CG1 1 
ATOM   998  C CG2 . VAL B 1 24  ? 6.415   -9.345  -5.385  1.00 27.23 ? 24  VAL B CG2 1 
ATOM   999  N N   . HIS B 1 25  ? 3.504   -11.170 -6.418  1.00 26.33 ? 25  HIS B N   1 
ATOM   1000 C CA  . HIS B 1 25  ? 2.379   -10.859 -5.542  1.00 24.87 ? 25  HIS B CA  1 
ATOM   1001 C C   . HIS B 1 25  ? 2.817   -11.213 -4.135  1.00 26.83 ? 25  HIS B C   1 
ATOM   1002 O O   . HIS B 1 25  ? 3.472   -12.242 -3.931  1.00 28.21 ? 25  HIS B O   1 
ATOM   1003 C CB  . HIS B 1 25  ? 1.122   -11.639 -5.923  1.00 27.34 ? 25  HIS B CB  1 
ATOM   1004 C CG  . HIS B 1 25  ? 0.110   -10.823 -6.674  1.00 28.77 ? 25  HIS B CG  1 
ATOM   1005 N ND1 . HIS B 1 25  ? -0.289  -9.570  -6.260  1.00 29.54 ? 25  HIS B ND1 1 
ATOM   1006 C CD2 . HIS B 1 25  ? -0.581  -11.081 -7.813  1.00 31.99 ? 25  HIS B CD2 1 
ATOM   1007 C CE1 . HIS B 1 25  ? -1.189  -9.094  -7.106  1.00 33.47 ? 25  HIS B CE1 1 
ATOM   1008 N NE2 . HIS B 1 25  ? -1.378  -9.987  -8.062  1.00 30.98 ? 25  HIS B NE2 1 
ATOM   1009 N N   . TYR B 1 26  ? 2.468   -10.384 -3.162  1.00 27.22 ? 26  TYR B N   1 
ATOM   1010 C CA  . TYR B 1 26  ? 2.870   -10.679 -1.795  1.00 29.10 ? 26  TYR B CA  1 
ATOM   1011 C C   . TYR B 1 26  ? 1.806   -10.282 -0.795  1.00 28.82 ? 26  TYR B C   1 
ATOM   1012 O O   . TYR B 1 26  ? 0.933   -9.456  -1.077  1.00 25.31 ? 26  TYR B O   1 
ATOM   1013 C CB  . TYR B 1 26  ? 4.208   -9.994  -1.439  1.00 27.65 ? 26  TYR B CB  1 
ATOM   1014 C CG  . TYR B 1 26  ? 4.105   -8.490  -1.299  1.00 26.20 ? 26  TYR B CG  1 
ATOM   1015 C CD1 . TYR B 1 26  ? 4.202   -7.660  -2.407  1.00 25.96 ? 26  TYR B CD1 1 
ATOM   1016 C CD2 . TYR B 1 26  ? 3.894   -7.893  -0.052  1.00 28.64 ? 26  TYR B CD2 1 
ATOM   1017 C CE1 . TYR B 1 26  ? 4.096   -6.266  -2.285  1.00 27.69 ? 26  TYR B CE1 1 
ATOM   1018 C CE2 . TYR B 1 26  ? 3.784   -6.504  0.077   1.00 29.18 ? 26  TYR B CE2 1 
ATOM   1019 C CZ  . TYR B 1 26  ? 3.879   -5.698  -1.050  1.00 28.44 ? 26  TYR B CZ  1 
ATOM   1020 O OH  . TYR B 1 26  ? 3.774   -4.324  -0.939  1.00 29.06 ? 26  TYR B OH  1 
ATOM   1021 N N   . THR B 1 27  ? 1.894   -10.899 0.373   1.00 27.09 ? 27  THR B N   1 
ATOM   1022 C CA  . THR B 1 27  ? 1.146   -10.479 1.540   1.00 31.87 ? 27  THR B CA  1 
ATOM   1023 C C   . THR B 1 27  ? 2.150   -10.471 2.669   1.00 28.85 ? 27  THR B C   1 
ATOM   1024 O O   . THR B 1 27  ? 2.840   -11.458 2.879   1.00 30.50 ? 27  THR B O   1 
ATOM   1025 C CB  . THR B 1 27  ? 0.009   -11.457 1.865   1.00 31.81 ? 27  THR B CB  1 
ATOM   1026 O OG1 . THR B 1 27  ? -0.902  -11.500 0.764   1.00 36.83 ? 27  THR B OG1 1 
ATOM   1027 C CG2 . THR B 1 27  ? -0.749  -11.004 3.105   1.00 36.52 ? 27  THR B CG2 1 
ATOM   1028 N N   . GLY B 1 28  ? 2.253   -9.345  3.367   1.00 26.80 ? 28  GLY B N   1 
ATOM   1029 C CA  . GLY B 1 28  ? 3.190   -9.199  4.465   1.00 30.74 ? 28  GLY B CA  1 
ATOM   1030 C C   . GLY B 1 28  ? 2.447   -9.200  5.787   1.00 33.61 ? 28  GLY B C   1 
ATOM   1031 O O   . GLY B 1 28  ? 1.445   -8.497  5.936   1.00 31.02 ? 28  GLY B O   1 
ATOM   1032 N N   . MET B 1 29  ? 2.932   -9.992  6.742   1.00 31.69 ? 29  MET B N   1 
ATOM   1033 C CA  . MET B 1 29  ? 2.277   -10.122 8.044   1.00 35.10 ? 29  MET B CA  1 
ATOM   1034 C C   . MET B 1 29  ? 3.278   -10.101 9.188   1.00 32.14 ? 29  MET B C   1 
ATOM   1035 O O   . MET B 1 29  ? 4.433   -10.504 9.029   1.00 32.03 ? 29  MET B O   1 
ATOM   1036 C CB  . MET B 1 29  ? 1.537   -11.455 8.129   1.00 35.08 ? 29  MET B CB  1 
ATOM   1037 C CG  . MET B 1 29  ? 0.421   -11.636 7.157   1.00 40.60 ? 29  MET B CG  1 
ATOM   1038 S SD  . MET B 1 29  ? 0.192   -13.398 6.866   1.00 51.02 ? 29  MET B SD  1 
ATOM   1039 C CE  . MET B 1 29  ? 1.424   -13.671 5.580   1.00 36.71 ? 29  MET B CE  1 
ATOM   1040 N N   . LEU B 1 30  ? 2.822   -9.656  10.351  1.00 35.10 ? 30  LEU B N   1 
ATOM   1041 C CA  . LEU B 1 30  ? 3.555   -9.922  11.578  1.00 35.52 ? 30  LEU B CA  1 
ATOM   1042 C C   . LEU B 1 30  ? 3.468   -11.430 11.807  1.00 36.55 ? 30  LEU B C   1 
ATOM   1043 O O   . LEU B 1 30  ? 2.589   -12.090 11.258  1.00 36.43 ? 30  LEU B O   1 
ATOM   1044 C CB  . LEU B 1 30  ? 2.952   -9.151  12.750  1.00 36.61 ? 30  LEU B CB  1 
ATOM   1045 C CG  . LEU B 1 30  ? 2.903   -7.628  12.579  1.00 37.58 ? 30  LEU B CG  1 
ATOM   1046 C CD1 . LEU B 1 30  ? 2.443   -6.954  13.867  1.00 40.81 ? 30  LEU B CD1 1 
ATOM   1047 C CD2 . LEU B 1 30  ? 4.257   -7.069  12.137  1.00 34.90 ? 30  LEU B CD2 1 
ATOM   1048 N N   . GLN B 1 31  ? 4.380   -11.994 12.592  1.00 38.69 ? 31  GLN B N   1 
ATOM   1049 C CA  . GLN B 1 31  ? 4.372   -13.449 12.762  1.00 36.93 ? 31  GLN B CA  1 
ATOM   1050 C C   . GLN B 1 31  ? 3.101   -13.926 13.469  1.00 40.45 ? 31  GLN B C   1 
ATOM   1051 O O   . GLN B 1 31  ? 2.667   -15.062 13.273  1.00 35.51 ? 31  GLN B O   1 
ATOM   1052 C CB  . GLN B 1 31  ? 5.632   -13.947 13.478  1.00 40.67 ? 31  GLN B CB  1 
ATOM   1053 C CG  . GLN B 1 31  ? 5.720   -15.482 13.605  1.00 37.68 ? 31  GLN B CG  1 
ATOM   1054 C CD  . GLN B 1 31  ? 5.039   -16.025 14.866  1.00 40.68 ? 31  GLN B CD  1 
ATOM   1055 O OE1 . GLN B 1 31  ? 4.722   -15.271 15.794  1.00 44.26 ? 31  GLN B OE1 1 
ATOM   1056 N NE2 . GLN B 1 31  ? 4.806   -17.336 14.899  1.00 44.82 ? 31  GLN B NE2 1 
ATOM   1057 N N   . ASN B 1 32  ? 2.491   -13.047 14.261  1.00 38.27 ? 32  ASN B N   1 
ATOM   1058 C CA  . ASN B 1 32  ? 1.209   -13.358 14.894  1.00 41.08 ? 32  ASN B CA  1 
ATOM   1059 C C   . ASN B 1 32  ? 0.039   -13.451 13.908  1.00 42.24 ? 32  ASN B C   1 
ATOM   1060 O O   . ASN B 1 32  ? -1.082  -13.788 14.292  1.00 46.52 ? 32  ASN B O   1 
ATOM   1061 C CB  . ASN B 1 32  ? 0.891   -12.353 16.014  1.00 42.77 ? 32  ASN B CB  1 
ATOM   1062 C CG  . ASN B 1 32  ? 0.657   -10.939 15.498  1.00 44.73 ? 32  ASN B CG  1 
ATOM   1063 O OD1 . ASN B 1 32  ? 0.379   -10.721 14.318  1.00 41.25 ? 32  ASN B OD1 1 
ATOM   1064 N ND2 . ASN B 1 32  ? 0.766   -9.966  16.395  1.00 43.65 ? 32  ASN B ND2 1 
ATOM   1065 N N   . GLY B 1 33  ? 0.295   -13.124 12.644  1.00 40.51 ? 33  GLY B N   1 
ATOM   1066 C CA  . GLY B 1 33  ? -0.702  -13.298 11.605  1.00 41.74 ? 33  GLY B CA  1 
ATOM   1067 C C   . GLY B 1 33  ? -1.361  -12.021 11.105  1.00 40.23 ? 33  GLY B C   1 
ATOM   1068 O O   . GLY B 1 33  ? -2.061  -12.035 10.098  1.00 39.67 ? 33  GLY B O   1 
ATOM   1069 N N   . LYS B 1 34  ? -1.132  -10.919 11.807  1.00 39.76 ? 34  LYS B N   1 
ATOM   1070 C CA  . LYS B 1 34  ? -1.726  -9.633  11.461  1.00 39.12 ? 34  LYS B CA  1 
ATOM   1071 C C   . LYS B 1 34  ? -1.156  -9.111  10.136  1.00 36.20 ? 34  LYS B C   1 
ATOM   1072 O O   . LYS B 1 34  ? 0.043   -8.914  10.010  1.00 30.36 ? 34  LYS B O   1 
ATOM   1073 C CB  . LYS B 1 34  ? -1.457  -8.639  12.595  1.00 40.93 ? 34  LYS B CB  1 
ATOM   1074 C CG  . LYS B 1 34  ? -2.037  -7.246  12.432  1.00 45.44 ? 34  LYS B CG  1 
ATOM   1075 C CD  . LYS B 1 34  ? -1.790  -6.445  13.718  1.00 49.59 ? 34  LYS B CD  1 
ATOM   1076 C CE  . LYS B 1 34  ? -2.192  -4.981  13.583  1.00 58.20 ? 34  LYS B CE  1 
ATOM   1077 N NZ  . LYS B 1 34  ? -1.942  -4.221  14.853  1.00 57.37 ? 34  LYS B NZ  1 
ATOM   1078 N N   . LYS B 1 35  ? -2.027  -8.895  9.154   1.00 34.33 ? 35  LYS B N   1 
ATOM   1079 C CA  . LYS B 1 35  ? -1.602  -8.394  7.844   1.00 34.18 ? 35  LYS B CA  1 
ATOM   1080 C C   . LYS B 1 35  ? -1.285  -6.896  7.899   1.00 37.02 ? 35  LYS B C   1 
ATOM   1081 O O   . LYS B 1 35  ? -2.067  -6.115  8.451   1.00 37.15 ? 35  LYS B O   1 
ATOM   1082 C CB  . LYS B 1 35  ? -2.696  -8.657  6.808   1.00 38.80 ? 35  LYS B CB  1 
ATOM   1083 C CG  . LYS B 1 35  ? -2.403  -8.069  5.432   1.00 43.44 ? 35  LYS B CG  1 
ATOM   1084 C CD  . LYS B 1 35  ? -3.316  -8.671  4.358   1.00 44.78 ? 35  LYS B CD  1 
ATOM   1085 C CE  . LYS B 1 35  ? -4.779  -8.666  4.780   1.00 49.45 ? 35  LYS B CE  1 
ATOM   1086 N NZ  . LYS B 1 35  ? -5.696  -9.131  3.687   1.00 53.13 ? 35  LYS B NZ  1 
ATOM   1087 N N   . PHE B 1 36  ? -0.144  -6.486  7.347   1.00 28.25 ? 36  PHE B N   1 
ATOM   1088 C CA  . PHE B 1 36  ? 0.170   -5.064  7.284   1.00 29.05 ? 36  PHE B CA  1 
ATOM   1089 C C   . PHE B 1 36  ? 0.334   -4.543  5.850   1.00 31.38 ? 36  PHE B C   1 
ATOM   1090 O O   . PHE B 1 36  ? 0.339   -3.349  5.623   1.00 27.65 ? 36  PHE B O   1 
ATOM   1091 C CB  . PHE B 1 36  ? 1.406   -4.739  8.131   1.00 29.62 ? 36  PHE B CB  1 
ATOM   1092 C CG  . PHE B 1 36  ? 2.670   -5.376  7.632   1.00 32.02 ? 36  PHE B CG  1 
ATOM   1093 C CD1 . PHE B 1 36  ? 3.453   -4.736  6.677   1.00 31.20 ? 36  PHE B CD1 1 
ATOM   1094 C CD2 . PHE B 1 36  ? 3.080   -6.616  8.114   1.00 30.20 ? 36  PHE B CD2 1 
ATOM   1095 C CE1 . PHE B 1 36  ? 4.624   -5.318  6.212   1.00 32.97 ? 36  PHE B CE1 1 
ATOM   1096 C CE2 . PHE B 1 36  ? 4.258   -7.208  7.655   1.00 33.12 ? 36  PHE B CE2 1 
ATOM   1097 C CZ  . PHE B 1 36  ? 5.024   -6.562  6.699   1.00 31.43 ? 36  PHE B CZ  1 
ATOM   1098 N N   . ASP B 1 37  ? 0.472   -5.442  4.882   1.00 31.42 ? 37  ASP B N   1 
ATOM   1099 C CA  . ASP B 1 37  ? 0.641   -5.026  3.487   1.00 28.89 ? 37  ASP B CA  1 
ATOM   1100 C C   . ASP B 1 37  ? 0.256   -6.185  2.573   1.00 31.27 ? 37  ASP B C   1 
ATOM   1101 O O   . ASP B 1 37  ? 0.388   -7.349  2.954   1.00 29.20 ? 37  ASP B O   1 
ATOM   1102 C CB  . ASP B 1 37  ? 2.097   -4.597  3.235   1.00 28.05 ? 37  ASP B CB  1 
ATOM   1103 C CG  . ASP B 1 37  ? 2.276   -3.789  1.945   1.00 34.01 ? 37  ASP B CG  1 
ATOM   1104 O OD1 . ASP B 1 37  ? 1.275   -3.394  1.302   1.00 31.08 ? 37  ASP B OD1 1 
ATOM   1105 O OD2 . ASP B 1 37  ? 3.442   -3.525  1.583   1.00 35.35 ? 37  ASP B OD2 1 
ATOM   1106 N N   . SER B 1 38  ? -0.223  -5.860  1.374   1.00 31.10 ? 38  SER B N   1 
ATOM   1107 C CA  . SER B 1 38  ? -0.616  -6.870  0.403   1.00 30.92 ? 38  SER B CA  1 
ATOM   1108 C C   . SER B 1 38  ? -0.776  -6.259  -0.979  1.00 31.16 ? 38  SER B C   1 
ATOM   1109 O O   . SER B 1 38  ? -1.532  -5.292  -1.159  1.00 29.76 ? 38  SER B O   1 
ATOM   1110 C CB  . SER B 1 38  ? -1.938  -7.525  0.811   1.00 32.96 ? 38  SER B CB  1 
ATOM   1111 O OG  . SER B 1 38  ? -2.402  -8.379  -0.219  1.00 37.64 ? 38  SER B OG  1 
ATOM   1112 N N   . SER B 1 39  ? -0.071  -6.824  -1.955  1.00 28.32 ? 39  SER B N   1 
ATOM   1113 C CA  . SER B 1 39  ? -0.261  -6.427  -3.347  1.00 29.73 ? 39  SER B CA  1 
ATOM   1114 C C   . SER B 1 39  ? -1.545  -7.053  -3.879  1.00 31.56 ? 39  SER B C   1 
ATOM   1115 O O   . SER B 1 39  ? -2.182  -6.519  -4.796  1.00 31.12 ? 39  SER B O   1 
ATOM   1116 C CB  . SER B 1 39  ? 0.917   -6.878  -4.209  1.00 24.78 ? 39  SER B CB  1 
ATOM   1117 O OG  . SER B 1 39  ? 1.036   -8.297  -4.199  1.00 28.72 ? 39  SER B OG  1 
ATOM   1118 N N   . ARG B 1 40  ? -1.911  -8.200  -3.314  1.00 30.83 ? 40  ARG B N   1 
ATOM   1119 C CA  . ARG B 1 40  ? -3.135  -8.865  -3.730  1.00 29.76 ? 40  ARG B CA  1 
ATOM   1120 C C   . ARG B 1 40  ? -4.339  -7.999  -3.365  1.00 36.04 ? 40  ARG B C   1 
ATOM   1121 O O   . ARG B 1 40  ? -5.310  -7.949  -4.110  1.00 31.94 ? 40  ARG B O   1 
ATOM   1122 C CB  . ARG B 1 40  ? -3.234  -10.278 -3.139  1.00 33.37 ? 40  ARG B CB  1 
ATOM   1123 C CG  . ARG B 1 40  ? -2.112  -11.207 -3.588  1.00 33.45 ? 40  ARG B CG  1 
ATOM   1124 C CD  . ARG B 1 40  ? -2.341  -12.666 -3.159  1.00 36.16 ? 40  ARG B CD  1 
ATOM   1125 N NE  . ARG B 1 40  ? -1.228  -13.537 -3.552  1.00 36.41 ? 40  ARG B NE  1 
ATOM   1126 C CZ  . ARG B 1 40  ? -1.118  -14.137 -4.742  1.00 36.58 ? 40  ARG B CZ  1 
ATOM   1127 N NH1 . ARG B 1 40  ? -2.053  -13.969 -5.672  1.00 36.78 ? 40  ARG B NH1 1 
ATOM   1128 N NH2 . ARG B 1 40  ? -0.064  -14.905 -5.005  1.00 36.39 ? 40  ARG B NH2 1 
ATOM   1129 N N   . ASP B 1 41  ? -4.249  -7.273  -2.250  1.00 33.45 ? 41  ASP B N   1 
ATOM   1130 C CA  . ASP B 1 41  ? -5.331  -6.365  -1.848  1.00 37.10 ? 41  ASP B CA  1 
ATOM   1131 C C   . ASP B 1 41  ? -5.491  -5.201  -2.801  1.00 35.37 ? 41  ASP B C   1 
ATOM   1132 O O   . ASP B 1 41  ? -6.582  -4.656  -2.931  1.00 38.10 ? 41  ASP B O   1 
ATOM   1133 C CB  . ASP B 1 41  ? -5.140  -5.847  -0.419  1.00 34.29 ? 41  ASP B CB  1 
ATOM   1134 C CG  . ASP B 1 41  ? -5.506  -6.885  0.623   1.00 43.56 ? 41  ASP B CG  1 
ATOM   1135 O OD1 . ASP B 1 41  ? -6.202  -7.862  0.261   1.00 45.52 ? 41  ASP B OD1 1 
ATOM   1136 O OD2 . ASP B 1 41  ? -5.108  -6.728  1.799   1.00 44.08 ? 41  ASP B OD2 1 
ATOM   1137 N N   . ARG B 1 42  ? -4.408  -4.826  -3.471  1.00 30.82 ? 42  ARG B N   1 
ATOM   1138 C CA  . ARG B 1 42  ? -4.451  -3.772  -4.478  1.00 36.92 ? 42  ARG B CA  1 
ATOM   1139 C C   . ARG B 1 42  ? -4.808  -4.307  -5.869  1.00 38.58 ? 42  ARG B C   1 
ATOM   1140 O O   . ARG B 1 42  ? -4.912  -3.537  -6.825  1.00 38.41 ? 42  ARG B O   1 
ATOM   1141 C CB  . ARG B 1 42  ? -3.095  -3.056  -4.543  1.00 33.97 ? 42  ARG B CB  1 
ATOM   1142 C CG  . ARG B 1 42  ? -2.627  -2.472  -3.218  1.00 31.78 ? 42  ARG B CG  1 
ATOM   1143 C CD  . ARG B 1 42  ? -1.400  -1.590  -3.417  1.00 30.63 ? 42  ARG B CD  1 
ATOM   1144 N NE  . ARG B 1 42  ? -0.175  -2.364  -3.634  1.00 28.76 ? 42  ARG B NE  1 
ATOM   1145 C CZ  . ARG B 1 42  ? 0.628   -2.784  -2.658  1.00 27.84 ? 42  ARG B CZ  1 
ATOM   1146 N NH1 . ARG B 1 42  ? 0.322   -2.516  -1.399  1.00 24.39 ? 42  ARG B NH1 1 
ATOM   1147 N NH2 . ARG B 1 42  ? 1.730   -3.487  -2.936  1.00 24.20 ? 42  ARG B NH2 1 
ATOM   1148 N N   . ASN B 1 43  ? -4.957  -5.627  -5.984  1.00 35.49 ? 43  ASN B N   1 
ATOM   1149 C CA  . ASN B 1 43  ? -5.183  -6.286  -7.275  1.00 39.73 ? 43  ASN B CA  1 
ATOM   1150 C C   . ASN B 1 43  ? -4.198  -5.875  -8.365  1.00 37.98 ? 43  ASN B C   1 
ATOM   1151 O O   . ASN B 1 43  ? -4.555  -5.750  -9.538  1.00 38.59 ? 43  ASN B O   1 
ATOM   1152 C CB  . ASN B 1 43  ? -6.631  -6.097  -7.747  1.00 44.16 ? 43  ASN B CB  1 
ATOM   1153 C CG  . ASN B 1 43  ? -7.623  -6.800  -6.844  1.00 44.63 ? 43  ASN B CG  1 
ATOM   1154 O OD1 . ASN B 1 43  ? -7.615  -8.025  -6.732  1.00 52.18 ? 43  ASN B OD1 1 
ATOM   1155 N ND2 . ASN B 1 43  ? -8.471  -6.026  -6.182  1.00 51.61 ? 43  ASN B ND2 1 
ATOM   1156 N N   . LYS B 1 44  ? -2.949  -5.662  -7.960  1.00 38.15 ? 44  LYS B N   1 
ATOM   1157 C CA  . LYS B 1 44  ? -1.898  -5.265  -8.883  1.00 36.99 ? 44  LYS B CA  1 
ATOM   1158 C C   . LYS B 1 44  ? -0.571  -5.875  -8.456  1.00 34.20 ? 44  LYS B C   1 
ATOM   1159 O O   . LYS B 1 44  ? -0.106  -5.627  -7.330  1.00 30.25 ? 44  LYS B O   1 
ATOM   1160 C CB  . LYS B 1 44  ? -1.750  -3.749  -8.886  1.00 37.95 ? 44  LYS B CB  1 
ATOM   1161 C CG  . LYS B 1 44  ? -2.105  -3.084  -10.209 1.00 48.25 ? 44  LYS B CG  1 
ATOM   1162 C CD  . LYS B 1 44  ? -1.528  -1.671  -10.262 1.00 54.69 ? 44  LYS B CD  1 
ATOM   1163 C CE  . LYS B 1 44  ? -1.802  -0.921  -8.953  1.00 53.22 ? 44  LYS B CE  1 
ATOM   1164 N NZ  . LYS B 1 44  ? -1.049  0.372   -8.827  1.00 51.33 ? 44  LYS B NZ  1 
ATOM   1165 N N   . PRO B 1 45  ? 0.056   -6.644  -9.357  1.00 34.49 ? 45  PRO B N   1 
ATOM   1166 C CA  . PRO B 1 45  ? 1.387   -7.198  -9.089  1.00 30.50 ? 45  PRO B CA  1 
ATOM   1167 C C   . PRO B 1 45  ? 2.362   -6.090  -8.715  1.00 29.35 ? 45  PRO B C   1 
ATOM   1168 O O   . PRO B 1 45  ? 2.294   -4.979  -9.247  1.00 30.81 ? 45  PRO B O   1 
ATOM   1169 C CB  . PRO B 1 45  ? 1.782   -7.830  -10.427 1.00 30.25 ? 45  PRO B CB  1 
ATOM   1170 C CG  . PRO B 1 45  ? 0.459   -8.169  -11.069 1.00 36.44 ? 45  PRO B CG  1 
ATOM   1171 C CD  . PRO B 1 45  ? -0.451  -7.037  -10.686 1.00 35.94 ? 45  PRO B CD  1 
ATOM   1172 N N   . PHE B 1 46  ? 3.260   -6.404  -7.791  1.00 27.85 ? 46  PHE B N   1 
ATOM   1173 C CA  . PHE B 1 46  ? 4.187   -5.432  -7.240  1.00 29.38 ? 46  PHE B CA  1 
ATOM   1174 C C   . PHE B 1 46  ? 5.538   -5.609  -7.931  1.00 26.73 ? 46  PHE B C   1 
ATOM   1175 O O   . PHE B 1 46  ? 6.025   -6.727  -8.050  1.00 26.04 ? 46  PHE B O   1 
ATOM   1176 C CB  . PHE B 1 46  ? 4.324   -5.654  -5.724  1.00 25.78 ? 46  PHE B CB  1 
ATOM   1177 C CG  . PHE B 1 46  ? 5.336   -4.757  -5.064  1.00 29.83 ? 46  PHE B CG  1 
ATOM   1178 C CD1 . PHE B 1 46  ? 5.093   -3.398  -4.927  1.00 29.26 ? 46  PHE B CD1 1 
ATOM   1179 C CD2 . PHE B 1 46  ? 6.528   -5.266  -4.579  1.00 28.39 ? 46  PHE B CD2 1 
ATOM   1180 C CE1 . PHE B 1 46  ? 6.027   -2.563  -4.327  1.00 30.77 ? 46  PHE B CE1 1 
ATOM   1181 C CE2 . PHE B 1 46  ? 7.461   -4.434  -3.972  1.00 30.25 ? 46  PHE B CE2 1 
ATOM   1182 C CZ  . PHE B 1 46  ? 7.208   -3.075  -3.853  1.00 30.65 ? 46  PHE B CZ  1 
ATOM   1183 N N   . LYS B 1 47  ? 6.127   -4.518  -8.403  1.00 26.50 ? 47  LYS B N   1 
ATOM   1184 C CA  . LYS B 1 47  ? 7.440   -4.590  -9.049  1.00 29.03 ? 47  LYS B CA  1 
ATOM   1185 C C   . LYS B 1 47  ? 8.503   -3.898  -8.220  1.00 31.41 ? 47  LYS B C   1 
ATOM   1186 O O   . LYS B 1 47  ? 8.248   -2.848  -7.647  1.00 27.79 ? 47  LYS B O   1 
ATOM   1187 C CB  . LYS B 1 47  ? 7.399   -3.925  -10.419 1.00 28.42 ? 47  LYS B CB  1 
ATOM   1188 C CG  . LYS B 1 47  ? 6.507   -4.597  -11.423 1.00 33.61 ? 47  LYS B CG  1 
ATOM   1189 C CD  . LYS B 1 47  ? 6.778   -4.023  -12.806 1.00 41.54 ? 47  LYS B CD  1 
ATOM   1190 C CE  . LYS B 1 47  ? 5.667   -4.369  -13.783 1.00 44.25 ? 47  LYS B CE  1 
ATOM   1191 N NZ  . LYS B 1 47  ? 5.974   -3.856  -15.156 1.00 49.05 ? 47  LYS B NZ  1 
ATOM   1192 N N   . PHE B 1 48  ? 9.702   -4.469  -8.176  1.00 27.42 ? 48  PHE B N   1 
ATOM   1193 C CA  . PHE B 1 48  ? 10.808  -3.852  -7.460  1.00 27.36 ? 48  PHE B CA  1 
ATOM   1194 C C   . PHE B 1 48  ? 12.134  -4.419  -7.962  1.00 30.44 ? 48  PHE B C   1 
ATOM   1195 O O   . PHE B 1 48  ? 12.171  -5.460  -8.619  1.00 28.28 ? 48  PHE B O   1 
ATOM   1196 C CB  . PHE B 1 48  ? 10.674  -4.043  -5.940  1.00 27.95 ? 48  PHE B CB  1 
ATOM   1197 C CG  . PHE B 1 48  ? 10.965  -5.432  -5.473  1.00 26.51 ? 48  PHE B CG  1 
ATOM   1198 C CD1 . PHE B 1 48  ? 9.981   -6.407  -5.492  1.00 30.48 ? 48  PHE B CD1 1 
ATOM   1199 C CD2 . PHE B 1 48  ? 12.231  -5.771  -5.017  1.00 29.59 ? 48  PHE B CD2 1 
ATOM   1200 C CE1 . PHE B 1 48  ? 10.255  -7.701  -5.058  1.00 35.61 ? 48  PHE B CE1 1 
ATOM   1201 C CE2 . PHE B 1 48  ? 12.517  -7.053  -4.592  1.00 30.83 ? 48  PHE B CE2 1 
ATOM   1202 C CZ  . PHE B 1 48  ? 11.535  -8.027  -4.618  1.00 31.25 ? 48  PHE B CZ  1 
ATOM   1203 N N   . ARG B 1 49  ? 13.217  -3.733  -7.632  1.00 29.31 ? 49  ARG B N   1 
ATOM   1204 C CA  . ARG B 1 49  ? 14.535  -4.122  -8.095  1.00 31.38 ? 49  ARG B CA  1 
ATOM   1205 C C   . ARG B 1 49  ? 15.358  -4.668  -6.944  1.00 30.59 ? 49  ARG B C   1 
ATOM   1206 O O   . ARG B 1 49  ? 15.453  -4.049  -5.880  1.00 28.76 ? 49  ARG B O   1 
ATOM   1207 C CB  . ARG B 1 49  ? 15.233  -2.925  -8.724  1.00 29.70 ? 49  ARG B CB  1 
ATOM   1208 C CG  . ARG B 1 49  ? 14.472  -2.349  -9.906  1.00 34.75 ? 49  ARG B CG  1 
ATOM   1209 C CD  . ARG B 1 49  ? 15.148  -1.100  -10.422 1.00 39.04 ? 49  ARG B CD  1 
ATOM   1210 N NE  . ARG B 1 49  ? 15.265  -0.111  -9.357  1.00 45.03 ? 49  ARG B NE  1 
ATOM   1211 C CZ  . ARG B 1 49  ? 15.847  1.075   -9.495  1.00 48.49 ? 49  ARG B CZ  1 
ATOM   1212 N NH1 . ARG B 1 49  ? 16.373  1.423   -10.663 1.00 50.24 ? 49  ARG B NH1 1 
ATOM   1213 N NH2 . ARG B 1 49  ? 15.907  1.909   -8.462  1.00 40.85 ? 49  ARG B NH2 1 
ATOM   1214 N N   . ILE B 1 50  ? 15.946  -5.838  -7.159  1.00 30.46 ? 50  ILE B N   1 
ATOM   1215 C CA  . ILE B 1 50  ? 16.801  -6.459  -6.162  1.00 31.69 ? 50  ILE B CA  1 
ATOM   1216 C C   . ILE B 1 50  ? 18.026  -5.604  -5.876  1.00 34.74 ? 50  ILE B C   1 
ATOM   1217 O O   . ILE B 1 50  ? 18.723  -5.196  -6.796  1.00 32.88 ? 50  ILE B O   1 
ATOM   1218 C CB  . ILE B 1 50  ? 17.319  -7.833  -6.638  1.00 38.98 ? 50  ILE B CB  1 
ATOM   1219 C CG1 . ILE B 1 50  ? 16.149  -8.745  -7.009  1.00 35.83 ? 50  ILE B CG1 1 
ATOM   1220 C CG2 . ILE B 1 50  ? 18.199  -8.454  -5.553  1.00 36.81 ? 50  ILE B CG2 1 
ATOM   1221 C CD1 . ILE B 1 50  ? 15.311  -9.152  -5.804  1.00 38.10 ? 50  ILE B CD1 1 
ATOM   1222 N N   . GLY B 1 51  ? 18.281  -5.338  -4.596  1.00 34.56 ? 51  GLY B N   1 
ATOM   1223 C CA  . GLY B 1 51  ? 19.451  -4.588  -4.169  1.00 38.30 ? 51  GLY B CA  1 
ATOM   1224 C C   . GLY B 1 51  ? 19.418  -3.073  -4.303  1.00 40.61 ? 51  GLY B C   1 
ATOM   1225 O O   . GLY B 1 51  ? 20.462  -2.428  -4.214  1.00 42.20 ? 51  GLY B O   1 
ATOM   1226 N N   . LYS B 1 52  ? 18.237  -2.497  -4.512  1.00 36.58 ? 52  LYS B N   1 
ATOM   1227 C CA  . LYS B 1 52  ? 18.120  -1.052  -4.704  1.00 34.75 ? 52  LYS B CA  1 
ATOM   1228 C C   . LYS B 1 52  ? 17.362  -0.366  -3.562  1.00 37.87 ? 52  LYS B C   1 
ATOM   1229 O O   . LYS B 1 52  ? 16.814  0.726   -3.739  1.00 38.36 ? 52  LYS B O   1 
ATOM   1230 C CB  . LYS B 1 52  ? 17.449  -0.746  -6.041  1.00 35.05 ? 52  LYS B CB  1 
ATOM   1231 C CG  . LYS B 1 52  ? 18.267  -1.184  -7.239  1.00 38.95 ? 52  LYS B CG  1 
ATOM   1232 C CD  . LYS B 1 52  ? 19.606  -0.463  -7.278  1.00 43.52 ? 52  LYS B CD  1 
ATOM   1233 C CE  . LYS B 1 52  ? 20.404  -0.818  -8.543  1.00 53.55 ? 52  LYS B CE  1 
ATOM   1234 N NZ  . LYS B 1 52  ? 19.614  -0.606  -9.809  1.00 50.51 ? 52  LYS B NZ  1 
ATOM   1235 N N   . GLN B 1 53  ? 17.328  -1.030  -2.408  1.00 36.41 ? 53  GLN B N   1 
ATOM   1236 C CA  . GLN B 1 53  ? 16.658  -0.526  -1.205  1.00 38.52 ? 53  GLN B CA  1 
ATOM   1237 C C   . GLN B 1 53  ? 15.194  -0.198  -1.410  1.00 35.07 ? 53  GLN B C   1 
ATOM   1238 O O   . GLN B 1 53  ? 14.653  0.715   -0.780  1.00 36.28 ? 53  GLN B O   1 
ATOM   1239 C CB  . GLN B 1 53  ? 17.385  0.704   -0.660  1.00 42.56 ? 53  GLN B CB  1 
ATOM   1240 C CG  . GLN B 1 53  ? 18.884  0.506   -0.546  1.00 47.44 ? 53  GLN B CG  1 
ATOM   1241 C CD  . GLN B 1 53  ? 19.607  1.778   -0.142  1.00 54.57 ? 53  GLN B CD  1 
ATOM   1242 O OE1 . GLN B 1 53  ? 20.508  2.245   -0.848  1.00 55.88 ? 53  GLN B OE1 1 
ATOM   1243 N NE2 . GLN B 1 53  ? 19.220  2.345   1.000   1.00 55.62 ? 53  GLN B NE2 1 
ATOM   1244 N N   . GLU B 1 54  ? 14.535  -0.936  -2.288  1.00 30.37 ? 54  GLU B N   1 
ATOM   1245 C CA  . GLU B 1 54  ? 13.135  -0.653  -2.545  1.00 36.83 ? 54  GLU B CA  1 
ATOM   1246 C C   . GLU B 1 54  ? 12.204  -1.461  -1.649  1.00 32.22 ? 54  GLU B C   1 
ATOM   1247 O O   . GLU B 1 54  ? 11.042  -1.122  -1.500  1.00 34.44 ? 54  GLU B O   1 
ATOM   1248 C CB  . GLU B 1 54  ? 12.815  -0.826  -4.032  1.00 36.98 ? 54  GLU B CB  1 
ATOM   1249 C CG  . GLU B 1 54  ? 13.556  0.192   -4.888  1.00 33.99 ? 54  GLU B CG  1 
ATOM   1250 C CD  . GLU B 1 54  ? 13.297  0.051   -6.367  1.00 37.93 ? 54  GLU B CD  1 
ATOM   1251 O OE1 . GLU B 1 54  ? 12.781  -0.996  -6.808  1.00 31.58 ? 54  GLU B OE1 1 
ATOM   1252 O OE2 . GLU B 1 54  ? 13.622  1.005   -7.100  1.00 40.67 ? 54  GLU B OE2 1 
ATOM   1253 N N   . VAL B 1 55  ? 12.731  -2.527  -1.055  1.00 30.89 ? 55  VAL B N   1 
ATOM   1254 C CA  . VAL B 1 55  ? 11.997  -3.344  -0.089  1.00 31.18 ? 55  VAL B CA  1 
ATOM   1255 C C   . VAL B 1 55  ? 12.948  -3.683  1.063   1.00 27.73 ? 55  VAL B C   1 
ATOM   1256 O O   . VAL B 1 55  ? 14.152  -3.453  0.952   1.00 27.94 ? 55  VAL B O   1 
ATOM   1257 C CB  . VAL B 1 55  ? 11.480  -4.670  -0.716  1.00 28.99 ? 55  VAL B CB  1 
ATOM   1258 C CG1 . VAL B 1 55  ? 10.460  -4.404  -1.833  1.00 30.62 ? 55  VAL B CG1 1 
ATOM   1259 C CG2 . VAL B 1 55  ? 12.640  -5.505  -1.242  1.00 26.63 ? 55  VAL B CG2 1 
ATOM   1260 N N   . ILE B 1 56  ? 12.426  -4.241  2.155   1.00 26.74 ? 56  ILE B N   1 
ATOM   1261 C CA  . ILE B 1 56  ? 13.303  -4.653  3.251   1.00 27.53 ? 56  ILE B CA  1 
ATOM   1262 C C   . ILE B 1 56  ? 14.306  -5.703  2.774   1.00 28.10 ? 56  ILE B C   1 
ATOM   1263 O O   . ILE B 1 56  ? 14.050  -6.452  1.813   1.00 26.56 ? 56  ILE B O   1 
ATOM   1264 C CB  . ILE B 1 56  ? 12.534  -5.156  4.494   1.00 27.43 ? 56  ILE B CB  1 
ATOM   1265 C CG1 . ILE B 1 56  ? 11.569  -6.276  4.124   1.00 27.43 ? 56  ILE B CG1 1 
ATOM   1266 C CG2 . ILE B 1 56  ? 11.797  -3.997  5.173   1.00 28.34 ? 56  ILE B CG2 1 
ATOM   1267 C CD1 . ILE B 1 56  ? 10.888  -6.899  5.334   1.00 27.96 ? 56  ILE B CD1 1 
ATOM   1268 N N   . LYS B 1 57  ? 15.451  -5.746  3.444   1.00 26.91 ? 57  LYS B N   1 
ATOM   1269 C CA  . LYS B 1 57  ? 16.550  -6.623  3.045   1.00 29.13 ? 57  LYS B CA  1 
ATOM   1270 C C   . LYS B 1 57  ? 16.129  -8.087  2.929   1.00 30.10 ? 57  LYS B C   1 
ATOM   1271 O O   . LYS B 1 57  ? 16.437  -8.759  1.949   1.00 31.53 ? 57  LYS B O   1 
ATOM   1272 C CB  . LYS B 1 57  ? 17.716  -6.475  4.034   1.00 31.46 ? 57  LYS B CB  1 
ATOM   1273 C CG  . LYS B 1 57  ? 18.928  -7.330  3.702   1.00 36.51 ? 57  LYS B CG  1 
ATOM   1274 C CD  . LYS B 1 57  ? 19.499  -6.962  2.341   1.00 44.62 ? 57  LYS B CD  1 
ATOM   1275 C CE  . LYS B 1 57  ? 21.007  -7.200  2.292   1.00 53.74 ? 57  LYS B CE  1 
ATOM   1276 N NZ  . LYS B 1 57  ? 21.565  -6.941  0.930   1.00 59.37 ? 57  LYS B NZ  1 
ATOM   1277 N N   . GLY B 1 58  ? 15.413  -8.573  3.929   1.00 28.99 ? 58  GLY B N   1 
ATOM   1278 C CA  . GLY B 1 58  ? 14.960  -9.946  3.947   1.00 28.45 ? 58  GLY B CA  1 
ATOM   1279 C C   . GLY B 1 58  ? 14.049  -10.324 2.789   1.00 30.60 ? 58  GLY B C   1 
ATOM   1280 O O   . GLY B 1 58  ? 14.094  -11.455 2.303   1.00 29.85 ? 58  GLY B O   1 
ATOM   1281 N N   . PHE B 1 59  ? 13.216  -9.380  2.353   1.00 26.81 ? 59  PHE B N   1 
ATOM   1282 C CA  . PHE B 1 59  ? 12.297  -9.618  1.253   1.00 28.00 ? 59  PHE B CA  1 
ATOM   1283 C C   . PHE B 1 59  ? 13.096  -9.790  -0.039  1.00 31.76 ? 59  PHE B C   1 
ATOM   1284 O O   . PHE B 1 59  ? 12.877  -10.741 -0.806  1.00 28.49 ? 59  PHE B O   1 
ATOM   1285 C CB  . PHE B 1 59  ? 11.307  -8.450  1.132   1.00 28.10 ? 59  PHE B CB  1 
ATOM   1286 C CG  . PHE B 1 59  ? 10.169  -8.706  0.183   1.00 30.52 ? 59  PHE B CG  1 
ATOM   1287 C CD1 . PHE B 1 59  ? 10.356  -8.653  -1.179  1.00 35.33 ? 59  PHE B CD1 1 
ATOM   1288 C CD2 . PHE B 1 59  ? 8.907   -8.992  0.659   1.00 37.99 ? 59  PHE B CD2 1 
ATOM   1289 C CE1 . PHE B 1 59  ? 9.304   -8.885  -2.054  1.00 38.15 ? 59  PHE B CE1 1 
ATOM   1290 C CE2 . PHE B 1 59  ? 7.852   -9.225  -0.215  1.00 39.39 ? 59  PHE B CE2 1 
ATOM   1291 C CZ  . PHE B 1 59  ? 8.059   -9.162  -1.574  1.00 34.88 ? 59  PHE B CZ  1 
ATOM   1292 N N   . GLU B 1 60  ? 14.029  -8.877  -0.289  1.00 30.34 ? 60  GLU B N   1 
ATOM   1293 C CA  . GLU B 1 60  ? 14.788  -8.966  -1.533  1.00 31.47 ? 60  GLU B CA  1 
ATOM   1294 C C   . GLU B 1 60  ? 15.724  -10.183 -1.547  1.00 33.33 ? 60  GLU B C   1 
ATOM   1295 O O   . GLU B 1 60  ? 15.925  -10.806 -2.601  1.00 33.67 ? 60  GLU B O   1 
ATOM   1296 C CB  . GLU B 1 60  ? 15.505  -7.646  -1.861  1.00 36.69 ? 60  GLU B CB  1 
ATOM   1297 C CG  . GLU B 1 60  ? 16.503  -7.197  -0.826  1.00 35.72 ? 60  GLU B CG  1 
ATOM   1298 C CD  . GLU B 1 60  ? 17.189  -5.879  -1.192  1.00 41.01 ? 60  GLU B CD  1 
ATOM   1299 O OE1 . GLU B 1 60  ? 16.747  -5.189  -2.134  1.00 36.47 ? 60  GLU B OE1 1 
ATOM   1300 O OE2 . GLU B 1 60  ? 18.176  -5.528  -0.515  1.00 44.18 ? 60  GLU B OE2 1 
ATOM   1301 N N   . GLU B 1 61  ? 16.254  -10.549 -0.379  1.00 31.51 ? 61  GLU B N   1 
ATOM   1302 C CA  . GLU B 1 61  ? 17.104  -11.735 -0.256  1.00 32.96 ? 61  GLU B CA  1 
ATOM   1303 C C   . GLU B 1 61  ? 16.321  -13.028 -0.469  1.00 35.16 ? 61  GLU B C   1 
ATOM   1304 O O   . GLU B 1 61  ? 16.800  -13.957 -1.130  1.00 33.69 ? 61  GLU B O   1 
ATOM   1305 C CB  . GLU B 1 61  ? 17.750  -11.795 1.123   1.00 37.47 ? 61  GLU B CB  1 
ATOM   1306 C CG  . GLU B 1 61  ? 18.882  -10.809 1.330   1.00 43.92 ? 61  GLU B CG  1 
ATOM   1307 C CD  . GLU B 1 61  ? 19.664  -11.084 2.608   1.00 54.35 ? 61  GLU B CD  1 
ATOM   1308 O OE1 . GLU B 1 61  ? 19.054  -11.507 3.627   1.00 48.57 ? 61  GLU B OE1 1 
ATOM   1309 O OE2 . GLU B 1 61  ? 20.899  -10.880 2.585   1.00 58.45 ? 61  GLU B OE2 1 
ATOM   1310 N N   . GLY B 1 62  ? 15.136  -13.099 0.130   1.00 30.15 ? 62  GLY B N   1 
ATOM   1311 C CA  . GLY B 1 62  ? 14.207  -14.192 -0.124  1.00 30.68 ? 62  GLY B CA  1 
ATOM   1312 C C   . GLY B 1 62  ? 13.825  -14.315 -1.588  1.00 29.39 ? 62  GLY B C   1 
ATOM   1313 O O   . GLY B 1 62  ? 13.853  -15.414 -2.146  1.00 32.96 ? 62  GLY B O   1 
ATOM   1314 N N   . ALA B 1 63  ? 13.467  -13.198 -2.224  1.00 28.31 ? 63  ALA B N   1 
ATOM   1315 C CA  . ALA B 1 63  ? 13.084  -13.225 -3.629  1.00 30.13 ? 63  ALA B CA  1 
ATOM   1316 C C   . ALA B 1 63  ? 14.244  -13.702 -4.524  1.00 30.34 ? 63  ALA B C   1 
ATOM   1317 O O   . ALA B 1 63  ? 14.028  -14.388 -5.517  1.00 31.08 ? 63  ALA B O   1 
ATOM   1318 C CB  . ALA B 1 63  ? 12.581  -11.849 -4.078  1.00 25.90 ? 63  ALA B CB  1 
ATOM   1319 N N   . ALA B 1 64  ? 15.471  -13.358 -4.142  1.00 31.84 ? 64  ALA B N   1 
ATOM   1320 C CA  . ALA B 1 64  ? 16.649  -13.723 -4.917  1.00 32.95 ? 64  ALA B CA  1 
ATOM   1321 C C   . ALA B 1 64  ? 16.859  -15.238 -4.914  1.00 33.26 ? 64  ALA B C   1 
ATOM   1322 O O   . ALA B 1 64  ? 17.532  -15.781 -5.782  1.00 37.93 ? 64  ALA B O   1 
ATOM   1323 C CB  . ALA B 1 64  ? 17.884  -13.019 -4.359  1.00 35.56 ? 64  ALA B CB  1 
ATOM   1324 N N   . GLN B 1 65  ? 16.285  -15.913 -3.932  1.00 33.06 ? 65  GLN B N   1 
ATOM   1325 C CA  . GLN B 1 65  ? 16.408  -17.355 -3.824  1.00 35.91 ? 65  GLN B CA  1 
ATOM   1326 C C   . GLN B 1 65  ? 15.305  -18.083 -4.577  1.00 34.47 ? 65  GLN B C   1 
ATOM   1327 O O   . GLN B 1 65  ? 15.287  -19.305 -4.603  1.00 33.27 ? 65  GLN B O   1 
ATOM   1328 C CB  . GLN B 1 65  ? 16.326  -17.765 -2.359  1.00 36.54 ? 65  GLN B CB  1 
ATOM   1329 C CG  . GLN B 1 65  ? 17.370  -17.118 -1.472  1.00 42.26 ? 65  GLN B CG  1 
ATOM   1330 C CD  . GLN B 1 65  ? 18.611  -17.955 -1.352  1.00 42.27 ? 65  GLN B CD  1 
ATOM   1331 O OE1 . GLN B 1 65  ? 18.557  -19.189 -1.427  1.00 42.45 ? 65  GLN B OE1 1 
ATOM   1332 N NE2 . GLN B 1 65  ? 19.747  -17.296 -1.173  1.00 45.92 ? 65  GLN B NE2 1 
ATOM   1333 N N   . MET B 1 66  ? 14.361  -17.335 -5.137  1.00 33.48 ? 66  MET B N   1 
ATOM   1334 C CA  . MET B 1 66  ? 13.172  -17.929 -5.753  1.00 30.59 ? 66  MET B CA  1 
ATOM   1335 C C   . MET B 1 66  ? 13.274  -17.983 -7.279  1.00 31.07 ? 66  MET B C   1 
ATOM   1336 O O   . MET B 1 66  ? 13.937  -17.141 -7.904  1.00 27.42 ? 66  MET B O   1 
ATOM   1337 C CB  . MET B 1 66  ? 11.911  -17.150 -5.338  1.00 30.18 ? 66  MET B CB  1 
ATOM   1338 C CG  . MET B 1 66  ? 11.582  -17.248 -3.859  1.00 30.13 ? 66  MET B CG  1 
ATOM   1339 S SD  . MET B 1 66  ? 10.172  -16.247 -3.341  1.00 32.45 ? 66  MET B SD  1 
ATOM   1340 C CE  . MET B 1 66  ? 8.847   -17.065 -4.233  1.00 28.43 ? 66  MET B CE  1 
ATOM   1341 N N   . SER B 1 67  ? 12.617  -18.979 -7.878  1.00 31.25 ? 67  SER B N   1 
ATOM   1342 C CA  . SER B 1 67  ? 12.571  -19.085 -9.334  1.00 31.55 ? 67  SER B CA  1 
ATOM   1343 C C   . SER B 1 67  ? 11.181  -18.747 -9.859  1.00 27.64 ? 67  SER B C   1 
ATOM   1344 O O   . SER B 1 67  ? 10.188  -18.826 -9.135  1.00 30.04 ? 67  SER B O   1 
ATOM   1345 C CB  . SER B 1 67  ? 13.037  -20.472 -9.839  1.00 31.74 ? 67  SER B CB  1 
ATOM   1346 O OG  . SER B 1 67  ? 12.244  -21.516 -9.299  1.00 32.84 ? 67  SER B OG  1 
ATOM   1347 N N   . LEU B 1 68  ? 11.126  -18.344 -11.117 1.00 29.86 ? 68  LEU B N   1 
ATOM   1348 C CA  . LEU B 1 68  ? 9.875   -17.943 -11.750 1.00 30.21 ? 68  LEU B CA  1 
ATOM   1349 C C   . LEU B 1 68  ? 8.756   -18.966 -11.530 1.00 28.64 ? 68  LEU B C   1 
ATOM   1350 O O   . LEU B 1 68  ? 8.923   -20.149 -11.819 1.00 33.08 ? 68  LEU B O   1 
ATOM   1351 C CB  . LEU B 1 68  ? 10.130  -17.740 -13.246 1.00 33.29 ? 68  LEU B CB  1 
ATOM   1352 C CG  . LEU B 1 68  ? 9.471   -16.540 -13.895 1.00 37.49 ? 68  LEU B CG  1 
ATOM   1353 C CD1 . LEU B 1 68  ? 9.757   -15.320 -13.037 1.00 39.45 ? 68  LEU B CD1 1 
ATOM   1354 C CD2 . LEU B 1 68  ? 9.997   -16.356 -15.308 1.00 36.65 ? 68  LEU B CD2 1 
ATOM   1355 N N   . GLY B 1 69  ? 7.625   -18.513 -11.000 1.00 28.36 ? 69  GLY B N   1 
ATOM   1356 C CA  . GLY B 1 69  ? 6.493   -19.387 -10.766 1.00 25.34 ? 69  GLY B CA  1 
ATOM   1357 C C   . GLY B 1 69  ? 6.394   -19.912 -9.349  1.00 29.73 ? 69  GLY B C   1 
ATOM   1358 O O   . GLY B 1 69  ? 5.349   -20.418 -8.945  1.00 32.96 ? 69  GLY B O   1 
ATOM   1359 N N   . GLN B 1 70  ? 7.476   -19.782 -8.588  1.00 31.20 ? 70  GLN B N   1 
ATOM   1360 C CA  . GLN B 1 70  ? 7.503   -20.278 -7.212  1.00 28.13 ? 70  GLN B CA  1 
ATOM   1361 C C   . GLN B 1 70  ? 6.642   -19.433 -6.285  1.00 31.05 ? 70  GLN B C   1 
ATOM   1362 O O   . GLN B 1 70  ? 6.584   -18.204 -6.400  1.00 29.84 ? 70  GLN B O   1 
ATOM   1363 C CB  . GLN B 1 70  ? 8.938   -20.325 -6.681  1.00 32.14 ? 70  GLN B CB  1 
ATOM   1364 C CG  . GLN B 1 70  ? 9.097   -21.009 -5.319  1.00 31.07 ? 70  GLN B CG  1 
ATOM   1365 C CD  . GLN B 1 70  ? 10.556  -21.107 -4.909  1.00 30.54 ? 70  GLN B CD  1 
ATOM   1366 O OE1 . GLN B 1 70  ? 11.434  -20.676 -5.643  1.00 29.56 ? 70  GLN B OE1 1 
ATOM   1367 N NE2 . GLN B 1 70  ? 10.817  -21.684 -3.740  1.00 32.20 ? 70  GLN B NE2 1 
ATOM   1368 N N   . ARG B 1 71  ? 5.961   -20.103 -5.370  1.00 28.59 ? 71  ARG B N   1 
ATOM   1369 C CA  . ARG B 1 71  ? 5.282   -19.417 -4.286  1.00 28.82 ? 71  ARG B CA  1 
ATOM   1370 C C   . ARG B 1 71  ? 5.890   -19.930 -2.997  1.00 33.52 ? 71  ARG B C   1 
ATOM   1371 O O   . ARG B 1 71  ? 6.012   -21.139 -2.806  1.00 34.57 ? 71  ARG B O   1 
ATOM   1372 C CB  . ARG B 1 71  ? 3.781   -19.686 -4.329  1.00 30.92 ? 71  ARG B CB  1 
ATOM   1373 C CG  . ARG B 1 71  ? 3.007   -19.024 -3.205  1.00 34.43 ? 71  ARG B CG  1 
ATOM   1374 C CD  . ARG B 1 71  ? 1.555   -18.815 -3.573  1.00 36.22 ? 71  ARG B CD  1 
ATOM   1375 N NE  . ARG B 1 71  ? 0.835   -18.090 -2.529  1.00 37.96 ? 71  ARG B NE  1 
ATOM   1376 C CZ  . ARG B 1 71  ? -0.440  -17.715 -2.620  1.00 43.00 ? 71  ARG B CZ  1 
ATOM   1377 N NH1 . ARG B 1 71  ? -1.148  -18.006 -3.708  1.00 45.83 ? 71  ARG B NH1 1 
ATOM   1378 N NH2 . ARG B 1 71  ? -1.012  -17.057 -1.619  1.00 41.60 ? 71  ARG B NH2 1 
ATOM   1379 N N   . ALA B 1 72  ? 6.284   -19.014 -2.119  1.00 33.14 ? 72  ALA B N   1 
ATOM   1380 C CA  . ALA B 1 72  ? 6.967   -19.403 -0.892  1.00 33.37 ? 72  ALA B CA  1 
ATOM   1381 C C   . ALA B 1 72  ? 6.563   -18.556 0.308   1.00 34.35 ? 72  ALA B C   1 
ATOM   1382 O O   . ALA B 1 72  ? 6.095   -17.425 0.160   1.00 30.72 ? 72  ALA B O   1 
ATOM   1383 C CB  . ALA B 1 72  ? 8.476   -19.348 -1.095  1.00 33.28 ? 72  ALA B CB  1 
ATOM   1384 N N   . LYS B 1 73  ? 6.727   -19.127 1.494   1.00 32.01 ? 73  LYS B N   1 
ATOM   1385 C CA  . LYS B 1 73  ? 6.602   -18.369 2.731   1.00 35.01 ? 73  LYS B CA  1 
ATOM   1386 C C   . LYS B 1 73  ? 7.998   -17.925 3.151   1.00 35.07 ? 73  LYS B C   1 
ATOM   1387 O O   . LYS B 1 73  ? 8.924   -18.746 3.259   1.00 34.17 ? 73  LYS B O   1 
ATOM   1388 C CB  . LYS B 1 73  ? 5.954   -19.213 3.829   1.00 39.32 ? 73  LYS B CB  1 
ATOM   1389 C CG  . LYS B 1 73  ? 5.638   -18.424 5.095   1.00 43.22 ? 73  LYS B CG  1 
ATOM   1390 C CD  . LYS B 1 73  ? 5.124   -19.313 6.234   1.00 53.00 ? 73  LYS B CD  1 
ATOM   1391 C CE  . LYS B 1 73  ? 6.258   -20.074 6.914   1.00 55.95 ? 73  LYS B CE  1 
ATOM   1392 N NZ  . LYS B 1 73  ? 5.800   -20.750 8.161   1.00 62.50 ? 73  LYS B NZ  1 
ATOM   1393 N N   . LEU B 1 74  ? 8.163   -16.621 3.346   1.00 31.14 ? 74  LEU B N   1 
ATOM   1394 C CA  . LEU B 1 74  ? 9.428   -16.090 3.833   1.00 30.25 ? 74  LEU B CA  1 
ATOM   1395 C C   . LEU B 1 74  ? 9.302   -15.794 5.320   1.00 34.40 ? 74  LEU B C   1 
ATOM   1396 O O   . LEU B 1 74  ? 8.348   -15.150 5.746   1.00 30.76 ? 74  LEU B O   1 
ATOM   1397 C CB  . LEU B 1 74  ? 9.801   -14.789 3.116   1.00 31.73 ? 74  LEU B CB  1 
ATOM   1398 C CG  . LEU B 1 74  ? 9.897   -14.754 1.599   1.00 33.67 ? 74  LEU B CG  1 
ATOM   1399 C CD1 . LEU B 1 74  ? 10.645  -13.508 1.161   1.00 28.20 ? 74  LEU B CD1 1 
ATOM   1400 C CD2 . LEU B 1 74  ? 10.573  -15.968 1.113   1.00 32.26 ? 74  LEU B CD2 1 
ATOM   1401 N N   . THR B 1 75  ? 10.283  -16.246 6.093   1.00 33.14 ? 75  THR B N   1 
ATOM   1402 C CA  . THR B 1 75  ? 10.352  -15.957 7.516   1.00 37.42 ? 75  THR B CA  1 
ATOM   1403 C C   . THR B 1 75  ? 11.560  -15.050 7.730   1.00 31.60 ? 75  THR B C   1 
ATOM   1404 O O   . THR B 1 75  ? 12.685  -15.430 7.431   1.00 35.45 ? 75  THR B O   1 
ATOM   1405 C CB  . THR B 1 75  ? 10.467  -17.260 8.345   1.00 38.75 ? 75  THR B CB  1 
ATOM   1406 O OG1 . THR B 1 75  ? 9.331   -18.096 8.076   1.00 36.27 ? 75  THR B OG1 1 
ATOM   1407 C CG2 . THR B 1 75  ? 10.491  -16.953 9.824   1.00 38.27 ? 75  THR B CG2 1 
ATOM   1408 N N   . ILE B 1 76  ? 11.315  -13.828 8.202   1.00 31.21 ? 76  ILE B N   1 
ATOM   1409 C CA  . ILE B 1 76  ? 12.339  -12.793 8.152   1.00 27.90 ? 76  ILE B CA  1 
ATOM   1410 C C   . ILE B 1 76  ? 12.671  -12.248 9.537   1.00 30.81 ? 76  ILE B C   1 
ATOM   1411 O O   . ILE B 1 76  ? 11.793  -11.739 10.224  1.00 30.85 ? 76  ILE B O   1 
ATOM   1412 C CB  . ILE B 1 76  ? 11.893  -11.624 7.240   1.00 29.53 ? 76  ILE B CB  1 
ATOM   1413 C CG1 . ILE B 1 76  ? 11.612  -12.132 5.827   1.00 27.24 ? 76  ILE B CG1 1 
ATOM   1414 C CG2 . ILE B 1 76  ? 12.943  -10.540 7.219   1.00 27.26 ? 76  ILE B CG2 1 
ATOM   1415 C CD1 . ILE B 1 76  ? 11.253  -11.024 4.833   1.00 30.61 ? 76  ILE B CD1 1 
ATOM   1416 N N   . THR B 1 77  ? 13.938  -12.347 9.937   1.00 31.25 ? 77  THR B N   1 
ATOM   1417 C CA  . THR B 1 77  ? 14.363  -11.851 11.250  1.00 34.92 ? 77  THR B CA  1 
ATOM   1418 C C   . THR B 1 77  ? 14.396  -10.319 11.259  1.00 29.87 ? 77  THR B C   1 
ATOM   1419 O O   . THR B 1 77  ? 14.515  -9.701  10.197  1.00 28.68 ? 77  THR B O   1 
ATOM   1420 C CB  . THR B 1 77  ? 15.746  -12.433 11.657  1.00 32.35 ? 77  THR B CB  1 
ATOM   1421 O OG1 . THR B 1 77  ? 16.729  -12.099 10.672  1.00 35.14 ? 77  THR B OG1 1 
ATOM   1422 C CG2 . THR B 1 77  ? 15.661  -13.949 11.779  1.00 35.33 ? 77  THR B CG2 1 
ATOM   1423 N N   . PRO B 1 78  ? 14.272  -9.702  12.455  1.00 29.64 ? 78  PRO B N   1 
ATOM   1424 C CA  . PRO B 1 78  ? 14.231  -8.238  12.571  1.00 32.03 ? 78  PRO B CA  1 
ATOM   1425 C C   . PRO B 1 78  ? 15.440  -7.537  11.984  1.00 30.84 ? 78  PRO B C   1 
ATOM   1426 O O   . PRO B 1 78  ? 15.305  -6.433  11.460  1.00 29.90 ? 78  PRO B O   1 
ATOM   1427 C CB  . PRO B 1 78  ? 14.201  -8.005  14.089  1.00 34.25 ? 78  PRO B CB  1 
ATOM   1428 C CG  . PRO B 1 78  ? 13.584  -9.234  14.642  1.00 32.59 ? 78  PRO B CG  1 
ATOM   1429 C CD  . PRO B 1 78  ? 14.026  -10.361 13.753  1.00 31.00 ? 78  PRO B CD  1 
ATOM   1430 N N   . ASP B 1 79  ? 16.614  -8.151  12.073  1.00 30.71 ? 79  ASP B N   1 
ATOM   1431 C CA  . ASP B 1 79  ? 17.812  -7.464  11.609  1.00 35.84 ? 79  ASP B CA  1 
ATOM   1432 C C   . ASP B 1 79  ? 17.847  -7.295  10.087  1.00 32.71 ? 79  ASP B C   1 
ATOM   1433 O O   . ASP B 1 79  ? 18.619  -6.483  9.573   1.00 33.50 ? 79  ASP B O   1 
ATOM   1434 C CB  . ASP B 1 79  ? 19.087  -8.140  12.119  1.00 35.71 ? 79  ASP B CB  1 
ATOM   1435 C CG  . ASP B 1 79  ? 19.228  -9.560  11.621  1.00 40.39 ? 79  ASP B CG  1 
ATOM   1436 O OD1 . ASP B 1 79  ? 18.315  -10.374 11.865  1.00 40.82 ? 79  ASP B OD1 1 
ATOM   1437 O OD2 . ASP B 1 79  ? 20.244  -9.859  10.963  1.00 46.69 ? 79  ASP B OD2 1 
ATOM   1438 N N   . VAL B 1 80  ? 17.015  -8.051  9.370   1.00 28.54 ? 80  VAL B N   1 
ATOM   1439 C CA  . VAL B 1 80  ? 16.869  -7.838  7.931   1.00 27.25 ? 80  VAL B CA  1 
ATOM   1440 C C   . VAL B 1 80  ? 15.455  -7.353  7.590   1.00 31.29 ? 80  VAL B C   1 
ATOM   1441 O O   . VAL B 1 80  ? 14.990  -7.498  6.459   1.00 28.33 ? 80  VAL B O   1 
ATOM   1442 C CB  . VAL B 1 80  ? 17.215  -9.107  7.103   1.00 31.35 ? 80  VAL B CB  1 
ATOM   1443 C CG1 . VAL B 1 80  ? 18.710  -9.414  7.207   1.00 36.71 ? 80  VAL B CG1 1 
ATOM   1444 C CG2 . VAL B 1 80  ? 16.407  -10.279 7.562   1.00 29.61 ? 80  VAL B CG2 1 
ATOM   1445 N N   . ALA B 1 81  ? 14.775  -6.773  8.576   1.00 29.84 ? 81  ALA B N   1 
ATOM   1446 C CA  . ALA B 1 81  ? 13.458  -6.191  8.334   1.00 27.18 ? 81  ALA B CA  1 
ATOM   1447 C C   . ALA B 1 81  ? 13.433  -4.761  8.863   1.00 28.80 ? 81  ALA B C   1 
ATOM   1448 O O   . ALA B 1 81  ? 14.062  -3.891  8.274   1.00 29.86 ? 81  ALA B O   1 
ATOM   1449 C CB  . ALA B 1 81  ? 12.356  -7.054  8.944   1.00 25.82 ? 81  ALA B CB  1 
ATOM   1450 N N   . TYR B 1 82  ? 12.749  -4.509  9.974   1.00 26.61 ? 82  TYR B N   1 
ATOM   1451 C CA  . TYR B 1 82  ? 12.712  -3.142  10.521  1.00 30.29 ? 82  TYR B CA  1 
ATOM   1452 C C   . TYR B 1 82  ? 13.498  -2.941  11.820  1.00 32.21 ? 82  TYR B C   1 
ATOM   1453 O O   . TYR B 1 82  ? 13.492  -1.857  12.395  1.00 33.57 ? 82  TYR B O   1 
ATOM   1454 C CB  . TYR B 1 82  ? 11.267  -2.646  10.659  1.00 29.07 ? 82  TYR B CB  1 
ATOM   1455 C CG  . TYR B 1 82  ? 10.559  -2.555  9.325   1.00 29.63 ? 82  TYR B CG  1 
ATOM   1456 C CD1 . TYR B 1 82  ? 10.644  -1.413  8.545   1.00 33.72 ? 82  TYR B CD1 1 
ATOM   1457 C CD2 . TYR B 1 82  ? 9.828   -3.624  8.836   1.00 28.69 ? 82  TYR B CD2 1 
ATOM   1458 C CE1 . TYR B 1 82  ? 9.999   -1.331  7.315   1.00 31.60 ? 82  TYR B CE1 1 
ATOM   1459 C CE2 . TYR B 1 82  ? 9.174   -3.549  7.621   1.00 30.19 ? 82  TYR B CE2 1 
ATOM   1460 C CZ  . TYR B 1 82  ? 9.263   -2.402  6.866   1.00 31.53 ? 82  TYR B CZ  1 
ATOM   1461 O OH  . TYR B 1 82  ? 8.618   -2.345  5.650   1.00 33.22 ? 82  TYR B OH  1 
ATOM   1462 N N   . GLY B 1 83  ? 14.166  -3.988  12.285  1.00 30.15 ? 83  GLY B N   1 
ATOM   1463 C CA  . GLY B 1 83  ? 15.125  -3.849  13.367  1.00 35.50 ? 83  GLY B CA  1 
ATOM   1464 C C   . GLY B 1 83  ? 14.543  -3.446  14.710  1.00 32.28 ? 83  GLY B C   1 
ATOM   1465 O O   . GLY B 1 83  ? 13.364  -3.638  14.991  1.00 32.14 ? 83  GLY B O   1 
ATOM   1466 N N   . ALA B 1 84  ? 15.402  -2.878  15.541  1.00 33.70 ? 84  ALA B N   1 
ATOM   1467 C CA  . ALA B 1 84  ? 15.043  -2.524  16.898  1.00 36.27 ? 84  ALA B CA  1 
ATOM   1468 C C   . ALA B 1 84  ? 14.030  -1.382  16.968  1.00 36.59 ? 84  ALA B C   1 
ATOM   1469 O O   . ALA B 1 84  ? 13.223  -1.335  17.888  1.00 36.51 ? 84  ALA B O   1 
ATOM   1470 C CB  . ALA B 1 84  ? 16.310  -2.175  17.694  1.00 40.49 ? 84  ALA B CB  1 
ATOM   1471 N N   . THR B 1 85  ? 14.079  -0.460  16.012  1.00 37.75 ? 85  THR B N   1 
ATOM   1472 C CA  . THR B 1 85  ? 13.171  0.687   16.027  1.00 37.21 ? 85  THR B CA  1 
ATOM   1473 C C   . THR B 1 85  ? 11.782  0.311   15.518  1.00 39.23 ? 85  THR B C   1 
ATOM   1474 O O   . THR B 1 85  ? 10.781  0.906   15.918  1.00 40.64 ? 85  THR B O   1 
ATOM   1475 C CB  . THR B 1 85  ? 13.717  1.855   15.188  1.00 41.04 ? 85  THR B CB  1 
ATOM   1476 O OG1 . THR B 1 85  ? 13.867  1.433   13.827  1.00 44.79 ? 85  THR B OG1 1 
ATOM   1477 C CG2 . THR B 1 85  ? 15.071  2.293   15.709  1.00 47.38 ? 85  THR B CG2 1 
ATOM   1478 N N   . GLY B 1 86  ? 11.713  -0.681  14.638  1.00 37.33 ? 86  GLY B N   1 
ATOM   1479 C CA  . GLY B 1 86  ? 10.447  -1.046  14.026  1.00 31.15 ? 86  GLY B CA  1 
ATOM   1480 C C   . GLY B 1 86  ? 10.033  0.031   13.035  1.00 34.50 ? 86  GLY B C   1 
ATOM   1481 O O   . GLY B 1 86  ? 10.859  0.806   12.556  1.00 33.21 ? 86  GLY B O   1 
ATOM   1482 N N   . HIS B 1 87  ? 8.752   0.067   12.697  1.00 38.40 ? 87  HIS B N   1 
ATOM   1483 C CA  . HIS B 1 87  ? 8.252   1.158   11.877  1.00 38.98 ? 87  HIS B CA  1 
ATOM   1484 C C   . HIS B 1 87  ? 7.036   1.787   12.522  1.00 38.33 ? 87  HIS B C   1 
ATOM   1485 O O   . HIS B 1 87  ? 5.975   1.170   12.575  1.00 37.92 ? 87  HIS B O   1 
ATOM   1486 C CB  . HIS B 1 87  ? 7.930   0.727   10.443  1.00 38.22 ? 87  HIS B CB  1 
ATOM   1487 C CG  . HIS B 1 87  ? 7.583   1.880   9.552   1.00 45.46 ? 87  HIS B CG  1 
ATOM   1488 N ND1 . HIS B 1 87  ? 8.529   2.566   8.815   1.00 50.68 ? 87  HIS B ND1 1 
ATOM   1489 C CD2 . HIS B 1 87  ? 6.406   2.508   9.321   1.00 46.04 ? 87  HIS B CD2 1 
ATOM   1490 C CE1 . HIS B 1 87  ? 7.943   3.542   8.148   1.00 54.18 ? 87  HIS B CE1 1 
ATOM   1491 N NE2 . HIS B 1 87  ? 6.652   3.532   8.441   1.00 47.74 ? 87  HIS B NE2 1 
ATOM   1492 N N   . PRO B 1 88  ? 7.183   3.050   12.900  1.00 44.12 ? 88  PRO B N   1 
ATOM   1493 C CA  . PRO B 1 88  ? 6.215   3.660   13.791  1.00 46.92 ? 88  PRO B CA  1 
ATOM   1494 C C   . PRO B 1 88  ? 4.838   3.496   13.197  1.00 40.40 ? 88  PRO B C   1 
ATOM   1495 O O   . PRO B 1 88  ? 4.556   3.800   12.038  1.00 45.89 ? 88  PRO B O   1 
ATOM   1496 C CB  . PRO B 1 88  ? 6.620   5.134   13.785  1.00 51.85 ? 88  PRO B CB  1 
ATOM   1497 C CG  . PRO B 1 88  ? 8.080   5.111   13.531  1.00 52.22 ? 88  PRO B CG  1 
ATOM   1498 C CD  . PRO B 1 88  ? 8.318   3.945   12.614  1.00 47.46 ? 88  PRO B CD  1 
ATOM   1499 N N   . GLY B 1 89  ? 3.980   2.994   14.064  1.00 42.17 ? 89  GLY B N   1 
ATOM   1500 C CA  . GLY B 1 89  ? 2.565   2.767   13.809  1.00 43.90 ? 89  GLY B CA  1 
ATOM   1501 C C   . GLY B 1 89  ? 2.227   1.582   12.919  1.00 42.19 ? 89  GLY B C   1 
ATOM   1502 O O   . GLY B 1 89  ? 1.053   1.332   12.620  1.00 38.21 ? 89  GLY B O   1 
ATOM   1503 N N   . VAL B 1 90  ? 3.252   0.850   12.491  1.00 38.58 ? 90  VAL B N   1 
ATOM   1504 C CA  . VAL B 1 90  ? 3.069   -0.230  11.530  1.00 37.14 ? 90  VAL B CA  1 
ATOM   1505 C C   . VAL B 1 90  ? 3.712   -1.511  12.046  1.00 36.95 ? 90  VAL B C   1 
ATOM   1506 O O   . VAL B 1 90  ? 3.059   -2.554  12.165  1.00 36.06 ? 90  VAL B O   1 
ATOM   1507 C CB  . VAL B 1 90  ? 3.712   0.123   10.171  1.00 33.69 ? 90  VAL B CB  1 
ATOM   1508 C CG1 . VAL B 1 90  ? 3.468   -0.999  9.142   1.00 29.89 ? 90  VAL B CG1 1 
ATOM   1509 C CG2 . VAL B 1 90  ? 3.181   1.440   9.664   1.00 36.12 ? 90  VAL B CG2 1 
ATOM   1510 N N   . ILE B 1 91  ? 5.001   -1.421  12.347  1.00 32.97 ? 91  ILE B N   1 
ATOM   1511 C CA  . ILE B 1 91  ? 5.761   -2.586  12.789  1.00 34.33 ? 91  ILE B CA  1 
ATOM   1512 C C   . ILE B 1 91  ? 6.352   -2.295  14.157  1.00 31.76 ? 91  ILE B C   1 
ATOM   1513 O O   . ILE B 1 91  ? 7.081   -1.315  14.325  1.00 34.65 ? 91  ILE B O   1 
ATOM   1514 C CB  . ILE B 1 91  ? 6.917   -2.907  11.821  1.00 29.53 ? 91  ILE B CB  1 
ATOM   1515 C CG1 . ILE B 1 91  ? 6.436   -2.926  10.363  1.00 30.22 ? 91  ILE B CG1 1 
ATOM   1516 C CG2 . ILE B 1 91  ? 7.610   -4.235  12.212  1.00 28.53 ? 91  ILE B CG2 1 
ATOM   1517 C CD1 . ILE B 1 91  ? 5.452   -4.042  10.037  1.00 32.08 ? 91  ILE B CD1 1 
ATOM   1518 N N   . PRO B 1 92  ? 6.045   -3.154  15.139  1.00 35.59 ? 92  PRO B N   1 
ATOM   1519 C CA  . PRO B 1 92  ? 6.632   -3.029  16.479  1.00 33.85 ? 92  PRO B CA  1 
ATOM   1520 C C   . PRO B 1 92  ? 8.133   -3.321  16.453  1.00 32.89 ? 92  PRO B C   1 
ATOM   1521 O O   . PRO B 1 92  ? 8.636   -3.924  15.494  1.00 32.92 ? 92  PRO B O   1 
ATOM   1522 C CB  . PRO B 1 92  ? 5.873   -4.085  17.298  1.00 36.62 ? 92  PRO B CB  1 
ATOM   1523 C CG  . PRO B 1 92  ? 5.364   -5.054  16.324  1.00 33.04 ? 92  PRO B CG  1 
ATOM   1524 C CD  . PRO B 1 92  ? 5.181   -4.343  15.009  1.00 29.89 ? 92  PRO B CD  1 
ATOM   1525 N N   . PRO B 1 93  ? 8.857   -2.877  17.486  1.00 35.32 ? 93  PRO B N   1 
ATOM   1526 C CA  . PRO B 1 93  ? 10.301  -3.116  17.598  1.00 35.91 ? 93  PRO B CA  1 
ATOM   1527 C C   . PRO B 1 93  ? 10.650  -4.611  17.552  1.00 34.72 ? 93  PRO B C   1 
ATOM   1528 O O   . PRO B 1 93  ? 9.880   -5.422  18.066  1.00 35.92 ? 93  PRO B O   1 
ATOM   1529 C CB  . PRO B 1 93  ? 10.629  -2.561  18.986  1.00 38.91 ? 93  PRO B CB  1 
ATOM   1530 C CG  . PRO B 1 93  ? 9.592   -1.520  19.231  1.00 39.90 ? 93  PRO B CG  1 
ATOM   1531 C CD  . PRO B 1 93  ? 8.342   -2.058  18.603  1.00 40.17 ? 93  PRO B CD  1 
ATOM   1532 N N   . ASN B 1 94  ? 11.792  -4.956  16.955  1.00 32.64 ? 94  ASN B N   1 
ATOM   1533 C CA  . ASN B 1 94  ? 12.254  -6.345  16.882  1.00 34.88 ? 94  ASN B CA  1 
ATOM   1534 C C   . ASN B 1 94  ? 11.208  -7.355  16.420  1.00 35.69 ? 94  ASN B C   1 
ATOM   1535 O O   . ASN B 1 94  ? 11.046  -8.412  17.025  1.00 34.62 ? 94  ASN B O   1 
ATOM   1536 C CB  . ASN B 1 94  ? 12.821  -6.780  18.232  1.00 37.98 ? 94  ASN B CB  1 
ATOM   1537 C CG  . ASN B 1 94  ? 13.951  -5.895  18.681  1.00 37.74 ? 94  ASN B CG  1 
ATOM   1538 O OD1 . ASN B 1 94  ? 14.939  -5.730  17.966  1.00 42.27 ? 94  ASN B OD1 1 
ATOM   1539 N ND2 . ASN B 1 94  ? 13.802  -5.287  19.843  1.00 37.16 ? 94  ASN B ND2 1 
ATOM   1540 N N   . ALA B 1 95  ? 10.506  -7.030  15.340  1.00 31.22 ? 95  ALA B N   1 
ATOM   1541 C CA  . ALA B 1 95  ? 9.460   -7.912  14.842  1.00 30.66 ? 95  ALA B CA  1 
ATOM   1542 C C   . ALA B 1 95  ? 9.990   -8.889  13.800  1.00 31.15 ? 95  ALA B C   1 
ATOM   1543 O O   . ALA B 1 95  ? 10.760  -8.519  12.907  1.00 27.49 ? 95  ALA B O   1 
ATOM   1544 C CB  . ALA B 1 95  ? 8.324   -7.096  14.252  1.00 30.10 ? 95  ALA B CB  1 
ATOM   1545 N N   . THR B 1 96  ? 9.561   -10.138 13.927  1.00 30.44 ? 96  THR B N   1 
ATOM   1546 C CA  . THR B 1 96  ? 9.777   -11.137 12.897  1.00 30.73 ? 96  THR B CA  1 
ATOM   1547 C C   . THR B 1 96  ? 8.617   -11.064 11.912  1.00 29.72 ? 96  THR B C   1 
ATOM   1548 O O   . THR B 1 96  ? 7.460   -11.025 12.313  1.00 30.25 ? 96  THR B O   1 
ATOM   1549 C CB  . THR B 1 96  ? 9.866   -12.553 13.506  1.00 30.70 ? 96  THR B CB  1 
ATOM   1550 O OG1 . THR B 1 96  ? 11.095  -12.670 14.229  1.00 30.35 ? 96  THR B OG1 1 
ATOM   1551 C CG2 . THR B 1 96  ? 9.808   -13.617 12.424  1.00 31.91 ? 96  THR B CG2 1 
ATOM   1552 N N   . LEU B 1 97  ? 8.928   -11.025 10.621  1.00 29.92 ? 97  LEU B N   1 
ATOM   1553 C CA  . LEU B 1 97  ? 7.887   -10.867 9.618   1.00 31.77 ? 97  LEU B CA  1 
ATOM   1554 C C   . LEU B 1 97  ? 7.681   -12.156 8.832   1.00 28.50 ? 97  LEU B C   1 
ATOM   1555 O O   . LEU B 1 97  ? 8.591   -12.962 8.688   1.00 33.17 ? 97  LEU B O   1 
ATOM   1556 C CB  . LEU B 1 97  ? 8.225   -9.716  8.667   1.00 27.95 ? 97  LEU B CB  1 
ATOM   1557 C CG  . LEU B 1 97  ? 8.494   -8.381  9.364   1.00 28.32 ? 97  LEU B CG  1 
ATOM   1558 C CD1 . LEU B 1 97  ? 8.631   -7.248  8.356   1.00 28.14 ? 97  LEU B CD1 1 
ATOM   1559 C CD2 . LEU B 1 97  ? 7.409   -8.073  10.368  1.00 27.40 ? 97  LEU B CD2 1 
ATOM   1560 N N   . ILE B 1 98  ? 6.469   -12.341 8.333   1.00 28.82 ? 98  ILE B N   1 
ATOM   1561 C CA  . ILE B 1 98  ? 6.176   -13.474 7.471   1.00 31.09 ? 98  ILE B CA  1 
ATOM   1562 C C   . ILE B 1 98  ? 5.576   -12.922 6.189   1.00 28.22 ? 98  ILE B C   1 
ATOM   1563 O O   . ILE B 1 98  ? 4.607   -12.181 6.233   1.00 30.59 ? 98  ILE B O   1 
ATOM   1564 C CB  . ILE B 1 98  ? 5.176   -14.442 8.130   1.00 33.11 ? 98  ILE B CB  1 
ATOM   1565 C CG1 . ILE B 1 98  ? 5.765   -15.023 9.418   1.00 34.11 ? 98  ILE B CG1 1 
ATOM   1566 C CG2 . ILE B 1 98  ? 4.817   -15.571 7.172   1.00 38.30 ? 98  ILE B CG2 1 
ATOM   1567 C CD1 . ILE B 1 98  ? 7.030   -15.810 9.203   1.00 41.30 ? 98  ILE B CD1 1 
ATOM   1568 N N   . PHE B 1 99  ? 6.173   -13.252 5.051   1.00 29.62 ? 99  PHE B N   1 
ATOM   1569 C CA  . PHE B 1 99  ? 5.631   -12.819 3.766   1.00 31.08 ? 99  PHE B CA  1 
ATOM   1570 C C   . PHE B 1 99  ? 5.242   -14.027 2.922   1.00 29.08 ? 99  PHE B C   1 
ATOM   1571 O O   . PHE B 1 99  ? 6.011   -14.971 2.794   1.00 32.53 ? 99  PHE B O   1 
ATOM   1572 C CB  . PHE B 1 99  ? 6.678   -12.044 2.990   1.00 28.42 ? 99  PHE B CB  1 
ATOM   1573 C CG  . PHE B 1 99  ? 6.856   -10.642 3.437   1.00 29.10 ? 99  PHE B CG  1 
ATOM   1574 C CD1 . PHE B 1 99  ? 7.579   -10.343 4.578   1.00 26.47 ? 99  PHE B CD1 1 
ATOM   1575 C CD2 . PHE B 1 99  ? 6.323   -9.605  2.697   1.00 32.13 ? 99  PHE B CD2 1 
ATOM   1576 C CE1 . PHE B 1 99  ? 7.749   -9.033  4.974   1.00 27.00 ? 99  PHE B CE1 1 
ATOM   1577 C CE2 . PHE B 1 99  ? 6.509   -8.293  3.090   1.00 31.94 ? 99  PHE B CE2 1 
ATOM   1578 C CZ  . PHE B 1 99  ? 7.224   -8.014  4.224   1.00 27.70 ? 99  PHE B CZ  1 
ATOM   1579 N N   . ASP B 1 100 ? 4.052   -13.983 2.339   1.00 31.18 ? 100 ASP B N   1 
ATOM   1580 C CA  . ASP B 1 100 ? 3.650   -14.973 1.354   1.00 31.13 ? 100 ASP B CA  1 
ATOM   1581 C C   . ASP B 1 100 ? 3.986   -14.348 0.009   1.00 31.31 ? 100 ASP B C   1 
ATOM   1582 O O   . ASP B 1 100 ? 3.401   -13.335 -0.367  1.00 29.03 ? 100 ASP B O   1 
ATOM   1583 C CB  . ASP B 1 100 ? 2.148   -15.253 1.486   1.00 31.38 ? 100 ASP B CB  1 
ATOM   1584 C CG  . ASP B 1 100 ? 1.646   -16.324 0.515   1.00 40.02 ? 100 ASP B CG  1 
ATOM   1585 O OD1 . ASP B 1 100 ? 2.229   -16.511 -0.581  1.00 36.30 ? 100 ASP B OD1 1 
ATOM   1586 O OD2 . ASP B 1 100 ? 0.630   -16.974 0.853   1.00 45.60 ? 100 ASP B OD2 1 
ATOM   1587 N N   . VAL B 1 101 ? 4.945   -14.928 -0.698  1.00 26.96 ? 101 VAL B N   1 
ATOM   1588 C CA  . VAL B 1 101 ? 5.425   -14.341 -1.944  1.00 29.28 ? 101 VAL B CA  1 
ATOM   1589 C C   . VAL B 1 101 ? 5.290   -15.314 -3.121  1.00 28.54 ? 101 VAL B C   1 
ATOM   1590 O O   . VAL B 1 101 ? 5.589   -16.496 -2.993  1.00 31.04 ? 101 VAL B O   1 
ATOM   1591 C CB  . VAL B 1 101 ? 6.908   -13.888 -1.813  1.00 28.11 ? 101 VAL B CB  1 
ATOM   1592 C CG1 . VAL B 1 101 ? 7.396   -13.244 -3.120  1.00 25.71 ? 101 VAL B CG1 1 
ATOM   1593 C CG2 . VAL B 1 101 ? 7.064   -12.937 -0.635  1.00 28.23 ? 101 VAL B CG2 1 
ATOM   1594 N N   . GLU B 1 102 ? 4.832   -14.804 -4.262  1.00 30.05 ? 102 GLU B N   1 
ATOM   1595 C CA  . GLU B 1 102 ? 4.792   -15.576 -5.494  1.00 27.97 ? 102 GLU B CA  1 
ATOM   1596 C C   . GLU B 1 102 ? 5.552   -14.816 -6.565  1.00 28.45 ? 102 GLU B C   1 
ATOM   1597 O O   . GLU B 1 102 ? 5.250   -13.655 -6.843  1.00 24.83 ? 102 GLU B O   1 
ATOM   1598 C CB  . GLU B 1 102 ? 3.345   -15.834 -5.935  1.00 29.31 ? 102 GLU B CB  1 
ATOM   1599 C CG  . GLU B 1 102 ? 3.247   -16.641 -7.216  1.00 34.24 ? 102 GLU B CG  1 
ATOM   1600 C CD  . GLU B 1 102 ? 1.814   -16.946 -7.627  1.00 39.45 ? 102 GLU B CD  1 
ATOM   1601 O OE1 . GLU B 1 102 ? 0.876   -16.403 -7.009  1.00 39.78 ? 102 GLU B OE1 1 
ATOM   1602 O OE2 . GLU B 1 102 ? 1.635   -17.732 -8.582  1.00 42.02 ? 102 GLU B OE2 1 
ATOM   1603 N N   . LEU B 1 103 ? 6.565   -15.453 -7.150  1.00 26.20 ? 103 LEU B N   1 
ATOM   1604 C CA  . LEU B 1 103 ? 7.354   -14.787 -8.168  1.00 25.94 ? 103 LEU B CA  1 
ATOM   1605 C C   . LEU B 1 103 ? 6.681   -14.977 -9.535  1.00 29.36 ? 103 LEU B C   1 
ATOM   1606 O O   . LEU B 1 103 ? 6.638   -16.091 -10.053 1.00 28.00 ? 103 LEU B O   1 
ATOM   1607 C CB  . LEU B 1 103 ? 8.795   -15.333 -8.185  1.00 25.26 ? 103 LEU B CB  1 
ATOM   1608 C CG  . LEU B 1 103 ? 9.726   -14.715 -9.231  1.00 27.80 ? 103 LEU B CG  1 
ATOM   1609 C CD1 . LEU B 1 103 ? 9.804   -13.186 -9.079  1.00 27.65 ? 103 LEU B CD1 1 
ATOM   1610 C CD2 . LEU B 1 103 ? 11.122  -15.334 -9.142  1.00 26.18 ? 103 LEU B CD2 1 
ATOM   1611 N N   . LEU B 1 104 ? 6.163   -13.890 -10.107 1.00 27.09 ? 104 LEU B N   1 
ATOM   1612 C CA  . LEU B 1 104 ? 5.329   -13.964 -11.314 1.00 30.40 ? 104 LEU B CA  1 
ATOM   1613 C C   . LEU B 1 104 ? 6.109   -13.730 -12.602 1.00 32.19 ? 104 LEU B C   1 
ATOM   1614 O O   . LEU B 1 104 ? 5.769   -14.285 -13.651 1.00 30.05 ? 104 LEU B O   1 
ATOM   1615 C CB  . LEU B 1 104 ? 4.200   -12.930 -11.261 1.00 29.13 ? 104 LEU B CB  1 
ATOM   1616 C CG  . LEU B 1 104 ? 3.331   -12.823 -10.009 1.00 31.88 ? 104 LEU B CG  1 
ATOM   1617 C CD1 . LEU B 1 104 ? 2.483   -11.543 -10.039 1.00 29.46 ? 104 LEU B CD1 1 
ATOM   1618 C CD2 . LEU B 1 104 ? 2.455   -14.046 -9.848  1.00 33.48 ? 104 LEU B CD2 1 
ATOM   1619 N N   . ASN B 1 105 ? 7.129   -12.881 -12.538 1.00 29.87 ? 105 ASN B N   1 
ATOM   1620 C CA  . ASN B 1 105 ? 7.886   -12.529 -13.739 1.00 29.80 ? 105 ASN B CA  1 
ATOM   1621 C C   . ASN B 1 105 ? 9.198   -11.842 -13.399 1.00 31.54 ? 105 ASN B C   1 
ATOM   1622 O O   . ASN B 1 105 ? 9.370   -11.351 -12.290 1.00 27.46 ? 105 ASN B O   1 
ATOM   1623 C CB  . ASN B 1 105 ? 7.044   -11.644 -14.667 1.00 34.07 ? 105 ASN B CB  1 
ATOM   1624 C CG  . ASN B 1 105 ? 7.480   -11.733 -16.130 1.00 36.96 ? 105 ASN B CG  1 
ATOM   1625 O OD1 . ASN B 1 105 ? 8.407   -12.477 -16.481 1.00 35.84 ? 105 ASN B OD1 1 
ATOM   1626 N ND2 . ASN B 1 105 ? 6.805   -10.974 -16.990 1.00 42.26 ? 105 ASN B ND2 1 
ATOM   1627 N N   . LEU B 1 106 ? 10.125  -11.848 -14.351 1.00 30.99 ? 106 LEU B N   1 
ATOM   1628 C CA  . LEU B 1 106 ? 11.365  -11.087 -14.262 1.00 33.31 ? 106 LEU B CA  1 
ATOM   1629 C C   . LEU B 1 106 ? 11.480  -10.203 -15.505 1.00 42.97 ? 106 LEU B C   1 
ATOM   1630 O O   . LEU B 1 106 ? 11.212  -10.652 -16.625 1.00 43.84 ? 106 LEU B O   1 
ATOM   1631 C CB  . LEU B 1 106 ? 12.579  -12.018 -14.197 1.00 35.23 ? 106 LEU B CB  1 
ATOM   1632 C CG  . LEU B 1 106 ? 12.724  -12.971 -13.017 1.00 34.50 ? 106 LEU B CG  1 
ATOM   1633 C CD1 . LEU B 1 106 ? 14.000  -13.777 -13.147 1.00 42.21 ? 106 LEU B CD1 1 
ATOM   1634 C CD2 . LEU B 1 106 ? 12.766  -12.176 -11.749 1.00 37.12 ? 106 LEU B CD2 1 
ATOM   1635 N N   . GLU B 1 107 ? 11.865  -8.948  -15.303 1.00 37.13 ? 107 GLU B N   1 
ATOM   1636 C CA  . GLU B 1 107 ? 12.177  -8.031  -16.393 1.00 43.60 ? 107 GLU B CA  1 
ATOM   1637 C C   . GLU B 1 107 ? 13.655  -7.642  -16.281 1.00 48.19 ? 107 GLU B C   1 
ATOM   1638 O O   . GLU B 1 107 ? 14.004  -6.524  -15.871 1.00 53.63 ? 107 GLU B O   1 
ATOM   1639 C CB  . GLU B 1 107 ? 11.299  -6.780  -16.319 1.00 42.23 ? 107 GLU B CB  1 
ATOM   1640 C CG  . GLU B 1 107 ? 9.805   -7.045  -16.285 1.00 44.69 ? 107 GLU B CG  1 
ATOM   1641 C CD  . GLU B 1 107 ? 8.998   -5.779  -16.065 1.00 52.25 ? 107 GLU B CD  1 
ATOM   1642 O OE1 . GLU B 1 107 ? 9.584   -4.677  -16.125 1.00 53.87 ? 107 GLU B OE1 1 
ATOM   1643 O OE2 . GLU B 1 107 ? 7.776   -5.882  -15.823 1.00 54.31 ? 107 GLU B OE2 1 
ATOM   1644 O OXT . GLU B 1 107 ? 14.546  -8.446  -16.568 1.00 42.87 ? 107 GLU B OXT 1 
HETATM 1645 O O   . HOH C 2 .   ? -12.843 12.236  5.526   1.00 29.37 ? 201 HOH A O   1 
HETATM 1646 O O   . HOH C 2 .   ? -24.188 10.809  2.160   1.00 30.37 ? 202 HOH A O   1 
HETATM 1647 O O   . HOH C 2 .   ? -21.552 10.299  1.408   1.00 27.89 ? 203 HOH A O   1 
HETATM 1648 O O   . HOH C 2 .   ? -12.660 8.265   -10.171 1.00 33.58 ? 204 HOH A O   1 
HETATM 1649 O O   . HOH C 2 .   ? -7.740  6.614   8.379   1.00 31.20 ? 205 HOH A O   1 
HETATM 1650 O O   . HOH C 2 .   ? -4.885  16.644  -5.073  1.00 33.79 ? 206 HOH A O   1 
HETATM 1651 O O   . HOH C 2 .   ? -4.812  20.246  6.080   1.00 30.55 ? 207 HOH A O   1 
HETATM 1652 O O   . HOH C 2 .   ? 4.768   -1.991  -8.449  1.00 30.98 ? 208 HOH A O   1 
HETATM 1653 O O   . HOH C 2 .   ? -12.668 15.578  4.055   1.00 34.18 ? 209 HOH A O   1 
HETATM 1654 O O   . HOH C 2 .   ? -16.884 5.934   5.702   1.00 31.96 ? 210 HOH A O   1 
HETATM 1655 O O   . HOH C 2 .   ? 0.829   3.418   -8.355  1.00 38.15 ? 211 HOH A O   1 
HETATM 1656 O O   . HOH C 2 .   ? -10.012 1.718   -9.406  1.00 41.83 ? 212 HOH A O   1 
HETATM 1657 O O   . HOH C 2 .   ? -1.490  -0.750  0.180   1.00 32.42 ? 213 HOH A O   1 
HETATM 1658 O O   . HOH C 2 .   ? 0.364   -2.570  11.004  1.00 35.80 ? 214 HOH A O   1 
HETATM 1659 O O   . HOH C 2 .   ? -10.491 23.952  3.123   1.00 33.70 ? 215 HOH A O   1 
HETATM 1660 O O   . HOH C 2 .   ? -20.828 21.187  1.572   1.00 32.46 ? 216 HOH A O   1 
HETATM 1661 O O   . HOH C 2 .   ? -8.592  22.730  -3.651  1.00 40.30 ? 217 HOH A O   1 
HETATM 1662 O O   . HOH C 2 .   ? 3.825   11.716  -10.790 1.00 43.48 ? 218 HOH A O   1 
HETATM 1663 O O   . HOH C 2 .   ? -8.092  -0.400  -0.801  1.00 41.44 ? 219 HOH A O   1 
HETATM 1664 O O   . HOH C 2 .   ? 5.187   1.877   2.506   1.00 39.80 ? 220 HOH A O   1 
HETATM 1665 O O   . HOH C 2 .   ? -6.556  18.754  -4.789  1.00 36.56 ? 221 HOH A O   1 
HETATM 1666 O O   . HOH C 2 .   ? -22.564 14.079  -4.849  1.00 36.05 ? 222 HOH A O   1 
HETATM 1667 O O   . HOH C 2 .   ? 12.110  2.082   -9.483  1.00 39.61 ? 223 HOH A O   1 
HETATM 1668 O O   . HOH C 2 .   ? -23.498 2.962   -2.361  1.00 43.04 ? 224 HOH A O   1 
HETATM 1669 O O   . HOH C 2 .   ? -14.508 13.738  4.262   1.00 35.13 ? 225 HOH A O   1 
HETATM 1670 O O   . HOH C 2 .   ? -3.079  19.498  8.194   1.00 35.75 ? 226 HOH A O   1 
HETATM 1671 O O   . HOH C 2 .   ? -3.182  16.492  9.485   1.00 35.78 ? 227 HOH A O   1 
HETATM 1672 O O   . HOH C 2 .   ? 0.987   4.985   -10.415 1.00 36.56 ? 228 HOH A O   1 
HETATM 1673 O O   . HOH C 2 .   ? -6.033  29.944  0.894   1.00 44.83 ? 229 HOH A O   1 
HETATM 1674 O O   . HOH C 2 .   ? 1.214   19.474  -4.509  1.00 47.67 ? 230 HOH A O   1 
HETATM 1675 O O   . HOH C 2 .   ? -16.568 10.157  -11.071 1.00 44.33 ? 231 HOH A O   1 
HETATM 1676 O O   . HOH C 2 .   ? 3.863   5.675   9.857   1.00 38.81 ? 232 HOH A O   1 
HETATM 1677 O O   . HOH C 2 .   ? -0.862  3.439   13.626  1.00 43.29 ? 233 HOH A O   1 
HETATM 1678 O O   . HOH C 2 .   ? 1.368   5.959   11.901  1.00 43.71 ? 234 HOH A O   1 
HETATM 1679 O O   . HOH C 2 .   ? 10.069  7.640   -4.881  1.00 41.77 ? 235 HOH A O   1 
HETATM 1680 O O   . HOH C 2 .   ? 10.466  2.211   -1.943  1.00 42.99 ? 236 HOH A O   1 
HETATM 1681 O O   . HOH C 2 .   ? -1.274  23.098  -3.415  1.00 44.71 ? 237 HOH A O   1 
HETATM 1682 O O   . HOH C 2 .   ? -27.470 15.119  5.536   1.00 45.33 ? 238 HOH A O   1 
HETATM 1683 O O   . HOH C 2 .   ? -6.008  12.643  10.742  1.00 35.85 ? 239 HOH A O   1 
HETATM 1684 O O   . HOH C 2 .   ? 12.750  1.500   -12.015 1.00 46.11 ? 240 HOH A O   1 
HETATM 1685 O O   . HOH C 2 .   ? -1.458  4.556   -12.175 1.00 51.18 ? 241 HOH A O   1 
HETATM 1686 O O   . HOH C 2 .   ? -15.469 13.431  8.472   1.00 49.12 ? 242 HOH A O   1 
HETATM 1687 O O   . HOH C 2 .   ? -11.076 13.630  8.822   1.00 44.10 ? 243 HOH A O   1 
HETATM 1688 O O   . HOH C 2 .   ? -25.948 3.974   -0.878  1.00 47.09 ? 244 HOH A O   1 
HETATM 1689 O O   . HOH C 2 .   ? -6.009  4.699   -13.076 1.00 45.32 ? 245 HOH A O   1 
HETATM 1690 O O   . HOH C 2 .   ? -1.798  25.154  -2.046  1.00 53.57 ? 246 HOH A O   1 
HETATM 1691 O O   . HOH C 2 .   ? 4.302   -1.083  -11.494 1.00 44.23 ? 247 HOH A O   1 
HETATM 1692 O O   . HOH C 2 .   ? -7.176  8.819   15.508  1.00 47.29 ? 248 HOH A O   1 
HETATM 1693 O O   . HOH C 2 .   ? 6.670   -0.103  -12.112 1.00 49.57 ? 249 HOH A O   1 
HETATM 1694 O O   . HOH C 2 .   ? -15.913 14.760  -12.112 1.00 55.52 ? 250 HOH A O   1 
HETATM 1695 O O   . HOH C 2 .   ? -5.964  3.052   -11.848 1.00 54.30 ? 251 HOH A O   1 
HETATM 1696 O O   . HOH C 2 .   ? -16.285 24.922  -5.639  1.00 30.00 ? 252 HOH A O   1 
HETATM 1697 O O   . HOH D 2 .   ? 11.036  -5.958  11.783  1.00 26.94 ? 201 HOH B O   1 
HETATM 1698 O O   . HOH D 2 .   ? 10.866  -4.365  14.013  1.00 32.44 ? 202 HOH B O   1 
HETATM 1699 O O   . HOH D 2 .   ? 0.958   -3.642  -5.920  1.00 28.82 ? 203 HOH B O   1 
HETATM 1700 O O   . HOH D 2 .   ? 19.588  -15.394 -7.350  1.00 30.32 ? 204 HOH B O   1 
HETATM 1701 O O   . HOH D 2 .   ? 12.134  -22.274 -17.400 1.00 32.64 ? 205 HOH B O   1 
HETATM 1702 O O   . HOH D 2 .   ? 2.065   -2.461  -8.141  1.00 28.59 ? 206 HOH B O   1 
HETATM 1703 O O   . HOH D 2 .   ? 7.680   -6.517  19.714  1.00 35.52 ? 207 HOH B O   1 
HETATM 1704 O O   . HOH D 2 .   ? 11.151  -10.991 16.533  1.00 33.48 ? 208 HOH B O   1 
HETATM 1705 O O   . HOH D 2 .   ? 9.331   -4.165  2.065   1.00 31.26 ? 209 HOH B O   1 
HETATM 1706 O O   . HOH D 2 .   ? 15.912  -3.239  -13.339 1.00 38.26 ? 210 HOH B O   1 
HETATM 1707 O O   . HOH D 2 .   ? 15.774  -4.219  5.996   1.00 32.60 ? 211 HOH B O   1 
HETATM 1708 O O   . HOH D 2 .   ? 1.672   -14.571 -2.755  1.00 36.21 ? 212 HOH B O   1 
HETATM 1709 O O   . HOH D 2 .   ? 18.638  -17.952 -13.660 1.00 37.50 ? 213 HOH B O   1 
HETATM 1710 O O   . HOH D 2 .   ? 11.035  -24.089 -6.730  1.00 39.52 ? 214 HOH B O   1 
HETATM 1711 O O   . HOH D 2 .   ? 3.811   -15.930 -14.756 1.00 34.48 ? 215 HOH B O   1 
HETATM 1712 O O   . HOH D 2 .   ? 9.604   -19.750 5.896   1.00 40.70 ? 216 HOH B O   1 
HETATM 1713 O O   . HOH D 2 .   ? -0.091  -13.423 -0.879  1.00 37.24 ? 217 HOH B O   1 
HETATM 1714 O O   . HOH D 2 .   ? 5.681   -4.745  2.553   1.00 35.15 ? 218 HOH B O   1 
HETATM 1715 O O   . HOH D 2 .   ? 13.210  -22.640 -7.050  1.00 36.81 ? 219 HOH B O   1 
HETATM 1716 O O   . HOH D 2 .   ? 7.471   0.661   16.064  1.00 39.18 ? 220 HOH B O   1 
HETATM 1717 O O   . HOH D 2 .   ? -1.374  -14.952 -8.277  1.00 46.82 ? 221 HOH B O   1 
HETATM 1718 O O   . HOH D 2 .   ? 17.755  -10.481 14.202  1.00 44.66 ? 222 HOH B O   1 
HETATM 1719 O O   . HOH D 2 .   ? 7.832   -4.497  4.398   1.00 36.10 ? 223 HOH B O   1 
HETATM 1720 O O   . HOH D 2 .   ? 17.321  -17.009 9.383   1.00 41.81 ? 224 HOH B O   1 
HETATM 1721 O O   . HOH D 2 .   ? 19.904  -15.679 -12.679 1.00 36.88 ? 225 HOH B O   1 
HETATM 1722 O O   . HOH D 2 .   ? 19.470  -14.681 -1.021  1.00 41.11 ? 226 HOH B O   1 
HETATM 1723 O O   . HOH D 2 .   ? -2.432  -3.301  0.728   1.00 36.68 ? 227 HOH B O   1 
HETATM 1724 O O   . HOH D 2 .   ? 18.985  -21.928 6.144   1.00 44.97 ? 228 HOH B O   1 
HETATM 1725 O O   . HOH D 2 .   ? 7.337   -4.124  0.660   1.00 43.64 ? 229 HOH B O   1 
HETATM 1726 O O   . HOH D 2 .   ? 14.431  -16.487 9.390   1.00 36.89 ? 230 HOH B O   1 
HETATM 1727 O O   . HOH D 2 .   ? -3.412  -10.529 0.766   1.00 43.76 ? 231 HOH B O   1 
HETATM 1728 O O   . HOH D 2 .   ? 14.571  -27.013 -12.892 1.00 43.70 ? 232 HOH B O   1 
HETATM 1729 O O   . HOH D 2 .   ? 4.259   -1.141  0.987   1.00 37.24 ? 233 HOH B O   1 
HETATM 1730 O O   . HOH D 2 .   ? 8.283   -1.225  -0.295  1.00 40.37 ? 234 HOH B O   1 
HETATM 1731 O O   . HOH D 2 .   ? 13.178  1.073   1.517   1.00 46.28 ? 235 HOH B O   1 
HETATM 1732 O O   . HOH D 2 .   ? 2.268   -4.263  -11.979 1.00 42.15 ? 236 HOH B O   1 
HETATM 1733 O O   . HOH D 2 .   ? 16.183  -0.572  -14.058 1.00 42.42 ? 237 HOH B O   1 
HETATM 1734 O O   . HOH D 2 .   ? 2.433   -16.431 -13.051 1.00 42.13 ? 238 HOH B O   1 
HETATM 1735 O O   . HOH D 2 .   ? 13.006  -15.698 11.361  1.00 35.47 ? 239 HOH B O   1 
HETATM 1736 O O   . HOH D 2 .   ? 16.770  -0.407  13.904  1.00 42.81 ? 240 HOH B O   1 
HETATM 1737 O O   . HOH D 2 .   ? 18.333  3.823   -7.122  1.00 49.57 ? 241 HOH B O   1 
HETATM 1738 O O   . HOH D 2 .   ? -4.939  -9.224  9.662   1.00 46.58 ? 242 HOH B O   1 
HETATM 1739 O O   . HOH D 2 .   ? -1.539  -13.844 -10.504 1.00 50.48 ? 243 HOH B O   1 
HETATM 1740 O O   . HOH D 2 .   ? 16.042  3.199   -5.064  1.00 41.44 ? 244 HOH B O   1 
HETATM 1741 O O   . HOH D 2 .   ? 15.177  -3.465  -3.409  1.00 33.91 ? 245 HOH B O   1 
HETATM 1742 O O   . HOH D 2 .   ? -3.704  -9.551  -9.848  1.00 46.85 ? 246 HOH B O   1 
HETATM 1743 O O   . HOH D 2 .   ? -0.086  -15.059 -12.313 1.00 48.69 ? 247 HOH B O   1 
HETATM 1744 O O   . HOH D 2 .   ? 4.069   -23.374 -8.659  1.00 48.33 ? 248 HOH B O   1 
HETATM 1745 O O   . HOH D 2 .   ? 14.329  -22.683 4.899   1.00 49.47 ? 249 HOH B O   1 
HETATM 1746 O O   . HOH D 2 .   ? -5.593  -11.638 8.562   1.00 55.13 ? 250 HOH B O   1 
HETATM 1747 O O   . HOH D 2 .   ? 4.415   -25.423 2.539   1.00 57.65 ? 251 HOH B O   1 
HETATM 1748 O O   . HOH D 2 .   ? -5.228  -2.593  0.143   1.00 46.62 ? 252 HOH B O   1 
HETATM 1749 O O   . HOH D 2 .   ? 3.152   -17.703 -10.623 1.00 43.66 ? 253 HOH B O   1 
HETATM 1750 O O   . HOH D 2 .   ? -4.819  -6.252  9.434   1.00 48.08 ? 254 HOH B O   1 
HETATM 1751 O O   . HOH D 2 .   ? 10.515  -25.799 1.337   1.00 46.97 ? 255 HOH B O   1 
HETATM 1752 O O   . HOH D 2 .   ? -0.727  -18.681 -7.154  1.00 52.30 ? 256 HOH B O   1 
HETATM 1753 O O   . HOH D 2 .   ? 21.861  -7.613  8.893   1.00 30.00 ? 257 HOH B O   1 
HETATM 1754 O O   . HOH D 2 .   ? 16.298  -3.699  21.312  1.00 30.00 ? 258 HOH B O   1 
HETATM 1755 O O   . HOH D 2 .   ? 16.795  -2.018  10.479  1.00 30.00 ? 259 HOH B O   1 
# 
loop_
_pdbx_poly_seq_scheme.asym_id 
_pdbx_poly_seq_scheme.entity_id 
_pdbx_poly_seq_scheme.seq_id 
_pdbx_poly_seq_scheme.mon_id 
_pdbx_poly_seq_scheme.ndb_seq_num 
_pdbx_poly_seq_scheme.pdb_seq_num 
_pdbx_poly_seq_scheme.auth_seq_num 
_pdbx_poly_seq_scheme.pdb_mon_id 
_pdbx_poly_seq_scheme.auth_mon_id 
_pdbx_poly_seq_scheme.pdb_strand_id 
_pdbx_poly_seq_scheme.pdb_ins_code 
_pdbx_poly_seq_scheme.hetero 
A 1 1   GLY 1   1   1   GLY GLY A . n 
A 1 2   VAL 2   2   2   VAL VAL A . n 
A 1 3   GLU 3   3   3   GLU GLU A . n 
A 1 4   ILE 4   4   4   ILE ILE A . n 
A 1 5   GLU 5   5   5   GLU GLU A . n 
A 1 6   THR 6   6   6   THR THR A . n 
A 1 7   ILE 7   7   7   ILE ILE A . n 
A 1 8   SER 8   8   8   SER SER A . n 
A 1 9   PRO 9   9   9   PRO PRO A . n 
A 1 10  GLY 10  10  10  GLY GLY A . n 
A 1 11  ASP 11  11  11  ASP ASP A . n 
A 1 12  GLY 12  12  12  GLY GLY A . n 
A 1 13  ARG 13  13  13  ARG ARG A . n 
A 1 14  THR 14  14  14  THR THR A . n 
A 1 15  PHE 15  15  15  PHE PHE A . n 
A 1 16  PRO 16  16  16  PRO PRO A . n 
A 1 17  LYS 17  17  17  LYS LYS A . n 
A 1 18  LYS 18  18  18  LYS LYS A . n 
A 1 19  GLY 19  19  19  GLY GLY A . n 
A 1 20  GLN 20  20  20  GLN GLN A . n 
A 1 21  THR 21  21  21  THR THR A . n 
A 1 22  VAL 22  22  22  VAL VAL A . n 
A 1 23  VAL 23  23  23  VAL VAL A . n 
A 1 24  VAL 24  24  24  VAL VAL A . n 
A 1 25  HIS 25  25  25  HIS HIS A . n 
A 1 26  TYR 26  26  26  TYR TYR A . n 
A 1 27  THR 27  27  27  THR THR A . n 
A 1 28  GLY 28  28  28  GLY GLY A . n 
A 1 29  MET 29  29  29  MET MET A . n 
A 1 30  LEU 30  30  30  LEU LEU A . n 
A 1 31  GLN 31  31  31  GLN GLN A . n 
A 1 32  ASN 32  32  32  ASN ASN A . n 
A 1 33  GLY 33  33  33  GLY GLY A . n 
A 1 34  LYS 34  34  34  LYS LYS A . n 
A 1 35  LYS 35  35  35  LYS LYS A . n 
A 1 36  PHE 36  36  36  PHE PHE A . n 
A 1 37  ASP 37  37  37  ASP ASP A . n 
A 1 38  SER 38  38  38  SER SER A . n 
A 1 39  SER 39  39  39  SER SER A . n 
A 1 40  ARG 40  40  40  ARG ARG A . n 
A 1 41  ASP 41  41  41  ASP ASP A . n 
A 1 42  ARG 42  42  42  ARG ARG A . n 
A 1 43  ASN 43  43  43  ASN ASN A . n 
A 1 44  LYS 44  44  44  LYS LYS A . n 
A 1 45  PRO 45  45  45  PRO PRO A . n 
A 1 46  PHE 46  46  46  PHE PHE A . n 
A 1 47  LYS 47  47  47  LYS LYS A . n 
A 1 48  PHE 48  48  48  PHE PHE A . n 
A 1 49  ARG 49  49  49  ARG ARG A . n 
A 1 50  ILE 50  50  50  ILE ILE A . n 
A 1 51  GLY 51  51  51  GLY GLY A . n 
A 1 52  LYS 52  52  52  LYS LYS A . n 
A 1 53  GLN 53  53  53  GLN GLN A . n 
A 1 54  GLU 54  54  54  GLU GLU A . n 
A 1 55  VAL 55  55  55  VAL VAL A . n 
A 1 56  ILE 56  56  56  ILE ILE A . n 
A 1 57  LYS 57  57  57  LYS LYS A . n 
A 1 58  GLY 58  58  58  GLY GLY A . n 
A 1 59  PHE 59  59  59  PHE PHE A . n 
A 1 60  GLU 60  60  60  GLU GLU A . n 
A 1 61  GLU 61  61  61  GLU GLU A . n 
A 1 62  GLY 62  62  62  GLY GLY A . n 
A 1 63  ALA 63  63  63  ALA ALA A . n 
A 1 64  ALA 64  64  64  ALA ALA A . n 
A 1 65  GLN 65  65  65  GLN GLN A . n 
A 1 66  MET 66  66  66  MET MET A . n 
A 1 67  SER 67  67  67  SER SER A . n 
A 1 68  LEU 68  68  68  LEU LEU A . n 
A 1 69  GLY 69  69  69  GLY GLY A . n 
A 1 70  GLN 70  70  70  GLN GLN A . n 
A 1 71  ARG 71  71  71  ARG ARG A . n 
A 1 72  ALA 72  72  72  ALA ALA A . n 
A 1 73  LYS 73  73  73  LYS LYS A . n 
A 1 74  LEU 74  74  74  LEU LEU A . n 
A 1 75  THR 75  75  75  THR THR A . n 
A 1 76  ILE 76  76  76  ILE ILE A . n 
A 1 77  THR 77  77  77  THR THR A . n 
A 1 78  PRO 78  78  78  PRO PRO A . n 
A 1 79  ASP 79  79  79  ASP ASP A . n 
A 1 80  VAL 80  80  80  VAL VAL A . n 
A 1 81  ALA 81  81  81  ALA ALA A . n 
A 1 82  TYR 82  82  82  TYR TYR A . n 
A 1 83  GLY 83  83  83  GLY GLY A . n 
A 1 84  ALA 84  84  84  ALA ALA A . n 
A 1 85  THR 85  85  85  THR THR A . n 
A 1 86  GLY 86  86  86  GLY GLY A . n 
A 1 87  HIS 87  87  87  HIS HIS A . n 
A 1 88  PRO 88  88  88  PRO PRO A . n 
A 1 89  GLY 89  89  89  GLY GLY A . n 
A 1 90  VAL 90  90  90  VAL VAL A . n 
A 1 91  ILE 91  91  91  ILE ILE A . n 
A 1 92  PRO 92  92  92  PRO PRO A . n 
A 1 93  PRO 93  93  93  PRO PRO A . n 
A 1 94  ASN 94  94  94  ASN ASN A . n 
A 1 95  ALA 95  95  95  ALA ALA A . n 
A 1 96  THR 96  96  96  THR THR A . n 
A 1 97  LEU 97  97  97  LEU LEU A . n 
A 1 98  ILE 98  98  98  ILE ILE A . n 
A 1 99  PHE 99  99  99  PHE PHE A . n 
A 1 100 ASP 100 100 100 ASP ASP A . n 
A 1 101 VAL 101 101 101 VAL VAL A . n 
A 1 102 GLU 102 102 102 GLU GLU A . n 
A 1 103 LEU 103 103 103 LEU LEU A . n 
A 1 104 LEU 104 104 104 LEU LEU A . n 
A 1 105 ASN 105 105 105 ASN ASN A . n 
A 1 106 LEU 106 106 106 LEU LEU A . n 
A 1 107 GLU 107 107 107 GLU GLU A . n 
B 1 1   GLY 1   1   1   GLY GLY B . n 
B 1 2   VAL 2   2   2   VAL VAL B . n 
B 1 3   GLU 3   3   3   GLU GLU B . n 
B 1 4   ILE 4   4   4   ILE ILE B . n 
B 1 5   GLU 5   5   5   GLU GLU B . n 
B 1 6   THR 6   6   6   THR THR B . n 
B 1 7   ILE 7   7   7   ILE ILE B . n 
B 1 8   SER 8   8   8   SER SER B . n 
B 1 9   PRO 9   9   9   PRO PRO B . n 
B 1 10  GLY 10  10  10  GLY GLY B . n 
B 1 11  ASP 11  11  11  ASP ASP B . n 
B 1 12  GLY 12  12  12  GLY GLY B . n 
B 1 13  ARG 13  13  13  ARG ARG B . n 
B 1 14  THR 14  14  14  THR THR B . n 
B 1 15  PHE 15  15  15  PHE PHE B . n 
B 1 16  PRO 16  16  16  PRO PRO B . n 
B 1 17  LYS 17  17  17  LYS LYS B . n 
B 1 18  LYS 18  18  18  LYS LYS B . n 
B 1 19  GLY 19  19  19  GLY GLY B . n 
B 1 20  GLN 20  20  20  GLN GLN B . n 
B 1 21  THR 21  21  21  THR THR B . n 
B 1 22  VAL 22  22  22  VAL VAL B . n 
B 1 23  VAL 23  23  23  VAL VAL B . n 
B 1 24  VAL 24  24  24  VAL VAL B . n 
B 1 25  HIS 25  25  25  HIS HIS B . n 
B 1 26  TYR 26  26  26  TYR TYR B . n 
B 1 27  THR 27  27  27  THR THR B . n 
B 1 28  GLY 28  28  28  GLY GLY B . n 
B 1 29  MET 29  29  29  MET MET B . n 
B 1 30  LEU 30  30  30  LEU LEU B . n 
B 1 31  GLN 31  31  31  GLN GLN B . n 
B 1 32  ASN 32  32  32  ASN ASN B . n 
B 1 33  GLY 33  33  33  GLY GLY B . n 
B 1 34  LYS 34  34  34  LYS LYS B . n 
B 1 35  LYS 35  35  35  LYS LYS B . n 
B 1 36  PHE 36  36  36  PHE PHE B . n 
B 1 37  ASP 37  37  37  ASP ASP B . n 
B 1 38  SER 38  38  38  SER SER B . n 
B 1 39  SER 39  39  39  SER SER B . n 
B 1 40  ARG 40  40  40  ARG ARG B . n 
B 1 41  ASP 41  41  41  ASP ASP B . n 
B 1 42  ARG 42  42  42  ARG ARG B . n 
B 1 43  ASN 43  43  43  ASN ASN B . n 
B 1 44  LYS 44  44  44  LYS LYS B . n 
B 1 45  PRO 45  45  45  PRO PRO B . n 
B 1 46  PHE 46  46  46  PHE PHE B . n 
B 1 47  LYS 47  47  47  LYS LYS B . n 
B 1 48  PHE 48  48  48  PHE PHE B . n 
B 1 49  ARG 49  49  49  ARG ARG B . n 
B 1 50  ILE 50  50  50  ILE ILE B . n 
B 1 51  GLY 51  51  51  GLY GLY B . n 
B 1 52  LYS 52  52  52  LYS LYS B . n 
B 1 53  GLN 53  53  53  GLN GLN B . n 
B 1 54  GLU 54  54  54  GLU GLU B . n 
B 1 55  VAL 55  55  55  VAL VAL B . n 
B 1 56  ILE 56  56  56  ILE ILE B . n 
B 1 57  LYS 57  57  57  LYS LYS B . n 
B 1 58  GLY 58  58  58  GLY GLY B . n 
B 1 59  PHE 59  59  59  PHE PHE B . n 
B 1 60  GLU 60  60  60  GLU GLU B . n 
B 1 61  GLU 61  61  61  GLU GLU B . n 
B 1 62  GLY 62  62  62  GLY GLY B . n 
B 1 63  ALA 63  63  63  ALA ALA B . n 
B 1 64  ALA 64  64  64  ALA ALA B . n 
B 1 65  GLN 65  65  65  GLN GLN B . n 
B 1 66  MET 66  66  66  MET MET B . n 
B 1 67  SER 67  67  67  SER SER B . n 
B 1 68  LEU 68  68  68  LEU LEU B . n 
B 1 69  GLY 69  69  69  GLY GLY B . n 
B 1 70  GLN 70  70  70  GLN GLN B . n 
B 1 71  ARG 71  71  71  ARG ARG B . n 
B 1 72  ALA 72  72  72  ALA ALA B . n 
B 1 73  LYS 73  73  73  LYS LYS B . n 
B 1 74  LEU 74  74  74  LEU LEU B . n 
B 1 75  THR 75  75  75  THR THR B . n 
B 1 76  ILE 76  76  76  ILE ILE B . n 
B 1 77  THR 77  77  77  THR THR B . n 
B 1 78  PRO 78  78  78  PRO PRO B . n 
B 1 79  ASP 79  79  79  ASP ASP B . n 
B 1 80  VAL 80  80  80  VAL VAL B . n 
B 1 81  ALA 81  81  81  ALA ALA B . n 
B 1 82  TYR 82  82  82  TYR TYR B . n 
B 1 83  GLY 83  83  83  GLY GLY B . n 
B 1 84  ALA 84  84  84  ALA ALA B . n 
B 1 85  THR 85  85  85  THR THR B . n 
B 1 86  GLY 86  86  86  GLY GLY B . n 
B 1 87  HIS 87  87  87  HIS HIS B . n 
B 1 88  PRO 88  88  88  PRO PRO B . n 
B 1 89  GLY 89  89  89  GLY GLY B . n 
B 1 90  VAL 90  90  90  VAL VAL B . n 
B 1 91  ILE 91  91  91  ILE ILE B . n 
B 1 92  PRO 92  92  92  PRO PRO B . n 
B 1 93  PRO 93  93  93  PRO PRO B . n 
B 1 94  ASN 94  94  94  ASN ASN B . n 
B 1 95  ALA 95  95  95  ALA ALA B . n 
B 1 96  THR 96  96  96  THR THR B . n 
B 1 97  LEU 97  97  97  LEU LEU B . n 
B 1 98  ILE 98  98  98  ILE ILE B . n 
B 1 99  PHE 99  99  99  PHE PHE B . n 
B 1 100 ASP 100 100 100 ASP ASP B . n 
B 1 101 VAL 101 101 101 VAL VAL B . n 
B 1 102 GLU 102 102 102 GLU GLU B . n 
B 1 103 LEU 103 103 103 LEU LEU B . n 
B 1 104 LEU 104 104 104 LEU LEU B . n 
B 1 105 ASN 105 105 105 ASN ASN B . n 
B 1 106 LEU 106 106 106 LEU LEU B . n 
B 1 107 GLU 107 107 107 GLU GLU B . n 
# 
loop_
_pdbx_nonpoly_scheme.asym_id 
_pdbx_nonpoly_scheme.entity_id 
_pdbx_nonpoly_scheme.mon_id 
_pdbx_nonpoly_scheme.ndb_seq_num 
_pdbx_nonpoly_scheme.pdb_seq_num 
_pdbx_nonpoly_scheme.auth_seq_num 
_pdbx_nonpoly_scheme.pdb_mon_id 
_pdbx_nonpoly_scheme.auth_mon_id 
_pdbx_nonpoly_scheme.pdb_strand_id 
_pdbx_nonpoly_scheme.pdb_ins_code 
C 2 HOH 1  201 3   HOH HOH A . 
C 2 HOH 2  202 4   HOH HOH A . 
C 2 HOH 3  203 5   HOH HOH A . 
C 2 HOH 4  204 7   HOH HOH A . 
C 2 HOH 5  205 8   HOH HOH A . 
C 2 HOH 6  206 9   HOH HOH A . 
C 2 HOH 7  207 10  HOH HOH A . 
C 2 HOH 8  208 13  HOH HOH A . 
C 2 HOH 9  209 14  HOH HOH A . 
C 2 HOH 10 210 23  HOH HOH A . 
C 2 HOH 11 211 28  HOH HOH A . 
C 2 HOH 12 212 29  HOH HOH A . 
C 2 HOH 13 213 30  HOH HOH A . 
C 2 HOH 14 214 31  HOH HOH A . 
C 2 HOH 15 215 32  HOH HOH A . 
C 2 HOH 16 216 33  HOH HOH A . 
C 2 HOH 17 217 35  HOH HOH A . 
C 2 HOH 18 218 36  HOH HOH A . 
C 2 HOH 19 219 39  HOH HOH A . 
C 2 HOH 20 220 41  HOH HOH A . 
C 2 HOH 21 221 42  HOH HOH A . 
C 2 HOH 22 222 46  HOH HOH A . 
C 2 HOH 23 223 47  HOH HOH A . 
C 2 HOH 24 224 51  HOH HOH A . 
C 2 HOH 25 225 53  HOH HOH A . 
C 2 HOH 26 226 56  HOH HOH A . 
C 2 HOH 27 227 58  HOH HOH A . 
C 2 HOH 28 228 59  HOH HOH A . 
C 2 HOH 29 229 65  HOH HOH A . 
C 2 HOH 30 230 66  HOH HOH A . 
C 2 HOH 31 231 67  HOH HOH A . 
C 2 HOH 32 232 68  HOH HOH A . 
C 2 HOH 33 233 69  HOH HOH A . 
C 2 HOH 34 234 74  HOH HOH A . 
C 2 HOH 35 235 76  HOH HOH A . 
C 2 HOH 36 236 77  HOH HOH A . 
C 2 HOH 37 237 79  HOH HOH A . 
C 2 HOH 38 238 83  HOH HOH A . 
C 2 HOH 39 239 85  HOH HOH A . 
C 2 HOH 40 240 87  HOH HOH A . 
C 2 HOH 41 241 90  HOH HOH A . 
C 2 HOH 42 242 92  HOH HOH A . 
C 2 HOH 43 243 96  HOH HOH A . 
C 2 HOH 44 244 99  HOH HOH A . 
C 2 HOH 45 245 100 HOH HOH A . 
C 2 HOH 46 246 103 HOH HOH A . 
C 2 HOH 47 247 104 HOH HOH A . 
C 2 HOH 48 248 105 HOH HOH A . 
C 2 HOH 49 249 107 HOH HOH A . 
C 2 HOH 50 250 108 HOH HOH A . 
C 2 HOH 51 251 110 HOH HOH A . 
C 2 HOH 52 252 114 HOH HOH A . 
D 2 HOH 1  201 1   HOH HOH B . 
D 2 HOH 2  202 2   HOH HOH B . 
D 2 HOH 3  203 6   HOH HOH B . 
D 2 HOH 4  204 11  HOH HOH B . 
D 2 HOH 5  205 12  HOH HOH B . 
D 2 HOH 6  206 15  HOH HOH B . 
D 2 HOH 7  207 16  HOH HOH B . 
D 2 HOH 8  208 17  HOH HOH B . 
D 2 HOH 9  209 18  HOH HOH B . 
D 2 HOH 10 210 19  HOH HOH B . 
D 2 HOH 11 211 20  HOH HOH B . 
D 2 HOH 12 212 21  HOH HOH B . 
D 2 HOH 13 213 22  HOH HOH B . 
D 2 HOH 14 214 24  HOH HOH B . 
D 2 HOH 15 215 25  HOH HOH B . 
D 2 HOH 16 216 26  HOH HOH B . 
D 2 HOH 17 217 27  HOH HOH B . 
D 2 HOH 18 218 34  HOH HOH B . 
D 2 HOH 19 219 37  HOH HOH B . 
D 2 HOH 20 220 38  HOH HOH B . 
D 2 HOH 21 221 40  HOH HOH B . 
D 2 HOH 22 222 43  HOH HOH B . 
D 2 HOH 23 223 44  HOH HOH B . 
D 2 HOH 24 224 45  HOH HOH B . 
D 2 HOH 25 225 48  HOH HOH B . 
D 2 HOH 26 226 49  HOH HOH B . 
D 2 HOH 27 227 50  HOH HOH B . 
D 2 HOH 28 228 52  HOH HOH B . 
D 2 HOH 29 229 54  HOH HOH B . 
D 2 HOH 30 230 55  HOH HOH B . 
D 2 HOH 31 231 57  HOH HOH B . 
D 2 HOH 32 232 60  HOH HOH B . 
D 2 HOH 33 233 61  HOH HOH B . 
D 2 HOH 34 234 62  HOH HOH B . 
D 2 HOH 35 235 63  HOH HOH B . 
D 2 HOH 36 236 64  HOH HOH B . 
D 2 HOH 37 237 70  HOH HOH B . 
D 2 HOH 38 238 71  HOH HOH B . 
D 2 HOH 39 239 72  HOH HOH B . 
D 2 HOH 40 240 73  HOH HOH B . 
D 2 HOH 41 241 75  HOH HOH B . 
D 2 HOH 42 242 78  HOH HOH B . 
D 2 HOH 43 243 80  HOH HOH B . 
D 2 HOH 44 244 82  HOH HOH B . 
D 2 HOH 45 245 84  HOH HOH B . 
D 2 HOH 46 246 86  HOH HOH B . 
D 2 HOH 47 247 88  HOH HOH B . 
D 2 HOH 48 248 89  HOH HOH B . 
D 2 HOH 49 249 91  HOH HOH B . 
D 2 HOH 50 250 93  HOH HOH B . 
D 2 HOH 51 251 94  HOH HOH B . 
D 2 HOH 52 252 95  HOH HOH B . 
D 2 HOH 53 253 97  HOH HOH B . 
D 2 HOH 54 254 106 HOH HOH B . 
D 2 HOH 55 255 109 HOH HOH B . 
D 2 HOH 56 256 111 HOH HOH B . 
D 2 HOH 57 257 112 HOH HOH B . 
D 2 HOH 58 258 113 HOH HOH B . 
D 2 HOH 59 259 115 HOH HOH B . 
# 
loop_
_pdbx_struct_assembly.id 
_pdbx_struct_assembly.details 
_pdbx_struct_assembly.method_details 
_pdbx_struct_assembly.oligomeric_details 
_pdbx_struct_assembly.oligomeric_count 
1 author_and_software_defined_assembly PISA monomeric 1 
2 author_and_software_defined_assembly PISA monomeric 1 
# 
loop_
_pdbx_struct_assembly_gen.assembly_id 
_pdbx_struct_assembly_gen.oper_expression 
_pdbx_struct_assembly_gen.asym_id_list 
1 1 A,C 
2 1 B,D 
# 
_pdbx_struct_oper_list.id                   1 
_pdbx_struct_oper_list.type                 'identity operation' 
_pdbx_struct_oper_list.name                 1_555 
_pdbx_struct_oper_list.symmetry_operation   x,y,z 
_pdbx_struct_oper_list.matrix[1][1]         1.0000000000 
_pdbx_struct_oper_list.matrix[1][2]         0.0000000000 
_pdbx_struct_oper_list.matrix[1][3]         0.0000000000 
_pdbx_struct_oper_list.vector[1]            0.0000000000 
_pdbx_struct_oper_list.matrix[2][1]         0.0000000000 
_pdbx_struct_oper_list.matrix[2][2]         1.0000000000 
_pdbx_struct_oper_list.matrix[2][3]         0.0000000000 
_pdbx_struct_oper_list.vector[2]            0.0000000000 
_pdbx_struct_oper_list.matrix[3][1]         0.0000000000 
_pdbx_struct_oper_list.matrix[3][2]         0.0000000000 
_pdbx_struct_oper_list.matrix[3][3]         1.0000000000 
_pdbx_struct_oper_list.vector[3]            0.0000000000 
# 
loop_
_pdbx_audit_revision_history.ordinal 
_pdbx_audit_revision_history.data_content_type 
_pdbx_audit_revision_history.major_revision 
_pdbx_audit_revision_history.minor_revision 
_pdbx_audit_revision_history.revision_date 
1 'Structure model' 1 0 2014-01-15 
2 'Structure model' 1 1 2014-03-12 
3 'Structure model' 1 2 2014-09-24 
4 'Structure model' 1 3 2023-09-20 
# 
_pdbx_audit_revision_details.ordinal             1 
_pdbx_audit_revision_details.revision_ordinal    1 
_pdbx_audit_revision_details.data_content_type   'Structure model' 
_pdbx_audit_revision_details.provider            repository 
_pdbx_audit_revision_details.type                'Initial release' 
_pdbx_audit_revision_details.description         ? 
_pdbx_audit_revision_details.details             ? 
# 
loop_
_pdbx_audit_revision_group.ordinal 
_pdbx_audit_revision_group.revision_ordinal 
_pdbx_audit_revision_group.data_content_type 
_pdbx_audit_revision_group.group 
1 2 'Structure model' 'Database references'    
2 3 'Structure model' 'Database references'    
3 4 'Structure model' 'Data collection'        
4 4 'Structure model' 'Database references'    
5 4 'Structure model' 'Refinement description' 
# 
loop_
_pdbx_audit_revision_category.ordinal 
_pdbx_audit_revision_category.revision_ordinal 
_pdbx_audit_revision_category.data_content_type 
_pdbx_audit_revision_category.category 
1 4 'Structure model' chem_comp_atom                
2 4 'Structure model' chem_comp_bond                
3 4 'Structure model' database_2                    
4 4 'Structure model' pdbx_initial_refinement_model 
5 4 'Structure model' struct_ref_seq_dif            
# 
loop_
_pdbx_audit_revision_item.ordinal 
_pdbx_audit_revision_item.revision_ordinal 
_pdbx_audit_revision_item.data_content_type 
_pdbx_audit_revision_item.item 
1 4 'Structure model' '_database_2.pdbx_DOI'                
2 4 'Structure model' '_database_2.pdbx_database_accession' 
3 4 'Structure model' '_struct_ref_seq_dif.details'         
# 
loop_
_software.name 
_software.classification 
_software.version 
_software.citation_id 
_software.pdbx_ordinal 
HKL-2000 'data collection' .                            ? 1 
PHENIX   'model building'  .                            ? 2 
PHENIX   refinement        '(phenix.refine: 1.7.3_928)' ? 3 
HKL-2000 'data reduction'  .                            ? 4 
HKL-2000 'data scaling'    .                            ? 5 
PHENIX   phasing           .                            ? 6 
# 
_pdbx_validate_close_contact.id               1 
_pdbx_validate_close_contact.PDB_model_num    1 
_pdbx_validate_close_contact.auth_atom_id_1   O 
_pdbx_validate_close_contact.auth_asym_id_1   A 
_pdbx_validate_close_contact.auth_comp_id_1   HOH 
_pdbx_validate_close_contact.auth_seq_id_1    245 
_pdbx_validate_close_contact.PDB_ins_code_1   ? 
_pdbx_validate_close_contact.label_alt_id_1   ? 
_pdbx_validate_close_contact.auth_atom_id_2   O 
_pdbx_validate_close_contact.auth_asym_id_2   A 
_pdbx_validate_close_contact.auth_comp_id_2   HOH 
_pdbx_validate_close_contact.auth_seq_id_2    251 
_pdbx_validate_close_contact.PDB_ins_code_2   ? 
_pdbx_validate_close_contact.label_alt_id_2   ? 
_pdbx_validate_close_contact.dist             2.05 
# 
loop_
_pdbx_validate_torsion.id 
_pdbx_validate_torsion.PDB_model_num 
_pdbx_validate_torsion.auth_comp_id 
_pdbx_validate_torsion.auth_asym_id 
_pdbx_validate_torsion.auth_seq_id 
_pdbx_validate_torsion.PDB_ins_code 
_pdbx_validate_torsion.label_alt_id 
_pdbx_validate_torsion.phi 
_pdbx_validate_torsion.psi 
1 1 ALA A 81 ? ? -125.81 -110.35 
2 1 ARG B 13 ? ? -141.90 -18.47  
3 1 ALA B 81 ? ? -128.49 -107.09 
4 1 VAL B 90 ? ? -128.48 -56.23  
# 
loop_
_chem_comp_atom.comp_id 
_chem_comp_atom.atom_id 
_chem_comp_atom.type_symbol 
_chem_comp_atom.pdbx_aromatic_flag 
_chem_comp_atom.pdbx_stereo_config 
_chem_comp_atom.pdbx_ordinal 
ALA N    N N N 1   
ALA CA   C N S 2   
ALA C    C N N 3   
ALA O    O N N 4   
ALA CB   C N N 5   
ALA OXT  O N N 6   
ALA H    H N N 7   
ALA H2   H N N 8   
ALA HA   H N N 9   
ALA HB1  H N N 10  
ALA HB2  H N N 11  
ALA HB3  H N N 12  
ALA HXT  H N N 13  
ARG N    N N N 14  
ARG CA   C N S 15  
ARG C    C N N 16  
ARG O    O N N 17  
ARG CB   C N N 18  
ARG CG   C N N 19  
ARG CD   C N N 20  
ARG NE   N N N 21  
ARG CZ   C N N 22  
ARG NH1  N N N 23  
ARG NH2  N N N 24  
ARG OXT  O N N 25  
ARG H    H N N 26  
ARG H2   H N N 27  
ARG HA   H N N 28  
ARG HB2  H N N 29  
ARG HB3  H N N 30  
ARG HG2  H N N 31  
ARG HG3  H N N 32  
ARG HD2  H N N 33  
ARG HD3  H N N 34  
ARG HE   H N N 35  
ARG HH11 H N N 36  
ARG HH12 H N N 37  
ARG HH21 H N N 38  
ARG HH22 H N N 39  
ARG HXT  H N N 40  
ASN N    N N N 41  
ASN CA   C N S 42  
ASN C    C N N 43  
ASN O    O N N 44  
ASN CB   C N N 45  
ASN CG   C N N 46  
ASN OD1  O N N 47  
ASN ND2  N N N 48  
ASN OXT  O N N 49  
ASN H    H N N 50  
ASN H2   H N N 51  
ASN HA   H N N 52  
ASN HB2  H N N 53  
ASN HB3  H N N 54  
ASN HD21 H N N 55  
ASN HD22 H N N 56  
ASN HXT  H N N 57  
ASP N    N N N 58  
ASP CA   C N S 59  
ASP C    C N N 60  
ASP O    O N N 61  
ASP CB   C N N 62  
ASP CG   C N N 63  
ASP OD1  O N N 64  
ASP OD2  O N N 65  
ASP OXT  O N N 66  
ASP H    H N N 67  
ASP H2   H N N 68  
ASP HA   H N N 69  
ASP HB2  H N N 70  
ASP HB3  H N N 71  
ASP HD2  H N N 72  
ASP HXT  H N N 73  
CYS N    N N N 74  
CYS CA   C N R 75  
CYS C    C N N 76  
CYS O    O N N 77  
CYS CB   C N N 78  
CYS SG   S N N 79  
CYS OXT  O N N 80  
CYS H    H N N 81  
CYS H2   H N N 82  
CYS HA   H N N 83  
CYS HB2  H N N 84  
CYS HB3  H N N 85  
CYS HG   H N N 86  
CYS HXT  H N N 87  
GLN N    N N N 88  
GLN CA   C N S 89  
GLN C    C N N 90  
GLN O    O N N 91  
GLN CB   C N N 92  
GLN CG   C N N 93  
GLN CD   C N N 94  
GLN OE1  O N N 95  
GLN NE2  N N N 96  
GLN OXT  O N N 97  
GLN H    H N N 98  
GLN H2   H N N 99  
GLN HA   H N N 100 
GLN HB2  H N N 101 
GLN HB3  H N N 102 
GLN HG2  H N N 103 
GLN HG3  H N N 104 
GLN HE21 H N N 105 
GLN HE22 H N N 106 
GLN HXT  H N N 107 
GLU N    N N N 108 
GLU CA   C N S 109 
GLU C    C N N 110 
GLU O    O N N 111 
GLU CB   C N N 112 
GLU CG   C N N 113 
GLU CD   C N N 114 
GLU OE1  O N N 115 
GLU OE2  O N N 116 
GLU OXT  O N N 117 
GLU H    H N N 118 
GLU H2   H N N 119 
GLU HA   H N N 120 
GLU HB2  H N N 121 
GLU HB3  H N N 122 
GLU HG2  H N N 123 
GLU HG3  H N N 124 
GLU HE2  H N N 125 
GLU HXT  H N N 126 
GLY N    N N N 127 
GLY CA   C N N 128 
GLY C    C N N 129 
GLY O    O N N 130 
GLY OXT  O N N 131 
GLY H    H N N 132 
GLY H2   H N N 133 
GLY HA2  H N N 134 
GLY HA3  H N N 135 
GLY HXT  H N N 136 
HIS N    N N N 137 
HIS CA   C N S 138 
HIS C    C N N 139 
HIS O    O N N 140 
HIS CB   C N N 141 
HIS CG   C Y N 142 
HIS ND1  N Y N 143 
HIS CD2  C Y N 144 
HIS CE1  C Y N 145 
HIS NE2  N Y N 146 
HIS OXT  O N N 147 
HIS H    H N N 148 
HIS H2   H N N 149 
HIS HA   H N N 150 
HIS HB2  H N N 151 
HIS HB3  H N N 152 
HIS HD1  H N N 153 
HIS HD2  H N N 154 
HIS HE1  H N N 155 
HIS HE2  H N N 156 
HIS HXT  H N N 157 
HOH O    O N N 158 
HOH H1   H N N 159 
HOH H2   H N N 160 
ILE N    N N N 161 
ILE CA   C N S 162 
ILE C    C N N 163 
ILE O    O N N 164 
ILE CB   C N S 165 
ILE CG1  C N N 166 
ILE CG2  C N N 167 
ILE CD1  C N N 168 
ILE OXT  O N N 169 
ILE H    H N N 170 
ILE H2   H N N 171 
ILE HA   H N N 172 
ILE HB   H N N 173 
ILE HG12 H N N 174 
ILE HG13 H N N 175 
ILE HG21 H N N 176 
ILE HG22 H N N 177 
ILE HG23 H N N 178 
ILE HD11 H N N 179 
ILE HD12 H N N 180 
ILE HD13 H N N 181 
ILE HXT  H N N 182 
LEU N    N N N 183 
LEU CA   C N S 184 
LEU C    C N N 185 
LEU O    O N N 186 
LEU CB   C N N 187 
LEU CG   C N N 188 
LEU CD1  C N N 189 
LEU CD2  C N N 190 
LEU OXT  O N N 191 
LEU H    H N N 192 
LEU H2   H N N 193 
LEU HA   H N N 194 
LEU HB2  H N N 195 
LEU HB3  H N N 196 
LEU HG   H N N 197 
LEU HD11 H N N 198 
LEU HD12 H N N 199 
LEU HD13 H N N 200 
LEU HD21 H N N 201 
LEU HD22 H N N 202 
LEU HD23 H N N 203 
LEU HXT  H N N 204 
LYS N    N N N 205 
LYS CA   C N S 206 
LYS C    C N N 207 
LYS O    O N N 208 
LYS CB   C N N 209 
LYS CG   C N N 210 
LYS CD   C N N 211 
LYS CE   C N N 212 
LYS NZ   N N N 213 
LYS OXT  O N N 214 
LYS H    H N N 215 
LYS H2   H N N 216 
LYS HA   H N N 217 
LYS HB2  H N N 218 
LYS HB3  H N N 219 
LYS HG2  H N N 220 
LYS HG3  H N N 221 
LYS HD2  H N N 222 
LYS HD3  H N N 223 
LYS HE2  H N N 224 
LYS HE3  H N N 225 
LYS HZ1  H N N 226 
LYS HZ2  H N N 227 
LYS HZ3  H N N 228 
LYS HXT  H N N 229 
MET N    N N N 230 
MET CA   C N S 231 
MET C    C N N 232 
MET O    O N N 233 
MET CB   C N N 234 
MET CG   C N N 235 
MET SD   S N N 236 
MET CE   C N N 237 
MET OXT  O N N 238 
MET H    H N N 239 
MET H2   H N N 240 
MET HA   H N N 241 
MET HB2  H N N 242 
MET HB3  H N N 243 
MET HG2  H N N 244 
MET HG3  H N N 245 
MET HE1  H N N 246 
MET HE2  H N N 247 
MET HE3  H N N 248 
MET HXT  H N N 249 
PHE N    N N N 250 
PHE CA   C N S 251 
PHE C    C N N 252 
PHE O    O N N 253 
PHE CB   C N N 254 
PHE CG   C Y N 255 
PHE CD1  C Y N 256 
PHE CD2  C Y N 257 
PHE CE1  C Y N 258 
PHE CE2  C Y N 259 
PHE CZ   C Y N 260 
PHE OXT  O N N 261 
PHE H    H N N 262 
PHE H2   H N N 263 
PHE HA   H N N 264 
PHE HB2  H N N 265 
PHE HB3  H N N 266 
PHE HD1  H N N 267 
PHE HD2  H N N 268 
PHE HE1  H N N 269 
PHE HE2  H N N 270 
PHE HZ   H N N 271 
PHE HXT  H N N 272 
PRO N    N N N 273 
PRO CA   C N S 274 
PRO C    C N N 275 
PRO O    O N N 276 
PRO CB   C N N 277 
PRO CG   C N N 278 
PRO CD   C N N 279 
PRO OXT  O N N 280 
PRO H    H N N 281 
PRO HA   H N N 282 
PRO HB2  H N N 283 
PRO HB3  H N N 284 
PRO HG2  H N N 285 
PRO HG3  H N N 286 
PRO HD2  H N N 287 
PRO HD3  H N N 288 
PRO HXT  H N N 289 
SER N    N N N 290 
SER CA   C N S 291 
SER C    C N N 292 
SER O    O N N 293 
SER CB   C N N 294 
SER OG   O N N 295 
SER OXT  O N N 296 
SER H    H N N 297 
SER H2   H N N 298 
SER HA   H N N 299 
SER HB2  H N N 300 
SER HB3  H N N 301 
SER HG   H N N 302 
SER HXT  H N N 303 
THR N    N N N 304 
THR CA   C N S 305 
THR C    C N N 306 
THR O    O N N 307 
THR CB   C N R 308 
THR OG1  O N N 309 
THR CG2  C N N 310 
THR OXT  O N N 311 
THR H    H N N 312 
THR H2   H N N 313 
THR HA   H N N 314 
THR HB   H N N 315 
THR HG1  H N N 316 
THR HG21 H N N 317 
THR HG22 H N N 318 
THR HG23 H N N 319 
THR HXT  H N N 320 
TYR N    N N N 321 
TYR CA   C N S 322 
TYR C    C N N 323 
TYR O    O N N 324 
TYR CB   C N N 325 
TYR CG   C Y N 326 
TYR CD1  C Y N 327 
TYR CD2  C Y N 328 
TYR CE1  C Y N 329 
TYR CE2  C Y N 330 
TYR CZ   C Y N 331 
TYR OH   O N N 332 
TYR OXT  O N N 333 
TYR H    H N N 334 
TYR H2   H N N 335 
TYR HA   H N N 336 
TYR HB2  H N N 337 
TYR HB3  H N N 338 
TYR HD1  H N N 339 
TYR HD2  H N N 340 
TYR HE1  H N N 341 
TYR HE2  H N N 342 
TYR HH   H N N 343 
TYR HXT  H N N 344 
VAL N    N N N 345 
VAL CA   C N S 346 
VAL C    C N N 347 
VAL O    O N N 348 
VAL CB   C N N 349 
VAL CG1  C N N 350 
VAL CG2  C N N 351 
VAL OXT  O N N 352 
VAL H    H N N 353 
VAL H2   H N N 354 
VAL HA   H N N 355 
VAL HB   H N N 356 
VAL HG11 H N N 357 
VAL HG12 H N N 358 
VAL HG13 H N N 359 
VAL HG21 H N N 360 
VAL HG22 H N N 361 
VAL HG23 H N N 362 
VAL HXT  H N N 363 
# 
loop_
_chem_comp_bond.comp_id 
_chem_comp_bond.atom_id_1 
_chem_comp_bond.atom_id_2 
_chem_comp_bond.value_order 
_chem_comp_bond.pdbx_aromatic_flag 
_chem_comp_bond.pdbx_stereo_config 
_chem_comp_bond.pdbx_ordinal 
ALA N   CA   sing N N 1   
ALA N   H    sing N N 2   
ALA N   H2   sing N N 3   
ALA CA  C    sing N N 4   
ALA CA  CB   sing N N 5   
ALA CA  HA   sing N N 6   
ALA C   O    doub N N 7   
ALA C   OXT  sing N N 8   
ALA CB  HB1  sing N N 9   
ALA CB  HB2  sing N N 10  
ALA CB  HB3  sing N N 11  
ALA OXT HXT  sing N N 12  
ARG N   CA   sing N N 13  
ARG N   H    sing N N 14  
ARG N   H2   sing N N 15  
ARG CA  C    sing N N 16  
ARG CA  CB   sing N N 17  
ARG CA  HA   sing N N 18  
ARG C   O    doub N N 19  
ARG C   OXT  sing N N 20  
ARG CB  CG   sing N N 21  
ARG CB  HB2  sing N N 22  
ARG CB  HB3  sing N N 23  
ARG CG  CD   sing N N 24  
ARG CG  HG2  sing N N 25  
ARG CG  HG3  sing N N 26  
ARG CD  NE   sing N N 27  
ARG CD  HD2  sing N N 28  
ARG CD  HD3  sing N N 29  
ARG NE  CZ   sing N N 30  
ARG NE  HE   sing N N 31  
ARG CZ  NH1  sing N N 32  
ARG CZ  NH2  doub N N 33  
ARG NH1 HH11 sing N N 34  
ARG NH1 HH12 sing N N 35  
ARG NH2 HH21 sing N N 36  
ARG NH2 HH22 sing N N 37  
ARG OXT HXT  sing N N 38  
ASN N   CA   sing N N 39  
ASN N   H    sing N N 40  
ASN N   H2   sing N N 41  
ASN CA  C    sing N N 42  
ASN CA  CB   sing N N 43  
ASN CA  HA   sing N N 44  
ASN C   O    doub N N 45  
ASN C   OXT  sing N N 46  
ASN CB  CG   sing N N 47  
ASN CB  HB2  sing N N 48  
ASN CB  HB3  sing N N 49  
ASN CG  OD1  doub N N 50  
ASN CG  ND2  sing N N 51  
ASN ND2 HD21 sing N N 52  
ASN ND2 HD22 sing N N 53  
ASN OXT HXT  sing N N 54  
ASP N   CA   sing N N 55  
ASP N   H    sing N N 56  
ASP N   H2   sing N N 57  
ASP CA  C    sing N N 58  
ASP CA  CB   sing N N 59  
ASP CA  HA   sing N N 60  
ASP C   O    doub N N 61  
ASP C   OXT  sing N N 62  
ASP CB  CG   sing N N 63  
ASP CB  HB2  sing N N 64  
ASP CB  HB3  sing N N 65  
ASP CG  OD1  doub N N 66  
ASP CG  OD2  sing N N 67  
ASP OD2 HD2  sing N N 68  
ASP OXT HXT  sing N N 69  
CYS N   CA   sing N N 70  
CYS N   H    sing N N 71  
CYS N   H2   sing N N 72  
CYS CA  C    sing N N 73  
CYS CA  CB   sing N N 74  
CYS CA  HA   sing N N 75  
CYS C   O    doub N N 76  
CYS C   OXT  sing N N 77  
CYS CB  SG   sing N N 78  
CYS CB  HB2  sing N N 79  
CYS CB  HB3  sing N N 80  
CYS SG  HG   sing N N 81  
CYS OXT HXT  sing N N 82  
GLN N   CA   sing N N 83  
GLN N   H    sing N N 84  
GLN N   H2   sing N N 85  
GLN CA  C    sing N N 86  
GLN CA  CB   sing N N 87  
GLN CA  HA   sing N N 88  
GLN C   O    doub N N 89  
GLN C   OXT  sing N N 90  
GLN CB  CG   sing N N 91  
GLN CB  HB2  sing N N 92  
GLN CB  HB3  sing N N 93  
GLN CG  CD   sing N N 94  
GLN CG  HG2  sing N N 95  
GLN CG  HG3  sing N N 96  
GLN CD  OE1  doub N N 97  
GLN CD  NE2  sing N N 98  
GLN NE2 HE21 sing N N 99  
GLN NE2 HE22 sing N N 100 
GLN OXT HXT  sing N N 101 
GLU N   CA   sing N N 102 
GLU N   H    sing N N 103 
GLU N   H2   sing N N 104 
GLU CA  C    sing N N 105 
GLU CA  CB   sing N N 106 
GLU CA  HA   sing N N 107 
GLU C   O    doub N N 108 
GLU C   OXT  sing N N 109 
GLU CB  CG   sing N N 110 
GLU CB  HB2  sing N N 111 
GLU CB  HB3  sing N N 112 
GLU CG  CD   sing N N 113 
GLU CG  HG2  sing N N 114 
GLU CG  HG3  sing N N 115 
GLU CD  OE1  doub N N 116 
GLU CD  OE2  sing N N 117 
GLU OE2 HE2  sing N N 118 
GLU OXT HXT  sing N N 119 
GLY N   CA   sing N N 120 
GLY N   H    sing N N 121 
GLY N   H2   sing N N 122 
GLY CA  C    sing N N 123 
GLY CA  HA2  sing N N 124 
GLY CA  HA3  sing N N 125 
GLY C   O    doub N N 126 
GLY C   OXT  sing N N 127 
GLY OXT HXT  sing N N 128 
HIS N   CA   sing N N 129 
HIS N   H    sing N N 130 
HIS N   H2   sing N N 131 
HIS CA  C    sing N N 132 
HIS CA  CB   sing N N 133 
HIS CA  HA   sing N N 134 
HIS C   O    doub N N 135 
HIS C   OXT  sing N N 136 
HIS CB  CG   sing N N 137 
HIS CB  HB2  sing N N 138 
HIS CB  HB3  sing N N 139 
HIS CG  ND1  sing Y N 140 
HIS CG  CD2  doub Y N 141 
HIS ND1 CE1  doub Y N 142 
HIS ND1 HD1  sing N N 143 
HIS CD2 NE2  sing Y N 144 
HIS CD2 HD2  sing N N 145 
HIS CE1 NE2  sing Y N 146 
HIS CE1 HE1  sing N N 147 
HIS NE2 HE2  sing N N 148 
HIS OXT HXT  sing N N 149 
HOH O   H1   sing N N 150 
HOH O   H2   sing N N 151 
ILE N   CA   sing N N 152 
ILE N   H    sing N N 153 
ILE N   H2   sing N N 154 
ILE CA  C    sing N N 155 
ILE CA  CB   sing N N 156 
ILE CA  HA   sing N N 157 
ILE C   O    doub N N 158 
ILE C   OXT  sing N N 159 
ILE CB  CG1  sing N N 160 
ILE CB  CG2  sing N N 161 
ILE CB  HB   sing N N 162 
ILE CG1 CD1  sing N N 163 
ILE CG1 HG12 sing N N 164 
ILE CG1 HG13 sing N N 165 
ILE CG2 HG21 sing N N 166 
ILE CG2 HG22 sing N N 167 
ILE CG2 HG23 sing N N 168 
ILE CD1 HD11 sing N N 169 
ILE CD1 HD12 sing N N 170 
ILE CD1 HD13 sing N N 171 
ILE OXT HXT  sing N N 172 
LEU N   CA   sing N N 173 
LEU N   H    sing N N 174 
LEU N   H2   sing N N 175 
LEU CA  C    sing N N 176 
LEU CA  CB   sing N N 177 
LEU CA  HA   sing N N 178 
LEU C   O    doub N N 179 
LEU C   OXT  sing N N 180 
LEU CB  CG   sing N N 181 
LEU CB  HB2  sing N N 182 
LEU CB  HB3  sing N N 183 
LEU CG  CD1  sing N N 184 
LEU CG  CD2  sing N N 185 
LEU CG  HG   sing N N 186 
LEU CD1 HD11 sing N N 187 
LEU CD1 HD12 sing N N 188 
LEU CD1 HD13 sing N N 189 
LEU CD2 HD21 sing N N 190 
LEU CD2 HD22 sing N N 191 
LEU CD2 HD23 sing N N 192 
LEU OXT HXT  sing N N 193 
LYS N   CA   sing N N 194 
LYS N   H    sing N N 195 
LYS N   H2   sing N N 196 
LYS CA  C    sing N N 197 
LYS CA  CB   sing N N 198 
LYS CA  HA   sing N N 199 
LYS C   O    doub N N 200 
LYS C   OXT  sing N N 201 
LYS CB  CG   sing N N 202 
LYS CB  HB2  sing N N 203 
LYS CB  HB3  sing N N 204 
LYS CG  CD   sing N N 205 
LYS CG  HG2  sing N N 206 
LYS CG  HG3  sing N N 207 
LYS CD  CE   sing N N 208 
LYS CD  HD2  sing N N 209 
LYS CD  HD3  sing N N 210 
LYS CE  NZ   sing N N 211 
LYS CE  HE2  sing N N 212 
LYS CE  HE3  sing N N 213 
LYS NZ  HZ1  sing N N 214 
LYS NZ  HZ2  sing N N 215 
LYS NZ  HZ3  sing N N 216 
LYS OXT HXT  sing N N 217 
MET N   CA   sing N N 218 
MET N   H    sing N N 219 
MET N   H2   sing N N 220 
MET CA  C    sing N N 221 
MET CA  CB   sing N N 222 
MET CA  HA   sing N N 223 
MET C   O    doub N N 224 
MET C   OXT  sing N N 225 
MET CB  CG   sing N N 226 
MET CB  HB2  sing N N 227 
MET CB  HB3  sing N N 228 
MET CG  SD   sing N N 229 
MET CG  HG2  sing N N 230 
MET CG  HG3  sing N N 231 
MET SD  CE   sing N N 232 
MET CE  HE1  sing N N 233 
MET CE  HE2  sing N N 234 
MET CE  HE3  sing N N 235 
MET OXT HXT  sing N N 236 
PHE N   CA   sing N N 237 
PHE N   H    sing N N 238 
PHE N   H2   sing N N 239 
PHE CA  C    sing N N 240 
PHE CA  CB   sing N N 241 
PHE CA  HA   sing N N 242 
PHE C   O    doub N N 243 
PHE C   OXT  sing N N 244 
PHE CB  CG   sing N N 245 
PHE CB  HB2  sing N N 246 
PHE CB  HB3  sing N N 247 
PHE CG  CD1  doub Y N 248 
PHE CG  CD2  sing Y N 249 
PHE CD1 CE1  sing Y N 250 
PHE CD1 HD1  sing N N 251 
PHE CD2 CE2  doub Y N 252 
PHE CD2 HD2  sing N N 253 
PHE CE1 CZ   doub Y N 254 
PHE CE1 HE1  sing N N 255 
PHE CE2 CZ   sing Y N 256 
PHE CE2 HE2  sing N N 257 
PHE CZ  HZ   sing N N 258 
PHE OXT HXT  sing N N 259 
PRO N   CA   sing N N 260 
PRO N   CD   sing N N 261 
PRO N   H    sing N N 262 
PRO CA  C    sing N N 263 
PRO CA  CB   sing N N 264 
PRO CA  HA   sing N N 265 
PRO C   O    doub N N 266 
PRO C   OXT  sing N N 267 
PRO CB  CG   sing N N 268 
PRO CB  HB2  sing N N 269 
PRO CB  HB3  sing N N 270 
PRO CG  CD   sing N N 271 
PRO CG  HG2  sing N N 272 
PRO CG  HG3  sing N N 273 
PRO CD  HD2  sing N N 274 
PRO CD  HD3  sing N N 275 
PRO OXT HXT  sing N N 276 
SER N   CA   sing N N 277 
SER N   H    sing N N 278 
SER N   H2   sing N N 279 
SER CA  C    sing N N 280 
SER CA  CB   sing N N 281 
SER CA  HA   sing N N 282 
SER C   O    doub N N 283 
SER C   OXT  sing N N 284 
SER CB  OG   sing N N 285 
SER CB  HB2  sing N N 286 
SER CB  HB3  sing N N 287 
SER OG  HG   sing N N 288 
SER OXT HXT  sing N N 289 
THR N   CA   sing N N 290 
THR N   H    sing N N 291 
THR N   H2   sing N N 292 
THR CA  C    sing N N 293 
THR CA  CB   sing N N 294 
THR CA  HA   sing N N 295 
THR C   O    doub N N 296 
THR C   OXT  sing N N 297 
THR CB  OG1  sing N N 298 
THR CB  CG2  sing N N 299 
THR CB  HB   sing N N 300 
THR OG1 HG1  sing N N 301 
THR CG2 HG21 sing N N 302 
THR CG2 HG22 sing N N 303 
THR CG2 HG23 sing N N 304 
THR OXT HXT  sing N N 305 
TYR N   CA   sing N N 306 
TYR N   H    sing N N 307 
TYR N   H2   sing N N 308 
TYR CA  C    sing N N 309 
TYR CA  CB   sing N N 310 
TYR CA  HA   sing N N 311 
TYR C   O    doub N N 312 
TYR C   OXT  sing N N 313 
TYR CB  CG   sing N N 314 
TYR CB  HB2  sing N N 315 
TYR CB  HB3  sing N N 316 
TYR CG  CD1  doub Y N 317 
TYR CG  CD2  sing Y N 318 
TYR CD1 CE1  sing Y N 319 
TYR CD1 HD1  sing N N 320 
TYR CD2 CE2  doub Y N 321 
TYR CD2 HD2  sing N N 322 
TYR CE1 CZ   doub Y N 323 
TYR CE1 HE1  sing N N 324 
TYR CE2 CZ   sing Y N 325 
TYR CE2 HE2  sing N N 326 
TYR CZ  OH   sing N N 327 
TYR OH  HH   sing N N 328 
TYR OXT HXT  sing N N 329 
VAL N   CA   sing N N 330 
VAL N   H    sing N N 331 
VAL N   H2   sing N N 332 
VAL CA  C    sing N N 333 
VAL CA  CB   sing N N 334 
VAL CA  HA   sing N N 335 
VAL C   O    doub N N 336 
VAL C   OXT  sing N N 337 
VAL CB  CG1  sing N N 338 
VAL CB  CG2  sing N N 339 
VAL CB  HB   sing N N 340 
VAL CG1 HG11 sing N N 341 
VAL CG1 HG12 sing N N 342 
VAL CG1 HG13 sing N N 343 
VAL CG2 HG21 sing N N 344 
VAL CG2 HG22 sing N N 345 
VAL CG2 HG23 sing N N 346 
VAL OXT HXT  sing N N 347 
# 
_pdbx_entity_nonpoly.entity_id   2 
_pdbx_entity_nonpoly.name        water 
_pdbx_entity_nonpoly.comp_id     HOH 
# 
_pdbx_initial_refinement_model.id               1 
_pdbx_initial_refinement_model.entity_id_list   ? 
_pdbx_initial_refinement_model.type             'experimental model' 
_pdbx_initial_refinement_model.source_name      PDB 
_pdbx_initial_refinement_model.accession_code   1C9H 
_pdbx_initial_refinement_model.details          'PDB ENTRY 1C9H' 
# 
